data_7Z37
#
_entry.id   7Z37
#
_cell.length_a   1.00
_cell.length_b   1.00
_cell.length_c   1.00
_cell.angle_alpha   90.00
_cell.angle_beta   90.00
_cell.angle_gamma   90.00
#
_symmetry.space_group_name_H-M   'P 1'
#
loop_
_entity.id
_entity.type
_entity.pdbx_description
1 polymer 'Heat shock protein HSP 90-beta'
2 polymer 'RAF proto-oncogene serine/threonine-protein kinase'
3 polymer 'Hsp90 co-chaperone Cdc37'
4 non-polymer "ADENOSINE-5'-TRIPHOSPHATE"
#
loop_
_entity_poly.entity_id
_entity_poly.type
_entity_poly.pdbx_seq_one_letter_code
_entity_poly.pdbx_strand_id
1 'polypeptide(L)'
;MYPYDVPDYAEEVHHGEEEVETFAFQAEIAQLMSLIINTFYSNKEIFLRELISNASDALDKIRYESLTDPSKLDSGKELK
IDIIPNPQERTLTLVDTGIGMTKADLINNLGTIAKSGTKAFMEALQAGADISMIGQFGVGFYSAYLVAEKVVVITKHNDD
EQYAWESSAGGSFTVRADHGEPIGRGTKVILHLKEDQTEYLEERRVKEVVKKHSQFIGYPITLYLEKEREKEISDDEAEE
EKGEKEEEDKDDEEKPKIEDVGSDEEDDSGKDKKKKTKKIKEKYIDQEELNKTKPIWTRNPDDITQEEYGEFYKSLTNDW
EDHLAVKHFSVEGQLEFRALLFIPRRAPFDLFENKKKKNNIKLYVRRVFIMDSCDELIPEYLNFIRGVVDSEDLPLNISR
EMLQQSKILKVIRKNIVKKCLELFSELAEDKENYKKFYEAFSKNLKLGIHEDSTNRRRLSELLRYHTSQSGDEMTSLSEY
VSRMKETQKSIYYITGESKEQVANSAFVERVRKRGFEVVYMTEPIDEYCVQQLKEFDGKSLVSVTKEGLELPEDEEEKKK
MEESKAKFENLCKLMKEILDKKVEKVTISNRLVSSPCCIVTSTYGWTANMERIMKAQALRDNSTMGYMMAKKHLEINPDH
PIVETLRQKAEADKNDKAVKDLVVLLFETALLSSGFSLEDPQTHSNRIYRMIKLGLGIDEDEVAAEEPNAAVPDEIPPLE
GDEDASRMEEVD
;
AP1,BP1
2 'polypeptide(L)'
;MEHIQGAWKTISNGFGFKDAVFDGSSCISPTIVQQFGYQRRASDDGKLTDPSKTSNTIRVFLPNKQRTVVNVRNGMSLHD
CLMKALKVRGLQPECCAVFRLLHEHKGKKARLDWNTDAASLIGEELQVDFLDHVPLTTHNFARKTFLKLAFCDICQKFLL
NGFRCQTCGYKFHEHCSTKVPTMCVDWSNIRQLLLFPNSTIGDSGVPALPSLTMRRMRESVSRMPVSSQHRYSTPHAFTF
NTSSPSSEGSLSQRQRSTSTPNVHMVSTTLPVDSRMIEDAIRSHSESASPSALSSSPNNLSPTGWSQPKTPVPAQRERAP
VSGTQEKNKIRPRGQRDSSYYWEIEASEVMLSTRIGSGSFGTVYKGKWHGDVAVKILKVVDPTPEQFQAFRNEVAVLRKT
RHVNILLFMGYMTKDNLAVITQWCEGSSLYKHLHVQETKFQMFQLIDIARQTAQGMDYLHAKNIIHRDMKSNNIFLHEGL
TVKIGDFGLATVKSRWSGSQQVEQPTGSVLWMAPEVIRMQDNNPFSFQSDVYSYGIVLYELMTGELPYSHINNRDQIIFM
VGRGYASPDLSKLYKNCPKAMKRLVADCVKKVKEERPLFPQILSSIELLQHSLPKINRSASEPSLHRAAHTEDINACTLT
TSPRLPVFGSAWSHPQFEK
;
CP1
3 'polypeptide(L)'
;MVDYSVWDHIEV(SEP)DDEDETHPNIDTASLFRWRHQARVERMEQFQKEKEELDRGCRECKRKVAECQRKLKELEVAEG
GKAELERLQAEAQQLRKEERSWEQKLEEMRKKEKSMPWNVDTLSKDGFSKSMVNTKPEKTEEDSEEVREQKHKTFVEKYE
KQIKHFGMLRRWDDSQKYLSDNVHLVCEETANYLVIWCIDLEVEEKCALMEQVAHQTIVMQFILELAKSLKVDPRACFRQ
FFTKIKTADRQYMEGFNDELEAFKERVRGRAKLRIEKAMKEYEEEERKKRLGPGGLDPVEVYESLPEELQKCFDVKDVQM
LQDAISKMDPTDAKYHMQRCIDSGLWVPNSKASEAKEGEEAGPGDPLLEAVPKTGDEKDVSVTRTRPLEQKLISEEDL
;
DP1
#
loop_
_chem_comp.id
_chem_comp.type
_chem_comp.name
_chem_comp.formula
ATP non-polymer ADENOSINE-5'-TRIPHOSPHATE 'C10 H16 N5 O13 P3'
#
# COMPACT_ATOMS: atom_id res chain seq x y z
N GLU A 18 -53.65 -15.11 -24.58
CA GLU A 18 -52.79 -13.97 -24.29
C GLU A 18 -52.25 -13.36 -25.59
N GLU A 19 -51.56 -12.22 -25.46
CA GLU A 19 -50.98 -11.54 -26.60
C GLU A 19 -49.49 -11.33 -26.35
N VAL A 20 -48.68 -11.70 -27.35
CA VAL A 20 -47.23 -11.58 -27.29
C VAL A 20 -46.78 -10.66 -28.40
N GLU A 21 -46.02 -9.64 -28.04
CA GLU A 21 -45.51 -8.65 -29.00
C GLU A 21 -43.99 -8.65 -28.91
N THR A 22 -43.35 -9.43 -29.77
CA THR A 22 -41.91 -9.50 -29.81
C THR A 22 -41.36 -8.31 -30.60
N PHE A 23 -40.42 -7.60 -30.01
CA PHE A 23 -39.76 -6.47 -30.65
C PHE A 23 -38.26 -6.76 -30.73
N ALA A 24 -37.51 -5.76 -31.17
CA ALA A 24 -36.05 -5.83 -31.20
C ALA A 24 -35.49 -4.58 -30.54
N PHE A 25 -34.44 -4.74 -29.76
CA PHE A 25 -33.85 -3.60 -29.08
C PHE A 25 -33.38 -2.57 -30.09
N GLN A 26 -33.63 -1.31 -29.78
CA GLN A 26 -33.18 -0.19 -30.60
C GLN A 26 -32.07 0.57 -29.89
N ALA A 27 -31.52 1.56 -30.58
CA ALA A 27 -30.47 2.38 -30.01
C ALA A 27 -30.62 3.81 -30.49
N GLU A 28 -30.65 4.76 -29.55
CA GLU A 28 -30.68 6.17 -29.92
C GLU A 28 -29.27 6.59 -30.33
N ILE A 29 -29.08 6.80 -31.63
CA ILE A 29 -27.73 7.01 -32.15
C ILE A 29 -27.12 8.31 -31.64
N ALA A 30 -27.93 9.37 -31.55
CA ALA A 30 -27.40 10.64 -31.05
C ALA A 30 -26.93 10.51 -29.61
N GLN A 31 -27.74 9.90 -28.75
CA GLN A 31 -27.32 9.70 -27.37
C GLN A 31 -26.16 8.72 -27.27
N LEU A 32 -26.12 7.72 -28.15
CA LEU A 32 -24.99 6.80 -28.15
C LEU A 32 -23.69 7.53 -28.48
N MET A 33 -23.73 8.42 -29.48
CA MET A 33 -22.57 9.23 -29.80
C MET A 33 -22.20 10.14 -28.63
N SER A 34 -23.19 10.72 -27.97
CA SER A 34 -22.90 11.57 -26.81
C SER A 34 -22.19 10.75 -25.72
N LEU A 35 -22.66 9.53 -25.47
CA LEU A 35 -22.04 8.67 -24.48
C LEU A 35 -20.60 8.37 -24.85
N ILE A 36 -20.36 7.96 -26.11
CA ILE A 36 -19.02 7.59 -26.53
C ILE A 36 -18.08 8.78 -26.42
N ILE A 37 -18.52 9.94 -26.90
CA ILE A 37 -17.65 11.10 -26.94
C ILE A 37 -17.34 11.61 -25.53
N ASN A 38 -18.36 11.76 -24.70
CA ASN A 38 -18.20 12.47 -23.44
C ASN A 38 -17.90 11.55 -22.26
N THR A 39 -18.81 10.62 -21.97
CA THR A 39 -18.75 9.88 -20.72
C THR A 39 -18.34 8.43 -20.94
N PHE A 40 -17.35 8.19 -21.78
CA PHE A 40 -17.03 6.81 -22.13
C PHE A 40 -15.58 6.53 -21.75
N TYR A 41 -14.67 7.41 -22.14
CA TYR A 41 -13.25 7.27 -21.80
C TYR A 41 -12.85 8.41 -20.87
N SER A 42 -12.13 8.08 -19.80
CA SER A 42 -11.76 9.06 -18.80
C SER A 42 -10.49 9.83 -19.14
N ASN A 43 -9.73 9.40 -20.14
CA ASN A 43 -8.47 10.05 -20.48
C ASN A 43 -8.51 10.41 -21.95
N LYS A 44 -8.47 11.72 -22.25
CA LYS A 44 -8.63 12.20 -23.62
C LYS A 44 -7.43 11.87 -24.51
N GLU A 45 -6.32 11.40 -23.95
CA GLU A 45 -5.12 11.14 -24.74
C GLU A 45 -5.03 9.70 -25.21
N ILE A 46 -6.06 8.88 -24.98
CA ILE A 46 -6.05 7.52 -25.48
C ILE A 46 -6.55 7.41 -26.92
N PHE A 47 -7.04 8.51 -27.49
CA PHE A 47 -7.48 8.47 -28.88
C PHE A 47 -6.33 8.11 -29.80
N LEU A 48 -5.14 8.63 -29.52
CA LEU A 48 -3.97 8.29 -30.31
C LEU A 48 -3.64 6.81 -30.19
N ARG A 49 -3.76 6.26 -28.98
CA ARG A 49 -3.54 4.82 -28.81
C ARG A 49 -4.54 4.01 -29.61
N GLU A 50 -5.81 4.43 -29.60
CA GLU A 50 -6.83 3.70 -30.35
C GLU A 50 -6.54 3.76 -31.84
N LEU A 51 -6.14 4.93 -32.34
CA LEU A 51 -5.84 5.05 -33.77
C LEU A 51 -4.62 4.22 -34.16
N ILE A 52 -3.59 4.20 -33.31
CA ILE A 52 -2.43 3.36 -33.59
C ILE A 52 -2.83 1.89 -33.58
N SER A 53 -3.71 1.50 -32.66
CA SER A 53 -4.18 0.12 -32.61
C SER A 53 -4.90 -0.24 -33.90
N ASN A 54 -5.77 0.65 -34.38
CA ASN A 54 -6.50 0.38 -35.62
C ASN A 54 -5.55 0.30 -36.81
N ALA A 55 -4.56 1.19 -36.87
CA ALA A 55 -3.57 1.14 -37.94
C ALA A 55 -2.79 -0.16 -37.90
N SER A 56 -2.44 -0.62 -36.70
CA SER A 56 -1.76 -1.90 -36.56
C SER A 56 -2.64 -3.05 -37.04
N ASP A 57 -3.94 -2.98 -36.76
CA ASP A 57 -4.85 -4.00 -37.28
C ASP A 57 -4.86 -3.99 -38.80
N ALA A 58 -4.91 -2.81 -39.41
CA ALA A 58 -4.92 -2.73 -40.86
C ALA A 58 -3.64 -3.30 -41.46
N LEU A 59 -2.50 -2.95 -40.86
CA LEU A 59 -1.23 -3.47 -41.34
C LEU A 59 -1.17 -4.99 -41.16
N ASP A 60 -1.69 -5.49 -40.05
CA ASP A 60 -1.68 -6.93 -39.82
C ASP A 60 -2.53 -7.65 -40.85
N LYS A 61 -3.70 -7.09 -41.17
CA LYS A 61 -4.56 -7.70 -42.19
C LYS A 61 -3.86 -7.73 -43.54
N ILE A 62 -3.31 -6.60 -43.97
CA ILE A 62 -2.70 -6.55 -45.30
C ILE A 62 -1.46 -7.44 -45.36
N ARG A 63 -0.69 -7.52 -44.26
CA ARG A 63 0.48 -8.38 -44.26
C ARG A 63 0.10 -9.86 -44.23
N TYR A 64 -0.99 -10.20 -43.54
CA TYR A 64 -1.46 -11.57 -43.56
C TYR A 64 -1.94 -11.97 -44.95
N GLU A 65 -2.62 -11.06 -45.65
CA GLU A 65 -3.09 -11.39 -46.98
C GLU A 65 -1.95 -11.56 -47.98
N SER A 66 -0.76 -11.06 -47.66
CA SER A 66 0.34 -11.10 -48.62
C SER A 66 0.96 -12.48 -48.72
N LEU A 67 1.01 -13.24 -47.63
CA LEU A 67 1.66 -14.54 -47.69
C LEU A 67 0.90 -15.54 -48.57
N THR A 68 -0.41 -15.34 -48.76
CA THR A 68 -1.14 -16.17 -49.69
C THR A 68 -0.87 -15.78 -51.14
N ASP A 69 -0.73 -14.48 -51.40
CA ASP A 69 -0.40 -13.98 -52.73
C ASP A 69 0.35 -12.66 -52.62
N PRO A 70 1.64 -12.64 -52.95
CA PRO A 70 2.41 -11.39 -52.86
C PRO A 70 1.92 -10.29 -53.77
N SER A 71 1.10 -10.61 -54.77
CA SER A 71 0.58 -9.58 -55.68
C SER A 71 -0.30 -8.59 -54.95
N LYS A 72 -0.76 -8.91 -53.74
CA LYS A 72 -1.56 -7.96 -52.96
C LYS A 72 -0.78 -6.69 -52.67
N LEU A 73 0.51 -6.83 -52.36
CA LEU A 73 1.33 -5.70 -51.94
C LEU A 73 1.82 -4.85 -53.09
N ASP A 74 1.23 -4.96 -54.28
CA ASP A 74 1.65 -4.11 -55.40
C ASP A 74 1.01 -2.74 -55.35
N SER A 75 1.03 -2.11 -54.18
CA SER A 75 0.61 -0.72 -54.02
C SER A 75 1.51 0.02 -53.03
N GLY A 76 2.74 -0.45 -52.86
CA GLY A 76 3.61 0.03 -51.80
C GLY A 76 4.02 -1.12 -50.89
N LYS A 77 5.30 -1.48 -50.94
CA LYS A 77 5.75 -2.67 -50.21
C LYS A 77 5.85 -2.41 -48.71
N GLU A 78 6.31 -1.22 -48.32
CA GLU A 78 6.56 -0.94 -46.91
C GLU A 78 5.27 -0.88 -46.12
N LEU A 79 5.33 -1.36 -44.89
CA LEU A 79 4.23 -1.28 -43.93
C LEU A 79 4.69 -0.40 -42.78
N LYS A 80 3.97 0.69 -42.53
CA LYS A 80 4.39 1.67 -41.55
C LYS A 80 3.19 2.51 -41.14
N ILE A 81 3.36 3.24 -40.04
CA ILE A 81 2.38 4.19 -39.55
C ILE A 81 3.06 5.55 -39.45
N ASP A 82 2.42 6.57 -40.03
CA ASP A 82 2.98 7.92 -40.04
C ASP A 82 2.05 8.84 -39.27
N ILE A 83 2.64 9.62 -38.36
CA ILE A 83 1.92 10.66 -37.63
C ILE A 83 2.44 12.01 -38.11
N ILE A 84 1.54 12.84 -38.60
CA ILE A 84 1.93 14.10 -39.23
C ILE A 84 1.17 15.26 -38.59
N PRO A 85 1.57 15.72 -37.42
CA PRO A 85 0.93 16.91 -36.84
C PRO A 85 1.19 18.13 -37.69
N ASN A 86 0.25 19.07 -37.66
CA ASN A 86 0.38 20.30 -38.43
C ASN A 86 -0.28 21.46 -37.69
N PRO A 87 0.51 22.36 -37.09
CA PRO A 87 -0.08 23.52 -36.41
C PRO A 87 -0.53 24.63 -37.36
N GLN A 88 -0.18 24.56 -38.64
CA GLN A 88 -0.67 25.54 -39.60
C GLN A 88 -2.12 25.30 -39.98
N GLU A 89 -2.67 24.14 -39.68
CA GLU A 89 -4.06 23.82 -39.96
C GLU A 89 -4.78 23.28 -38.74
N ARG A 90 -4.10 23.14 -37.60
CA ARG A 90 -4.68 22.56 -36.39
C ARG A 90 -5.26 21.17 -36.69
N THR A 91 -4.50 20.37 -37.44
CA THR A 91 -4.89 19.02 -37.79
C THR A 91 -3.73 18.08 -37.53
N LEU A 92 -4.06 16.89 -37.04
CA LEU A 92 -3.08 15.84 -36.81
C LEU A 92 -3.47 14.67 -37.70
N THR A 93 -2.58 14.29 -38.60
CA THR A 93 -2.85 13.26 -39.59
C THR A 93 -2.16 11.97 -39.17
N LEU A 94 -2.89 10.86 -39.28
CA LEU A 94 -2.37 9.54 -38.91
C LEU A 94 -2.54 8.63 -40.12
N VAL A 95 -1.44 8.37 -40.83
CA VAL A 95 -1.46 7.67 -42.10
C VAL A 95 -0.77 6.31 -41.93
N ASP A 96 -1.41 5.26 -42.40
CA ASP A 96 -0.83 3.93 -42.44
C ASP A 96 -0.93 3.38 -43.85
N THR A 97 -0.30 2.22 -44.06
CA THR A 97 -0.37 1.56 -45.35
C THR A 97 -0.99 0.19 -45.20
N GLY A 98 -2.07 0.09 -44.43
CA GLY A 98 -2.73 -1.16 -44.17
C GLY A 98 -3.55 -1.66 -45.33
N ILE A 99 -4.54 -2.50 -45.03
CA ILE A 99 -5.38 -3.06 -46.08
C ILE A 99 -6.34 -2.02 -46.66
N GLY A 100 -6.63 -0.97 -45.90
CA GLY A 100 -7.68 -0.07 -46.32
C GLY A 100 -9.05 -0.72 -46.10
N MET A 101 -10.06 -0.08 -46.67
CA MET A 101 -11.42 -0.58 -46.51
C MET A 101 -12.30 0.01 -47.60
N THR A 102 -13.13 -0.83 -48.19
CA THR A 102 -13.91 -0.46 -49.38
C THR A 102 -15.17 0.30 -48.98
N LYS A 103 -16.04 0.55 -49.96
CA LYS A 103 -17.28 1.29 -49.70
C LYS A 103 -18.15 0.56 -48.69
N ALA A 104 -18.34 -0.74 -48.87
CA ALA A 104 -19.14 -1.50 -47.92
C ALA A 104 -18.50 -1.49 -46.54
N ASP A 105 -17.18 -1.64 -46.49
CA ASP A 105 -16.48 -1.52 -45.21
C ASP A 105 -16.56 -0.10 -44.67
N LEU A 106 -16.35 0.90 -45.52
CA LEU A 106 -16.44 2.28 -45.06
C LEU A 106 -17.82 2.62 -44.50
N ILE A 107 -18.85 1.90 -44.92
CA ILE A 107 -20.17 2.07 -44.33
C ILE A 107 -20.27 1.29 -43.01
N ASN A 108 -20.08 -0.03 -43.09
CA ASN A 108 -20.35 -0.89 -41.94
C ASN A 108 -19.41 -0.58 -40.77
N ASN A 109 -18.11 -0.57 -41.01
CA ASN A 109 -17.15 -0.49 -39.92
C ASN A 109 -17.18 0.87 -39.24
N LEU A 110 -17.14 1.95 -40.02
CA LEU A 110 -17.06 3.29 -39.46
C LEU A 110 -18.40 4.01 -39.40
N GLY A 111 -19.50 3.31 -39.64
CA GLY A 111 -20.80 3.94 -39.53
C GLY A 111 -21.69 3.24 -38.52
N THR A 112 -21.45 1.96 -38.31
CA THR A 112 -22.21 1.15 -37.36
C THR A 112 -21.44 1.11 -36.05
N ILE A 113 -21.95 1.80 -35.03
CA ILE A 113 -21.33 1.77 -33.72
C ILE A 113 -21.41 0.36 -33.15
N ALA A 114 -20.36 -0.02 -32.41
CA ALA A 114 -20.27 -1.34 -31.81
C ALA A 114 -20.32 -2.44 -32.87
N LYS A 115 -19.53 -2.26 -33.92
CA LYS A 115 -19.33 -3.28 -34.94
C LYS A 115 -17.90 -3.19 -35.42
N SER A 116 -17.18 -4.30 -35.33
CA SER A 116 -15.74 -4.33 -35.63
C SER A 116 -15.49 -5.20 -36.85
N GLY A 117 -14.83 -4.64 -37.85
CA GLY A 117 -14.36 -5.45 -38.95
C GLY A 117 -13.18 -6.32 -38.58
N THR A 118 -12.44 -5.94 -37.54
CA THR A 118 -11.34 -6.78 -37.06
C THR A 118 -11.87 -8.11 -36.53
N LYS A 119 -12.93 -8.06 -35.72
CA LYS A 119 -13.51 -9.28 -35.19
C LYS A 119 -14.07 -10.15 -36.32
N ALA A 120 -14.70 -9.52 -37.31
CA ALA A 120 -15.23 -10.26 -38.44
C ALA A 120 -14.11 -10.93 -39.23
N PHE A 121 -13.00 -10.22 -39.42
CA PHE A 121 -11.87 -10.79 -40.14
C PHE A 121 -11.26 -11.96 -39.39
N MET A 122 -11.10 -11.82 -38.07
CA MET A 122 -10.46 -12.88 -37.29
C MET A 122 -11.36 -14.10 -37.19
N GLU A 123 -12.64 -13.90 -36.90
CA GLU A 123 -13.57 -15.02 -36.79
C GLU A 123 -13.82 -15.71 -38.12
N ALA A 124 -13.45 -15.07 -39.24
CA ALA A 124 -13.67 -15.68 -40.55
C ALA A 124 -12.70 -16.84 -40.79
N LEU A 125 -11.43 -16.68 -40.42
CA LEU A 125 -10.39 -17.64 -40.80
C LEU A 125 -10.41 -18.87 -39.90
N GLN A 126 -10.10 -18.68 -38.62
CA GLN A 126 -10.06 -19.77 -37.63
C GLN A 126 -9.11 -20.89 -38.05
N ALA A 127 -8.29 -20.64 -39.05
CA ALA A 127 -7.27 -21.58 -39.48
C ALA A 127 -5.93 -20.86 -39.57
N GLY A 128 -5.96 -19.62 -40.03
CA GLY A 128 -4.78 -18.77 -40.05
C GLY A 128 -4.69 -17.93 -38.78
N ALA A 129 -4.76 -18.60 -37.63
CA ALA A 129 -4.79 -17.90 -36.35
C ALA A 129 -3.38 -17.52 -35.89
N ASP A 130 -2.45 -17.45 -36.83
CA ASP A 130 -1.07 -17.12 -36.53
C ASP A 130 -0.91 -15.65 -36.16
N ILE A 131 -1.95 -14.86 -36.35
CA ILE A 131 -1.93 -13.44 -36.03
C ILE A 131 -2.91 -13.17 -34.89
N SER A 132 -2.66 -12.06 -34.19
CA SER A 132 -3.50 -11.63 -33.07
C SER A 132 -3.65 -10.12 -33.19
N MET A 133 -4.79 -9.68 -33.71
CA MET A 133 -5.02 -8.26 -33.95
C MET A 133 -5.83 -7.65 -32.82
N ILE A 134 -5.58 -6.37 -32.55
CA ILE A 134 -6.07 -5.70 -31.35
C ILE A 134 -7.44 -5.09 -31.66
N GLY A 135 -8.47 -5.60 -31.00
CA GLY A 135 -9.77 -4.98 -31.11
C GLY A 135 -10.91 -5.97 -31.26
N GLN A 136 -11.90 -5.86 -30.37
CA GLN A 136 -13.08 -6.70 -30.46
C GLN A 136 -14.36 -5.97 -30.09
N PHE A 137 -14.30 -4.66 -29.83
CA PHE A 137 -15.47 -3.94 -29.37
C PHE A 137 -16.21 -3.29 -30.53
N GLY A 138 -15.54 -2.40 -31.24
CA GLY A 138 -16.15 -1.77 -32.40
C GLY A 138 -16.49 -0.31 -32.22
N VAL A 139 -16.00 0.30 -31.13
CA VAL A 139 -16.25 1.71 -30.87
C VAL A 139 -14.97 2.51 -30.71
N GLY A 140 -13.80 1.89 -30.88
CA GLY A 140 -12.54 2.56 -30.62
C GLY A 140 -12.28 3.77 -31.47
N PHE A 141 -12.69 3.74 -32.74
CA PHE A 141 -12.43 4.88 -33.62
C PHE A 141 -13.13 6.14 -33.14
N TYR A 142 -14.35 6.01 -32.65
CA TYR A 142 -15.15 7.18 -32.30
C TYR A 142 -14.58 7.96 -31.12
N SER A 143 -13.59 7.40 -30.42
CA SER A 143 -12.87 8.18 -29.43
C SER A 143 -12.04 9.29 -30.06
N ALA A 144 -11.88 9.27 -31.39
CA ALA A 144 -11.14 10.34 -32.04
C ALA A 144 -11.84 11.69 -31.87
N TYR A 145 -13.16 11.69 -31.70
CA TYR A 145 -13.87 12.94 -31.49
C TYR A 145 -13.61 13.54 -30.12
N LEU A 146 -12.94 12.81 -29.23
CA LEU A 146 -12.61 13.37 -27.92
C LEU A 146 -11.71 14.59 -28.04
N VAL A 147 -10.94 14.68 -29.13
CA VAL A 147 -10.04 15.81 -29.33
C VAL A 147 -10.34 16.59 -30.59
N ALA A 148 -11.07 16.03 -31.55
CA ALA A 148 -11.37 16.70 -32.81
C ALA A 148 -12.87 16.78 -33.02
N GLU A 149 -13.32 17.91 -33.55
CA GLU A 149 -14.75 18.07 -33.82
C GLU A 149 -15.19 17.28 -35.05
N LYS A 150 -14.37 17.28 -36.10
CA LYS A 150 -14.69 16.55 -37.32
C LYS A 150 -13.47 15.75 -37.74
N VAL A 151 -13.70 14.56 -38.29
CA VAL A 151 -12.65 13.69 -38.77
C VAL A 151 -12.96 13.33 -40.22
N VAL A 152 -11.95 13.38 -41.08
CA VAL A 152 -12.08 12.96 -42.46
C VAL A 152 -11.14 11.77 -42.67
N VAL A 153 -11.66 10.71 -43.26
CA VAL A 153 -10.92 9.47 -43.45
C VAL A 153 -10.78 9.22 -44.94
N ILE A 154 -9.55 9.06 -45.40
CA ILE A 154 -9.25 8.80 -46.80
C ILE A 154 -8.59 7.44 -46.89
N THR A 155 -9.22 6.52 -47.63
CA THR A 155 -8.74 5.15 -47.72
C THR A 155 -8.77 4.70 -49.16
N LYS A 156 -7.94 3.69 -49.47
CA LYS A 156 -7.88 3.14 -50.82
C LYS A 156 -7.60 1.63 -50.69
N HIS A 157 -8.66 0.83 -50.81
CA HIS A 157 -8.49 -0.60 -50.89
C HIS A 157 -8.03 -1.01 -52.28
N ASN A 158 -7.45 -2.20 -52.38
CA ASN A 158 -7.02 -2.70 -53.69
C ASN A 158 -8.20 -2.94 -54.62
N ASP A 159 -9.39 -3.18 -54.08
CA ASP A 159 -10.55 -3.52 -54.91
C ASP A 159 -11.36 -2.29 -55.29
N ASP A 160 -11.42 -1.29 -54.43
CA ASP A 160 -12.22 -0.10 -54.66
C ASP A 160 -11.32 1.10 -54.93
N GLU A 161 -11.96 2.26 -55.11
CA GLU A 161 -11.25 3.50 -55.35
C GLU A 161 -11.11 4.28 -54.04
N GLN A 162 -10.48 5.45 -54.12
CA GLN A 162 -10.27 6.28 -52.95
C GLN A 162 -11.57 6.97 -52.55
N TYR A 163 -11.89 6.91 -51.26
CA TYR A 163 -13.09 7.54 -50.73
C TYR A 163 -12.72 8.47 -49.58
N ALA A 164 -13.55 9.49 -49.37
CA ALA A 164 -13.33 10.49 -48.32
C ALA A 164 -14.48 10.40 -47.33
N TRP A 165 -14.35 9.51 -46.36
CA TRP A 165 -15.28 9.45 -45.24
C TRP A 165 -15.11 10.70 -44.37
N GLU A 166 -16.22 11.29 -43.96
CA GLU A 166 -16.16 12.50 -43.16
C GLU A 166 -17.42 12.65 -42.33
N SER A 167 -17.24 13.01 -41.06
CA SER A 167 -18.37 13.32 -40.19
C SER A 167 -17.90 14.22 -39.06
N SER A 168 -18.86 14.85 -38.40
CA SER A 168 -18.60 15.72 -37.26
C SER A 168 -19.35 15.23 -36.02
N ALA A 169 -19.62 13.92 -35.96
CA ALA A 169 -20.40 13.31 -34.90
C ALA A 169 -21.79 13.92 -34.79
N GLY A 170 -22.35 14.31 -35.93
CA GLY A 170 -23.69 14.89 -35.95
C GLY A 170 -24.77 13.85 -36.13
N GLY A 171 -24.40 12.63 -36.49
CA GLY A 171 -25.36 11.58 -36.73
C GLY A 171 -25.36 11.13 -38.18
N SER A 172 -24.66 11.87 -39.02
CA SER A 172 -24.55 11.56 -40.45
C SER A 172 -23.12 11.72 -40.90
N PHE A 173 -22.71 10.89 -41.86
CA PHE A 173 -21.37 10.96 -42.42
C PHE A 173 -21.46 10.96 -43.93
N THR A 174 -20.59 11.73 -44.57
CA THR A 174 -20.57 11.89 -46.01
C THR A 174 -19.42 11.11 -46.61
N VAL A 175 -19.73 10.30 -47.63
CA VAL A 175 -18.73 9.50 -48.34
C VAL A 175 -18.72 9.95 -49.79
N ARG A 176 -17.52 10.23 -50.31
CA ARG A 176 -17.36 10.69 -51.68
C ARG A 176 -16.04 10.17 -52.22
N ALA A 177 -15.96 10.07 -53.55
CA ALA A 177 -14.71 9.71 -54.20
C ALA A 177 -13.69 10.81 -53.98
N ASP A 178 -12.48 10.46 -53.58
CA ASP A 178 -11.45 11.45 -53.31
C ASP A 178 -11.06 12.20 -54.57
N HIS A 179 -11.14 13.53 -54.53
CA HIS A 179 -10.74 14.37 -55.65
C HIS A 179 -9.37 15.01 -55.43
N GLY A 180 -8.62 14.54 -54.45
CA GLY A 180 -7.33 15.14 -54.15
C GLY A 180 -6.15 14.24 -54.44
N GLU A 181 -5.09 14.38 -53.67
CA GLU A 181 -3.87 13.61 -53.90
C GLU A 181 -4.13 12.14 -53.59
N PRO A 182 -3.91 11.24 -54.54
CA PRO A 182 -4.15 9.81 -54.28
C PRO A 182 -3.02 9.17 -53.48
N ILE A 183 -3.38 8.07 -52.82
CA ILE A 183 -2.43 7.28 -52.06
C ILE A 183 -2.44 5.85 -52.59
N GLY A 184 -1.33 5.15 -52.39
CA GLY A 184 -1.20 3.81 -52.92
C GLY A 184 -2.15 2.83 -52.27
N ARG A 185 -2.20 2.83 -50.94
CA ARG A 185 -3.00 1.86 -50.19
C ARG A 185 -3.05 2.31 -48.74
N GLY A 186 -4.03 1.77 -48.01
CA GLY A 186 -4.11 1.98 -46.59
C GLY A 186 -5.22 2.91 -46.15
N THR A 187 -4.90 3.80 -45.20
CA THR A 187 -5.87 4.74 -44.65
C THR A 187 -5.18 6.06 -44.42
N LYS A 188 -5.98 7.12 -44.25
CA LYS A 188 -5.45 8.46 -44.06
C LYS A 188 -6.46 9.22 -43.19
N VAL A 189 -6.20 9.27 -41.89
CA VAL A 189 -7.10 9.86 -40.92
C VAL A 189 -6.61 11.26 -40.60
N ILE A 190 -7.44 12.26 -40.89
CA ILE A 190 -7.13 13.64 -40.53
C ILE A 190 -8.03 14.04 -39.37
N LEU A 191 -7.43 14.56 -38.31
CA LEU A 191 -8.15 14.96 -37.12
C LEU A 191 -8.13 16.48 -37.03
N HIS A 192 -9.23 17.11 -37.44
CA HIS A 192 -9.33 18.56 -37.29
C HIS A 192 -9.55 18.87 -35.81
N LEU A 193 -8.45 19.09 -35.09
CA LEU A 193 -8.53 19.26 -33.65
C LEU A 193 -9.20 20.57 -33.28
N LYS A 194 -9.89 20.56 -32.15
CA LYS A 194 -10.46 21.77 -31.61
C LYS A 194 -9.38 22.61 -30.94
N GLU A 195 -9.72 23.87 -30.65
CA GLU A 195 -8.75 24.79 -30.06
C GLU A 195 -8.34 24.40 -28.65
N ASP A 196 -9.09 23.53 -27.98
CA ASP A 196 -8.75 23.13 -26.63
C ASP A 196 -7.69 22.03 -26.58
N GLN A 197 -7.41 21.36 -27.70
CA GLN A 197 -6.47 20.25 -27.73
C GLN A 197 -5.22 20.58 -28.55
N THR A 198 -4.85 21.85 -28.61
CA THR A 198 -3.69 22.26 -29.39
C THR A 198 -2.39 21.74 -28.79
N GLU A 199 -2.40 21.27 -27.54
CA GLU A 199 -1.19 20.73 -26.94
C GLU A 199 -0.78 19.40 -27.55
N TYR A 200 -1.67 18.75 -28.30
CA TYR A 200 -1.37 17.48 -28.93
C TYR A 200 -0.54 17.61 -30.19
N LEU A 201 -0.23 18.83 -30.62
CA LEU A 201 0.54 19.06 -31.83
C LEU A 201 2.03 19.18 -31.57
N GLU A 202 2.47 19.06 -30.32
CA GLU A 202 3.88 19.18 -29.98
C GLU A 202 4.58 17.83 -30.04
N GLU A 203 5.86 17.86 -30.38
CA GLU A 203 6.64 16.62 -30.48
C GLU A 203 6.66 15.88 -29.15
N ARG A 204 6.90 16.60 -28.06
CA ARG A 204 7.02 15.95 -26.76
C ARG A 204 5.73 15.25 -26.36
N ARG A 205 4.59 15.89 -26.61
CA ARG A 205 3.32 15.31 -26.19
C ARG A 205 3.03 14.01 -26.91
N VAL A 206 3.10 14.01 -28.25
CA VAL A 206 2.80 12.81 -29.01
C VAL A 206 3.85 11.73 -28.73
N LYS A 207 5.11 12.14 -28.55
CA LYS A 207 6.14 11.17 -28.20
C LYS A 207 5.82 10.50 -26.87
N GLU A 208 5.38 11.28 -25.88
CA GLU A 208 5.01 10.72 -24.59
C GLU A 208 3.83 9.76 -24.73
N VAL A 209 2.82 10.15 -25.51
CA VAL A 209 1.63 9.30 -25.64
C VAL A 209 1.99 7.97 -26.29
N VAL A 210 2.72 8.02 -27.41
CA VAL A 210 3.06 6.80 -28.11
C VAL A 210 4.06 5.95 -27.31
N LYS A 211 4.91 6.59 -26.51
CA LYS A 211 5.84 5.82 -25.70
C LYS A 211 5.13 5.14 -24.53
N LYS A 212 4.17 5.83 -23.91
CA LYS A 212 3.46 5.24 -22.78
C LYS A 212 2.52 4.13 -23.23
N HIS A 213 1.71 4.39 -24.25
CA HIS A 213 0.63 3.46 -24.57
C HIS A 213 0.97 2.45 -25.65
N SER A 214 1.57 2.88 -26.77
CA SER A 214 1.74 2.03 -27.93
C SER A 214 3.18 2.12 -28.47
N GLN A 215 4.15 2.01 -27.58
CA GLN A 215 5.55 1.94 -27.99
C GLN A 215 6.00 0.53 -28.34
N PHE A 216 5.19 -0.49 -28.02
CA PHE A 216 5.52 -1.86 -28.33
C PHE A 216 4.67 -2.42 -29.47
N ILE A 217 4.06 -1.56 -30.28
CA ILE A 217 3.32 -2.04 -31.43
C ILE A 217 4.30 -2.72 -32.39
N GLY A 218 3.80 -3.66 -33.18
CA GLY A 218 4.67 -4.51 -33.96
C GLY A 218 5.10 -3.93 -35.30
N TYR A 219 4.84 -2.63 -35.51
CA TYR A 219 5.13 -2.01 -36.79
C TYR A 219 5.82 -0.67 -36.53
N PRO A 220 6.72 -0.23 -37.42
CA PRO A 220 7.38 1.05 -37.22
C PRO A 220 6.37 2.19 -37.17
N ILE A 221 6.57 3.09 -36.21
CA ILE A 221 5.78 4.30 -36.07
C ILE A 221 6.70 5.48 -36.33
N THR A 222 6.27 6.38 -37.19
CA THR A 222 7.13 7.46 -37.66
C THR A 222 6.43 8.80 -37.46
N LEU A 223 7.15 9.74 -36.87
CA LEU A 223 6.68 11.12 -36.77
C LEU A 223 7.13 11.92 -37.99
N TYR A 224 6.58 13.11 -38.15
CA TYR A 224 6.95 13.97 -39.27
C TYR A 224 6.73 15.42 -38.84
N LEU A 225 7.81 16.10 -38.50
CA LEU A 225 7.74 17.47 -38.02
C LEU A 225 8.83 18.30 -38.69
N GLU A 226 8.61 19.61 -38.76
CA GLU A 226 9.54 20.54 -39.38
C GLU A 226 10.38 21.19 -38.30
N LYS A 227 11.53 20.57 -38.00
CA LYS A 227 12.45 21.14 -37.02
C LYS A 227 13.89 21.01 -37.48
N GLU A 228 14.10 20.47 -38.68
CA GLU A 228 15.45 20.30 -39.20
C GLU A 228 15.98 21.62 -39.73
N ARG A 229 17.11 22.06 -39.20
CA ARG A 229 17.74 23.29 -39.65
C ARG A 229 18.56 23.03 -40.90
N GLU A 230 18.29 23.79 -41.96
CA GLU A 230 19.00 23.63 -43.23
C GLU A 230 20.05 24.72 -43.39
N LYS A 231 21.25 24.32 -43.80
CA LYS A 231 22.33 25.27 -44.03
C LYS A 231 22.26 25.82 -45.44
N LYS A 278 21.61 28.52 -43.86
CA LYS A 278 21.73 28.60 -42.41
C LYS A 278 20.43 29.08 -41.79
N LYS A 279 19.69 29.90 -42.54
CA LYS A 279 18.41 30.43 -42.08
C LYS A 279 17.24 29.56 -42.48
N ILE A 280 17.48 28.43 -43.14
CA ILE A 280 16.40 27.56 -43.58
C ILE A 280 16.15 26.47 -42.55
N LYS A 281 14.87 26.23 -42.25
CA LYS A 281 14.49 25.18 -41.32
C LYS A 281 13.24 24.46 -41.80
N GLU A 282 13.10 24.33 -43.12
CA GLU A 282 11.87 23.76 -43.68
C GLU A 282 11.94 22.26 -43.89
N LYS A 283 13.07 21.61 -43.61
CA LYS A 283 13.15 20.17 -43.80
C LYS A 283 12.39 19.45 -42.69
N TYR A 284 11.60 18.47 -43.08
CA TYR A 284 10.83 17.68 -42.11
C TYR A 284 11.72 16.65 -41.44
N ILE A 285 11.47 16.42 -40.15
CA ILE A 285 12.24 15.45 -39.37
C ILE A 285 11.56 14.09 -39.53
N ASP A 286 12.22 13.18 -40.25
CA ASP A 286 11.77 11.80 -40.39
C ASP A 286 12.22 11.04 -39.15
N GLN A 287 11.55 11.31 -38.03
CA GLN A 287 11.94 10.77 -36.74
C GLN A 287 11.26 9.42 -36.57
N GLU A 288 12.01 8.34 -36.78
CA GLU A 288 11.48 6.99 -36.65
C GLU A 288 11.32 6.59 -35.19
N GLU A 289 11.98 7.27 -34.26
CA GLU A 289 12.10 6.79 -32.90
C GLU A 289 10.81 6.94 -32.10
N LEU A 290 9.75 6.27 -32.54
CA LEU A 290 8.58 6.05 -31.70
C LEU A 290 8.35 4.58 -31.40
N ASN A 291 8.88 3.68 -32.22
CA ASN A 291 8.81 2.24 -31.99
C ASN A 291 10.19 1.63 -32.18
N LYS A 292 11.21 2.30 -31.66
CA LYS A 292 12.58 1.80 -31.82
C LYS A 292 12.77 0.47 -31.11
N THR A 293 12.38 0.40 -29.84
CA THR A 293 12.49 -0.84 -29.10
C THR A 293 11.40 -1.81 -29.53
N LYS A 294 11.80 -3.04 -29.82
CA LYS A 294 10.83 -4.04 -30.24
C LYS A 294 10.57 -5.03 -29.11
N PRO A 295 9.38 -5.62 -29.07
CA PRO A 295 9.09 -6.59 -28.01
C PRO A 295 10.06 -7.76 -28.00
N ILE A 296 10.87 -7.84 -26.94
CA ILE A 296 11.86 -8.90 -26.84
C ILE A 296 11.26 -10.19 -26.34
N TRP A 297 10.31 -10.12 -25.39
CA TRP A 297 9.71 -11.31 -24.83
C TRP A 297 8.95 -12.14 -25.86
N THR A 298 8.60 -11.55 -27.01
CA THR A 298 7.95 -12.33 -28.05
C THR A 298 8.89 -13.40 -28.61
N ARG A 299 10.14 -13.03 -28.87
CA ARG A 299 11.10 -13.99 -29.43
C ARG A 299 11.44 -15.06 -28.41
N ASN A 300 11.70 -16.27 -28.90
CA ASN A 300 11.99 -17.39 -28.03
C ASN A 300 13.34 -17.16 -27.33
N PRO A 301 13.41 -17.40 -26.02
CA PRO A 301 14.64 -17.10 -25.26
C PRO A 301 15.89 -17.82 -25.73
N ASP A 302 15.75 -19.02 -26.29
CA ASP A 302 16.93 -19.74 -26.76
C ASP A 302 17.61 -19.03 -27.92
N ASP A 303 16.93 -18.08 -28.56
CA ASP A 303 17.52 -17.28 -29.62
C ASP A 303 17.94 -15.90 -29.15
N ILE A 304 17.87 -15.62 -27.84
CA ILE A 304 18.19 -14.32 -27.28
C ILE A 304 19.35 -14.48 -26.31
N THR A 305 20.38 -13.65 -26.47
CA THR A 305 21.52 -13.65 -25.58
C THR A 305 21.33 -12.57 -24.52
N GLN A 306 22.32 -12.41 -23.65
CA GLN A 306 22.23 -11.39 -22.61
C GLN A 306 22.31 -9.99 -23.19
N GLU A 307 22.90 -9.83 -24.38
CA GLU A 307 23.05 -8.50 -24.95
C GLU A 307 21.70 -7.88 -25.29
N GLU A 308 20.83 -8.65 -25.94
CA GLU A 308 19.51 -8.12 -26.31
C GLU A 308 18.69 -7.80 -25.08
N TYR A 309 18.73 -8.67 -24.07
CA TYR A 309 18.04 -8.40 -22.82
C TYR A 309 18.57 -7.12 -22.18
N GLY A 310 19.88 -6.94 -22.18
CA GLY A 310 20.46 -5.74 -21.62
C GLY A 310 20.01 -4.48 -22.34
N GLU A 311 20.02 -4.52 -23.67
CA GLU A 311 19.57 -3.35 -24.43
C GLU A 311 18.10 -3.06 -24.16
N PHE A 312 17.28 -4.11 -24.08
CA PHE A 312 15.86 -3.91 -23.79
C PHE A 312 15.67 -3.29 -22.42
N TYR A 313 16.39 -3.78 -21.41
CA TYR A 313 16.24 -3.21 -20.07
C TYR A 313 16.73 -1.77 -20.02
N LYS A 314 17.84 -1.48 -20.70
CA LYS A 314 18.35 -0.11 -20.72
C LYS A 314 17.36 0.83 -21.37
N SER A 315 16.75 0.41 -22.48
CA SER A 315 15.74 1.23 -23.13
C SER A 315 14.46 1.32 -22.31
N LEU A 316 14.19 0.34 -21.45
CA LEU A 316 12.97 0.34 -20.65
C LEU A 316 13.08 1.29 -19.46
N THR A 317 14.28 1.43 -18.87
CA THR A 317 14.46 2.23 -17.68
C THR A 317 14.81 3.68 -17.96
N ASN A 318 15.05 4.03 -19.23
CA ASN A 318 15.44 5.39 -19.61
C ASN A 318 16.71 5.84 -18.88
N ASP A 319 17.60 4.90 -18.59
CA ASP A 319 18.85 5.17 -17.90
C ASP A 319 19.86 4.11 -18.31
N TRP A 320 21.06 4.55 -18.69
CA TRP A 320 22.03 3.61 -19.24
C TRP A 320 22.78 2.93 -18.10
N GLU A 321 22.17 1.88 -17.57
CA GLU A 321 22.82 0.96 -16.63
C GLU A 321 22.37 -0.44 -17.00
N ASP A 322 23.22 -1.42 -16.67
CA ASP A 322 22.90 -2.80 -17.01
C ASP A 322 21.88 -3.37 -16.03
N HIS A 323 21.57 -4.65 -16.19
CA HIS A 323 20.68 -5.36 -15.29
C HIS A 323 21.42 -6.54 -14.67
N LEU A 324 21.11 -6.83 -13.41
CA LEU A 324 21.82 -7.90 -12.70
C LEU A 324 21.44 -9.27 -13.24
N ALA A 325 20.14 -9.51 -13.41
CA ALA A 325 19.67 -10.80 -13.92
C ALA A 325 18.33 -10.60 -14.61
N VAL A 326 17.99 -11.53 -15.48
CA VAL A 326 16.77 -11.46 -16.28
C VAL A 326 16.06 -12.79 -16.19
N LYS A 327 14.76 -12.74 -15.94
CA LYS A 327 13.90 -13.92 -15.88
C LYS A 327 12.89 -13.84 -17.00
N HIS A 328 12.85 -14.87 -17.84
CA HIS A 328 11.93 -14.94 -18.97
C HIS A 328 11.17 -16.26 -18.88
N PHE A 329 9.84 -16.18 -18.85
CA PHE A 329 9.00 -17.35 -18.73
C PHE A 329 7.64 -17.06 -19.34
N SER A 330 6.77 -18.07 -19.33
CA SER A 330 5.41 -17.91 -19.81
C SER A 330 4.57 -19.04 -19.26
N VAL A 331 3.26 -18.84 -19.29
CA VAL A 331 2.30 -19.87 -18.93
C VAL A 331 1.30 -20.02 -20.05
N GLU A 332 0.66 -21.18 -20.10
CA GLU A 332 -0.33 -21.47 -21.13
C GLU A 332 -1.52 -22.16 -20.49
N GLY A 333 -2.67 -22.00 -21.11
CA GLY A 333 -3.92 -22.52 -20.61
C GLY A 333 -5.04 -21.54 -20.89
N GLN A 334 -6.02 -21.51 -19.99
CA GLN A 334 -7.07 -20.49 -20.09
C GLN A 334 -6.46 -19.10 -19.96
N LEU A 335 -5.55 -18.92 -19.01
CA LEU A 335 -4.77 -17.71 -18.89
C LEU A 335 -3.42 -17.92 -19.54
N GLU A 336 -3.01 -16.98 -20.40
CA GLU A 336 -1.76 -17.09 -21.13
C GLU A 336 -1.06 -15.75 -21.10
N PHE A 337 0.17 -15.73 -20.60
CA PHE A 337 0.97 -14.51 -20.65
C PHE A 337 2.44 -14.87 -20.72
N ARG A 338 3.19 -14.09 -21.48
CA ARG A 338 4.63 -14.22 -21.62
C ARG A 338 5.27 -13.08 -20.85
N ALA A 339 5.81 -13.38 -19.68
CA ALA A 339 6.28 -12.35 -18.76
C ALA A 339 7.79 -12.28 -18.77
N LEU A 340 8.31 -11.07 -18.57
CA LEU A 340 9.74 -10.81 -18.54
C LEU A 340 10.04 -9.93 -17.33
N LEU A 341 10.89 -10.41 -16.44
CA LEU A 341 11.20 -9.74 -15.19
C LEU A 341 12.70 -9.49 -15.07
N PHE A 342 13.06 -8.30 -14.62
CA PHE A 342 14.44 -7.88 -14.52
C PHE A 342 14.77 -7.50 -13.08
N ILE A 343 15.97 -7.84 -12.64
CA ILE A 343 16.49 -7.43 -11.35
C ILE A 343 17.46 -6.28 -11.58
N PRO A 344 17.17 -5.07 -11.10
CA PRO A 344 18.08 -3.95 -11.35
C PRO A 344 19.45 -4.19 -10.76
N ARG A 345 20.47 -3.67 -11.44
CA ARG A 345 21.83 -3.81 -10.94
C ARG A 345 22.01 -3.13 -9.59
N ARG A 346 21.45 -1.93 -9.45
CA ARG A 346 21.50 -1.16 -8.21
C ARG A 346 20.07 -0.86 -7.76
N ALA A 347 19.96 -0.29 -6.57
CA ALA A 347 18.59 0.03 -6.15
C ALA A 347 18.28 1.49 -6.45
N PRO A 348 17.03 1.81 -6.78
CA PRO A 348 16.66 3.21 -6.99
C PRO A 348 16.86 4.02 -5.71
N PHE A 349 17.21 5.29 -5.87
CA PHE A 349 17.39 6.14 -4.70
C PHE A 349 16.08 6.41 -3.98
N ASP A 350 14.96 6.29 -4.69
CA ASP A 350 13.62 6.50 -4.11
C ASP A 350 12.78 5.23 -4.18
N LEU A 351 13.40 4.07 -3.91
CA LEU A 351 12.69 2.81 -3.98
C LEU A 351 11.53 2.79 -3.00
N PHE A 352 11.76 3.29 -1.78
CA PHE A 352 10.73 3.29 -0.75
C PHE A 352 10.10 4.66 -0.52
N GLU A 353 10.39 5.65 -1.37
CA GLU A 353 9.62 6.88 -1.35
C GLU A 353 8.21 6.61 -1.84
N ASN A 354 7.22 6.93 -0.99
CA ASN A 354 5.83 6.65 -1.33
C ASN A 354 5.35 7.49 -2.51
N LYS A 355 5.93 8.68 -2.72
CA LYS A 355 5.50 9.53 -3.82
C LYS A 355 5.75 8.87 -5.17
N LYS A 356 6.69 7.95 -5.24
CA LYS A 356 6.93 7.22 -6.49
C LYS A 356 5.84 6.19 -6.76
N LYS A 357 4.91 5.98 -5.81
CA LYS A 357 3.84 5.00 -5.88
C LYS A 357 4.35 3.65 -6.39
N LYS A 358 3.77 3.10 -7.44
CA LYS A 358 4.21 1.80 -7.94
C LYS A 358 4.17 1.84 -9.47
N ASN A 359 5.34 1.98 -10.09
CA ASN A 359 5.46 2.17 -11.53
C ASN A 359 6.53 1.23 -12.09
N ASN A 360 6.42 -0.04 -11.73
CA ASN A 360 7.47 -1.02 -12.06
C ASN A 360 7.03 -2.03 -13.09
N ILE A 361 5.95 -2.77 -12.84
CA ILE A 361 5.50 -3.83 -13.73
C ILE A 361 4.34 -3.29 -14.55
N LYS A 362 4.45 -3.40 -15.87
CA LYS A 362 3.42 -2.91 -16.78
C LYS A 362 2.69 -4.09 -17.42
N LEU A 363 1.37 -4.03 -17.40
CA LEU A 363 0.56 -5.07 -18.01
C LEU A 363 0.28 -4.73 -19.46
N TYR A 364 0.48 -5.70 -20.35
CA TYR A 364 0.28 -5.53 -21.77
C TYR A 364 -0.69 -6.58 -22.28
N VAL A 365 -1.55 -6.19 -23.21
CA VAL A 365 -2.44 -7.12 -23.89
C VAL A 365 -2.21 -6.94 -25.39
N ARG A 366 -1.70 -7.99 -26.04
CA ARG A 366 -1.35 -7.96 -27.46
C ARG A 366 -0.43 -6.79 -27.77
N ARG A 367 0.61 -6.64 -26.95
CA ARG A 367 1.62 -5.59 -27.11
C ARG A 367 1.01 -4.20 -26.98
N VAL A 368 -0.04 -4.06 -26.18
CA VAL A 368 -0.67 -2.77 -25.91
C VAL A 368 -0.77 -2.59 -24.41
N PHE A 369 -0.31 -1.44 -23.92
CA PHE A 369 -0.29 -1.19 -22.49
C PHE A 369 -1.71 -1.04 -21.93
N ILE A 370 -1.91 -1.54 -20.71
CA ILE A 370 -3.22 -1.47 -20.08
C ILE A 370 -3.13 -0.72 -18.75
N MET A 371 -2.37 -1.27 -17.80
CA MET A 371 -2.20 -0.68 -16.49
C MET A 371 -0.78 -0.93 -15.98
N ASP A 372 -0.28 0.02 -15.22
CA ASP A 372 1.07 -0.08 -14.66
C ASP A 372 0.99 -0.83 -13.33
N SER A 373 2.07 -0.78 -12.55
CA SER A 373 2.18 -1.59 -11.35
C SER A 373 1.05 -1.29 -10.37
N CYS A 374 0.25 -2.31 -10.08
CA CYS A 374 -0.82 -2.25 -9.11
C CYS A 374 -0.51 -3.17 -7.94
N ASP A 375 -1.05 -2.84 -6.78
CA ASP A 375 -0.79 -3.66 -5.59
C ASP A 375 -1.32 -5.08 -5.74
N GLU A 376 -2.31 -5.30 -6.60
CA GLU A 376 -2.78 -6.64 -6.89
C GLU A 376 -1.94 -7.34 -7.95
N LEU A 377 -1.01 -6.62 -8.57
CA LEU A 377 -0.19 -7.18 -9.64
C LEU A 377 1.14 -7.72 -9.12
N ILE A 378 1.72 -7.05 -8.13
CA ILE A 378 3.00 -7.45 -7.56
C ILE A 378 3.06 -6.91 -6.14
N PRO A 379 3.45 -7.70 -5.14
CA PRO A 379 3.46 -7.23 -3.76
C PRO A 379 4.47 -6.10 -3.56
N GLU A 380 4.20 -5.29 -2.54
CA GLU A 380 4.94 -4.05 -2.32
C GLU A 380 6.43 -4.27 -2.11
N TYR A 381 6.80 -5.28 -1.31
CA TYR A 381 8.22 -5.52 -1.06
C TYR A 381 8.97 -5.99 -2.29
N LEU A 382 8.26 -6.50 -3.30
CA LEU A 382 8.85 -6.92 -4.56
C LEU A 382 8.71 -5.83 -5.62
N ASN A 383 8.73 -4.58 -5.21
CA ASN A 383 8.57 -3.49 -6.17
C ASN A 383 9.90 -3.01 -6.75
N PHE A 384 11.02 -3.55 -6.27
CA PHE A 384 12.30 -3.23 -6.91
C PHE A 384 12.46 -3.93 -8.24
N ILE A 385 11.92 -5.14 -8.39
CA ILE A 385 12.06 -5.89 -9.62
C ILE A 385 11.09 -5.33 -10.64
N ARG A 386 11.62 -4.97 -11.81
CA ARG A 386 10.87 -4.24 -12.82
C ARG A 386 10.89 -5.04 -14.12
N GLY A 387 9.74 -5.11 -14.78
CA GLY A 387 9.65 -5.87 -15.99
C GLY A 387 8.38 -5.54 -16.74
N VAL A 388 8.09 -6.37 -17.75
CA VAL A 388 6.90 -6.19 -18.57
C VAL A 388 6.15 -7.51 -18.63
N VAL A 389 4.83 -7.45 -18.45
CA VAL A 389 3.95 -8.60 -18.52
C VAL A 389 3.01 -8.41 -19.69
N ASP A 390 3.01 -9.36 -20.62
CA ASP A 390 2.16 -9.29 -21.80
C ASP A 390 1.36 -10.57 -21.91
N SER A 391 0.08 -10.44 -22.24
CA SER A 391 -0.82 -11.57 -22.34
C SER A 391 -1.62 -11.49 -23.64
N GLU A 392 -2.07 -12.65 -24.09
CA GLU A 392 -2.81 -12.72 -25.35
C GLU A 392 -4.29 -12.42 -25.16
N ASP A 393 -4.91 -13.07 -24.19
CA ASP A 393 -6.35 -12.94 -23.95
C ASP A 393 -6.60 -12.50 -22.52
N LEU A 394 -7.33 -11.40 -22.34
CA LEU A 394 -7.75 -10.91 -21.04
C LEU A 394 -9.05 -10.16 -21.19
N PRO A 395 -9.89 -10.09 -20.16
CA PRO A 395 -11.12 -9.31 -20.24
C PRO A 395 -10.85 -7.86 -19.88
N LEU A 396 -11.12 -6.96 -20.82
CA LEU A 396 -10.75 -5.57 -20.67
C LEU A 396 -11.98 -4.68 -20.55
N ASN A 397 -11.82 -3.59 -19.82
CA ASN A 397 -12.85 -2.57 -19.76
C ASN A 397 -13.07 -1.96 -21.15
N ILE A 398 -14.17 -1.22 -21.29
CA ILE A 398 -14.49 -0.61 -22.57
C ILE A 398 -13.40 0.37 -22.97
N SER A 399 -12.83 1.08 -22.00
CA SER A 399 -11.73 1.98 -22.29
C SER A 399 -10.41 1.24 -22.46
N ARG A 400 -10.39 -0.07 -22.21
CA ARG A 400 -9.19 -0.90 -22.31
C ARG A 400 -8.10 -0.38 -21.38
N GLU A 401 -8.51 0.02 -20.18
CA GLU A 401 -7.57 0.49 -19.16
C GLU A 401 -7.67 -0.27 -17.84
N MET A 402 -8.60 -1.20 -17.69
CA MET A 402 -8.73 -2.00 -16.48
C MET A 402 -9.38 -3.32 -16.83
N LEU A 403 -9.24 -4.31 -15.95
CA LEU A 403 -9.75 -5.65 -16.17
C LEU A 403 -11.11 -5.81 -15.51
N GLN A 404 -12.04 -6.45 -16.23
CA GLN A 404 -13.38 -6.68 -15.71
C GLN A 404 -13.40 -7.68 -14.56
N GLN A 405 -12.36 -8.46 -14.38
CA GLN A 405 -12.23 -9.39 -13.26
C GLN A 405 -11.01 -8.96 -12.46
N SER A 406 -11.23 -8.60 -11.20
CA SER A 406 -10.12 -8.13 -10.38
C SER A 406 -9.11 -9.22 -10.10
N LYS A 407 -9.57 -10.44 -9.87
CA LYS A 407 -8.73 -11.51 -9.33
C LYS A 407 -7.84 -12.16 -10.37
N ILE A 408 -7.99 -11.83 -11.65
CA ILE A 408 -6.99 -12.26 -12.62
C ILE A 408 -5.67 -11.59 -12.34
N LEU A 409 -5.70 -10.34 -11.89
CA LEU A 409 -4.47 -9.69 -11.45
C LEU A 409 -3.85 -10.42 -10.28
N LYS A 410 -4.67 -10.92 -9.36
CA LYS A 410 -4.14 -11.65 -8.22
C LYS A 410 -3.53 -12.98 -8.66
N VAL A 411 -4.14 -13.64 -9.64
CA VAL A 411 -3.56 -14.89 -10.14
C VAL A 411 -2.22 -14.61 -10.85
N ILE A 412 -2.17 -13.52 -11.63
CA ILE A 412 -0.92 -13.12 -12.25
C ILE A 412 0.14 -12.85 -11.20
N ARG A 413 -0.24 -12.19 -10.10
CA ARG A 413 0.68 -11.94 -9.01
C ARG A 413 1.13 -13.25 -8.37
N LYS A 414 0.21 -14.19 -8.20
CA LYS A 414 0.56 -15.47 -7.60
C LYS A 414 1.62 -16.19 -8.41
N ASN A 415 1.48 -16.19 -9.73
CA ASN A 415 2.51 -16.81 -10.57
C ASN A 415 3.80 -16.00 -10.60
N ILE A 416 3.69 -14.68 -10.64
CA ILE A 416 4.87 -13.83 -10.73
C ILE A 416 5.72 -13.94 -9.48
N VAL A 417 5.09 -13.99 -8.31
CA VAL A 417 5.83 -14.10 -7.05
C VAL A 417 6.59 -15.42 -7.01
N LYS A 418 5.95 -16.51 -7.39
CA LYS A 418 6.62 -17.81 -7.40
C LYS A 418 7.81 -17.78 -8.35
N LYS A 419 7.63 -17.25 -9.56
CA LYS A 419 8.75 -17.18 -10.49
C LYS A 419 9.87 -16.29 -9.98
N CYS A 420 9.53 -15.17 -9.32
CA CYS A 420 10.54 -14.30 -8.75
C CYS A 420 11.33 -15.00 -7.67
N LEU A 421 10.65 -15.77 -6.81
CA LEU A 421 11.36 -16.49 -5.77
C LEU A 421 12.25 -17.57 -6.35
N GLU A 422 11.81 -18.23 -7.42
CA GLU A 422 12.69 -19.18 -8.08
C GLU A 422 13.89 -18.49 -8.70
N LEU A 423 13.71 -17.30 -9.25
CA LEU A 423 14.84 -16.53 -9.75
C LEU A 423 15.82 -16.20 -8.63
N PHE A 424 15.30 -15.78 -7.48
CA PHE A 424 16.17 -15.49 -6.34
C PHE A 424 16.94 -16.72 -5.90
N SER A 425 16.26 -17.87 -5.82
CA SER A 425 16.93 -19.11 -5.46
C SER A 425 17.99 -19.50 -6.47
N GLU A 426 17.75 -19.26 -7.76
CA GLU A 426 18.76 -19.50 -8.77
C GLU A 426 19.95 -18.58 -8.59
N LEU A 427 19.70 -17.31 -8.20
CA LEU A 427 20.78 -16.36 -8.01
C LEU A 427 21.68 -16.76 -6.85
N ALA A 428 21.20 -17.63 -5.95
CA ALA A 428 21.96 -17.97 -4.76
C ALA A 428 23.25 -18.70 -5.09
N GLU A 429 23.25 -19.47 -6.18
CA GLU A 429 24.42 -20.26 -6.55
C GLU A 429 25.62 -19.37 -6.86
N ASP A 430 25.38 -18.26 -7.57
CA ASP A 430 26.44 -17.29 -7.82
C ASP A 430 26.77 -16.53 -6.54
N LYS A 431 27.99 -16.70 -6.03
CA LYS A 431 28.34 -16.11 -4.74
C LYS A 431 28.40 -14.60 -4.82
N GLU A 432 29.27 -14.06 -5.68
CA GLU A 432 29.46 -12.61 -5.74
C GLU A 432 28.20 -11.91 -6.24
N ASN A 433 27.53 -12.50 -7.23
CA ASN A 433 26.31 -11.89 -7.74
C ASN A 433 25.23 -11.83 -6.66
N TYR A 434 25.08 -12.91 -5.90
CA TYR A 434 24.11 -12.88 -4.81
C TYR A 434 24.54 -11.93 -3.72
N LYS A 435 25.85 -11.74 -3.52
CA LYS A 435 26.31 -10.75 -2.56
C LYS A 435 25.88 -9.35 -2.98
N LYS A 436 26.04 -9.03 -4.26
CA LYS A 436 25.59 -7.73 -4.76
C LYS A 436 24.08 -7.58 -4.62
N PHE A 437 23.34 -8.64 -4.98
CA PHE A 437 21.88 -8.57 -4.90
C PHE A 437 21.42 -8.40 -3.46
N TYR A 438 22.06 -9.10 -2.52
CA TYR A 438 21.69 -8.95 -1.12
C TYR A 438 22.00 -7.56 -0.62
N GLU A 439 23.22 -7.08 -0.88
CA GLU A 439 23.57 -5.73 -0.44
C GLU A 439 22.64 -4.69 -1.06
N ALA A 440 21.99 -5.00 -2.17
CA ALA A 440 21.03 -4.09 -2.74
C ALA A 440 19.64 -4.21 -2.13
N PHE A 441 19.12 -5.43 -1.93
CA PHE A 441 17.70 -5.61 -1.63
C PHE A 441 17.45 -6.52 -0.43
N SER A 442 18.37 -6.55 0.54
CA SER A 442 18.10 -7.32 1.75
C SER A 442 16.92 -6.73 2.51
N LYS A 443 16.76 -5.41 2.46
CA LYS A 443 15.60 -4.78 3.09
C LYS A 443 14.31 -5.31 2.49
N ASN A 444 14.24 -5.40 1.16
CA ASN A 444 13.05 -5.94 0.52
C ASN A 444 12.85 -7.40 0.87
N LEU A 445 13.93 -8.18 0.95
CA LEU A 445 13.81 -9.59 1.33
C LEU A 445 13.20 -9.74 2.71
N LYS A 446 13.72 -9.00 3.69
CA LYS A 446 13.21 -9.10 5.05
C LYS A 446 11.80 -8.53 5.16
N LEU A 447 11.50 -7.46 4.42
CA LEU A 447 10.14 -6.95 4.39
C LEU A 447 9.19 -8.00 3.84
N GLY A 448 9.62 -8.77 2.84
CA GLY A 448 8.81 -9.86 2.36
C GLY A 448 8.61 -10.95 3.39
N ILE A 449 9.67 -11.26 4.14
CA ILE A 449 9.55 -12.22 5.23
C ILE A 449 8.47 -11.76 6.21
N HIS A 450 8.48 -10.47 6.52
CA HIS A 450 7.46 -9.91 7.41
C HIS A 450 6.07 -10.02 6.79
N GLU A 451 5.95 -9.68 5.51
CA GLU A 451 4.65 -9.53 4.86
C GLU A 451 4.06 -10.87 4.42
N ASP A 452 4.74 -11.58 3.51
CA ASP A 452 4.20 -12.83 3.00
C ASP A 452 4.33 -13.97 4.00
N SER A 453 3.24 -14.30 4.68
CA SER A 453 3.26 -15.50 5.51
C SER A 453 3.25 -16.76 4.65
N THR A 454 2.65 -16.69 3.47
CA THR A 454 2.63 -17.84 2.56
C THR A 454 4.00 -18.14 1.97
N ASN A 455 4.78 -17.10 1.66
CA ASN A 455 6.09 -17.28 1.06
C ASN A 455 7.23 -17.06 2.05
N ARG A 456 6.92 -16.87 3.33
CA ARG A 456 7.97 -16.66 4.33
C ARG A 456 8.93 -17.83 4.36
N ARG A 457 8.44 -19.05 4.11
CA ARG A 457 9.30 -20.22 4.10
C ARG A 457 10.35 -20.12 3.00
N ARG A 458 9.93 -19.68 1.81
CA ARG A 458 10.86 -19.56 0.69
C ARG A 458 11.83 -18.39 0.85
N LEU A 459 11.39 -17.29 1.47
CA LEU A 459 12.29 -16.19 1.75
C LEU A 459 13.25 -16.48 2.88
N SER A 460 12.94 -17.45 3.74
CA SER A 460 13.75 -17.68 4.93
C SER A 460 15.17 -18.08 4.59
N GLU A 461 15.35 -18.97 3.61
CA GLU A 461 16.67 -19.44 3.25
C GLU A 461 17.46 -18.46 2.40
N LEU A 462 16.84 -17.36 1.99
CA LEU A 462 17.53 -16.32 1.24
C LEU A 462 18.24 -15.33 2.13
N LEU A 463 18.12 -15.45 3.45
CA LEU A 463 18.76 -14.52 4.36
C LEU A 463 20.26 -14.77 4.43
N ARG A 464 21.00 -13.71 4.70
CA ARG A 464 22.43 -13.80 4.96
C ARG A 464 22.76 -12.84 6.11
N TYR A 465 23.63 -13.28 7.01
CA TYR A 465 23.95 -12.51 8.20
C TYR A 465 25.43 -12.62 8.52
N HIS A 466 25.95 -11.59 9.18
CA HIS A 466 27.24 -11.71 9.83
C HIS A 466 27.10 -12.64 11.02
N THR A 467 28.10 -13.51 11.21
CA THR A 467 28.08 -14.44 12.33
C THR A 467 29.41 -14.34 13.07
N SER A 468 29.50 -15.08 14.18
CA SER A 468 30.70 -15.05 15.00
C SER A 468 31.90 -15.62 14.26
N GLN A 469 31.70 -16.73 13.54
CA GLN A 469 32.80 -17.49 12.96
C GLN A 469 33.01 -17.22 11.47
N SER A 470 32.39 -16.17 10.93
CA SER A 470 32.51 -15.86 9.51
C SER A 470 33.26 -14.56 9.25
N GLY A 471 33.78 -13.91 10.28
CA GLY A 471 34.48 -12.65 10.07
C GLY A 471 33.53 -11.58 9.59
N ASP A 472 33.73 -11.13 8.35
CA ASP A 472 32.92 -10.08 7.75
C ASP A 472 32.12 -10.56 6.55
N GLU A 473 31.99 -11.87 6.38
CA GLU A 473 31.23 -12.45 5.28
C GLU A 473 29.89 -12.95 5.81
N MET A 474 28.86 -12.84 4.98
CA MET A 474 27.51 -13.21 5.38
C MET A 474 27.23 -14.67 5.01
N THR A 475 26.66 -15.40 5.97
CA THR A 475 26.29 -16.79 5.77
C THR A 475 24.80 -16.98 6.01
N SER A 476 24.19 -17.86 5.22
CA SER A 476 22.77 -18.11 5.33
C SER A 476 22.46 -18.87 6.61
N LEU A 477 21.17 -19.00 6.90
CA LEU A 477 20.74 -19.81 8.03
C LEU A 477 21.03 -21.29 7.78
N SER A 478 21.00 -21.72 6.51
CA SER A 478 21.31 -23.11 6.20
C SER A 478 22.74 -23.45 6.59
N GLU A 479 23.68 -22.55 6.33
CA GLU A 479 25.06 -22.79 6.74
C GLU A 479 25.17 -22.84 8.25
N TYR A 480 24.42 -22.00 8.96
CA TYR A 480 24.48 -22.00 10.42
C TYR A 480 23.95 -23.30 11.00
N VAL A 481 22.79 -23.74 10.52
CA VAL A 481 22.25 -25.01 11.01
C VAL A 481 23.16 -26.16 10.60
N SER A 482 23.86 -26.02 9.48
CA SER A 482 24.84 -27.03 9.10
C SER A 482 25.99 -27.11 10.09
N ARG A 483 26.46 -25.96 10.56
CA ARG A 483 27.62 -25.91 11.45
C ARG A 483 27.26 -25.87 12.93
N MET A 484 25.98 -25.95 13.28
CA MET A 484 25.58 -25.87 14.68
C MET A 484 25.91 -27.16 15.41
N LYS A 485 26.41 -27.03 16.63
CA LYS A 485 26.72 -28.21 17.43
C LYS A 485 25.44 -28.92 17.85
N GLU A 486 25.50 -30.26 17.83
CA GLU A 486 24.31 -31.06 18.15
C GLU A 486 23.86 -30.90 19.59
N THR A 487 24.73 -30.37 20.47
CA THR A 487 24.36 -30.19 21.86
C THR A 487 23.27 -29.14 22.05
N GLN A 488 23.11 -28.22 21.09
CA GLN A 488 22.13 -27.16 21.19
C GLN A 488 20.99 -27.41 20.20
N LYS A 489 19.82 -26.85 20.50
CA LYS A 489 18.64 -27.00 19.67
C LYS A 489 17.97 -25.67 19.35
N SER A 490 18.68 -24.56 19.53
CA SER A 490 18.12 -23.24 19.32
C SER A 490 19.10 -22.40 18.51
N ILE A 491 18.56 -21.41 17.81
CA ILE A 491 19.37 -20.48 17.02
C ILE A 491 19.58 -19.21 17.84
N TYR A 492 20.84 -18.88 18.10
CA TYR A 492 21.17 -17.71 18.92
C TYR A 492 21.41 -16.52 18.02
N TYR A 493 20.62 -15.46 18.23
CA TYR A 493 20.73 -14.24 17.45
C TYR A 493 20.72 -13.04 18.38
N ILE A 494 21.33 -11.95 17.92
CA ILE A 494 21.38 -10.70 18.67
C ILE A 494 20.89 -9.58 17.77
N THR A 495 19.91 -8.84 18.26
CA THR A 495 19.39 -7.67 17.54
C THR A 495 20.04 -6.43 18.12
N GLY A 496 20.90 -5.79 17.33
CA GLY A 496 21.64 -4.64 17.82
C GLY A 496 21.48 -3.42 16.93
N GLU A 497 22.45 -2.52 17.00
CA GLU A 497 22.40 -1.29 16.22
C GLU A 497 23.60 -1.11 15.31
N SER A 498 24.78 -1.57 15.71
CA SER A 498 25.99 -1.42 14.93
C SER A 498 26.79 -2.71 14.94
N LYS A 499 27.76 -2.79 14.01
CA LYS A 499 28.62 -3.96 13.93
C LYS A 499 29.43 -4.16 15.19
N GLU A 500 30.17 -3.13 15.61
CA GLU A 500 31.01 -3.26 16.79
C GLU A 500 30.19 -3.27 18.07
N GLN A 501 29.01 -2.67 18.04
CA GLN A 501 28.17 -2.63 19.24
C GLN A 501 27.76 -4.04 19.66
N VAL A 502 27.50 -4.91 18.69
CA VAL A 502 27.17 -6.30 19.00
C VAL A 502 28.37 -7.23 18.94
N ALA A 503 29.45 -6.82 18.26
CA ALA A 503 30.63 -7.68 18.16
C ALA A 503 31.20 -7.98 19.53
N ASN A 504 31.28 -6.97 20.39
CA ASN A 504 31.68 -7.15 21.79
C ASN A 504 30.56 -6.58 22.65
N SER A 505 29.85 -7.46 23.35
CA SER A 505 28.72 -7.04 24.17
C SER A 505 28.56 -8.02 25.32
N ALA A 506 27.89 -7.56 26.37
CA ALA A 506 27.77 -8.34 27.60
C ALA A 506 26.95 -9.61 27.42
N PHE A 507 26.12 -9.69 26.38
CA PHE A 507 25.26 -10.86 26.19
C PHE A 507 25.94 -11.97 25.39
N VAL A 508 27.12 -11.72 24.83
CA VAL A 508 27.77 -12.66 23.93
C VAL A 508 29.02 -13.28 24.54
N GLU A 509 29.45 -12.84 25.72
CA GLU A 509 30.71 -13.31 26.29
C GLU A 509 30.70 -14.81 26.51
N ARG A 510 29.68 -15.31 27.22
CA ARG A 510 29.62 -16.74 27.52
C ARG A 510 29.47 -17.57 26.25
N VAL A 511 28.61 -17.11 25.34
CA VAL A 511 28.35 -17.88 24.12
C VAL A 511 29.62 -18.01 23.29
N ARG A 512 30.35 -16.90 23.12
CA ARG A 512 31.60 -16.97 22.38
C ARG A 512 32.66 -17.74 23.14
N LYS A 513 32.60 -17.73 24.48
CA LYS A 513 33.55 -18.50 25.27
C LYS A 513 33.35 -20.00 25.05
N ARG A 514 32.10 -20.45 24.99
CA ARG A 514 31.83 -21.87 24.85
C ARG A 514 31.89 -22.36 23.40
N GLY A 515 32.20 -21.48 22.46
CA GLY A 515 32.32 -21.85 21.07
C GLY A 515 31.03 -21.77 20.27
N PHE A 516 29.91 -21.45 20.91
CA PHE A 516 28.66 -21.31 20.19
C PHE A 516 28.70 -20.08 19.28
N GLU A 517 27.97 -20.15 18.18
CA GLU A 517 27.91 -19.06 17.21
C GLU A 517 26.58 -18.32 17.33
N VAL A 518 26.64 -17.00 17.23
CA VAL A 518 25.46 -16.15 17.34
C VAL A 518 25.35 -15.32 16.06
N VAL A 519 24.12 -15.11 15.61
CA VAL A 519 23.85 -14.40 14.37
C VAL A 519 23.67 -12.92 14.70
N TYR A 520 24.45 -12.07 14.04
CA TYR A 520 24.36 -10.63 14.26
C TYR A 520 23.25 -10.04 13.40
N MET A 521 22.53 -9.06 13.95
CA MET A 521 21.45 -8.38 13.24
C MET A 521 21.58 -6.89 13.52
N THR A 522 22.34 -6.20 12.67
CA THR A 522 22.65 -4.80 12.87
C THR A 522 21.64 -3.85 12.24
N GLU A 523 20.66 -4.36 11.52
CA GLU A 523 19.78 -3.40 10.88
C GLU A 523 18.41 -3.40 11.53
N PRO A 524 17.74 -2.25 11.57
CA PRO A 524 16.40 -2.18 12.18
C PRO A 524 15.35 -3.00 11.46
N ILE A 525 15.58 -3.39 10.20
CA ILE A 525 14.59 -4.20 9.49
C ILE A 525 14.52 -5.61 10.08
N ASP A 526 15.66 -6.18 10.49
CA ASP A 526 15.63 -7.49 11.12
C ASP A 526 14.83 -7.46 12.41
N GLU A 527 14.78 -6.30 13.06
CA GLU A 527 14.06 -6.17 14.31
C GLU A 527 12.57 -6.41 14.09
N TYR A 528 12.05 -5.97 12.94
CA TYR A 528 10.71 -6.34 12.52
C TYR A 528 10.62 -7.77 12.01
N CYS A 529 11.64 -8.22 11.27
CA CYS A 529 11.58 -9.53 10.64
C CYS A 529 11.46 -10.65 11.66
N VAL A 530 12.22 -10.57 12.75
CA VAL A 530 12.32 -11.69 13.68
C VAL A 530 11.05 -11.96 14.46
N GLN A 531 10.10 -11.02 14.49
CA GLN A 531 8.86 -11.27 15.20
C GLN A 531 8.03 -12.38 14.54
N GLN A 532 8.11 -12.49 13.22
CA GLN A 532 7.43 -13.57 12.50
C GLN A 532 8.33 -14.76 12.24
N LEU A 533 9.63 -14.56 12.13
CA LEU A 533 10.58 -15.66 11.97
C LEU A 533 10.85 -16.30 13.33
N LYS A 534 9.80 -16.90 13.88
CA LYS A 534 9.85 -17.46 15.23
C LYS A 534 10.43 -18.86 15.27
N GLU A 535 10.77 -19.44 14.12
CA GLU A 535 11.36 -20.77 14.07
C GLU A 535 12.04 -20.94 12.72
N PHE A 536 12.85 -21.99 12.62
CA PHE A 536 13.50 -22.33 11.36
C PHE A 536 13.94 -23.78 11.42
N ASP A 537 13.45 -24.59 10.48
CA ASP A 537 13.81 -26.00 10.39
C ASP A 537 13.53 -26.73 11.70
N GLY A 538 12.42 -26.37 12.34
CA GLY A 538 12.03 -27.00 13.59
C GLY A 538 12.80 -26.54 14.81
N LYS A 539 13.63 -25.51 14.67
CA LYS A 539 14.41 -24.98 15.79
C LYS A 539 13.96 -23.57 16.11
N SER A 540 13.67 -23.32 17.38
CA SER A 540 13.25 -21.99 17.80
C SER A 540 14.41 -21.02 17.74
N LEU A 541 14.11 -19.78 17.34
CA LEU A 541 15.10 -18.71 17.36
C LEU A 541 14.97 -17.96 18.67
N VAL A 542 16.05 -17.95 19.46
CA VAL A 542 16.04 -17.26 20.74
C VAL A 542 17.17 -16.24 20.76
N SER A 543 16.95 -15.14 21.47
CA SER A 543 17.88 -14.04 21.52
C SER A 543 18.70 -14.09 22.80
N VAL A 544 19.95 -13.61 22.70
CA VAL A 544 20.83 -13.56 23.85
C VAL A 544 20.56 -12.37 24.74
N THR A 545 19.64 -11.48 24.35
CA THR A 545 19.30 -10.31 25.13
C THR A 545 18.00 -10.47 25.90
N LYS A 546 17.44 -11.68 25.94
CA LYS A 546 16.18 -11.93 26.60
C LYS A 546 16.39 -12.80 27.84
N GLU A 547 15.45 -12.69 28.78
CA GLU A 547 15.54 -13.45 30.01
C GLU A 547 15.39 -14.94 29.73
N GLY A 548 15.95 -15.75 30.62
CA GLY A 548 15.83 -17.20 30.51
C GLY A 548 16.51 -17.79 29.31
N LEU A 549 17.75 -17.38 29.04
CA LEU A 549 18.50 -17.95 27.93
C LEU A 549 18.85 -19.40 28.24
N GLU A 550 18.46 -20.31 27.34
CA GLU A 550 18.76 -21.71 27.52
C GLU A 550 20.17 -22.00 27.03
N LEU A 551 20.93 -22.75 27.82
CA LEU A 551 22.30 -23.08 27.46
C LEU A 551 22.64 -24.49 27.91
N PRO A 552 23.34 -25.28 27.09
CA PRO A 552 23.80 -26.60 27.54
C PRO A 552 24.58 -26.50 28.84
N GLU A 553 24.04 -27.07 29.90
CA GLU A 553 24.53 -26.86 31.25
C GLU A 553 25.35 -28.03 31.75
N ASP A 554 26.32 -27.72 32.60
CA ASP A 554 27.23 -28.73 33.15
C ASP A 554 26.98 -28.92 34.63
N GLU A 555 27.31 -30.11 35.14
CA GLU A 555 27.07 -30.42 36.54
C GLU A 555 27.82 -29.44 37.45
N GLU A 556 29.07 -29.14 37.11
CA GLU A 556 29.78 -28.10 37.84
C GLU A 556 29.09 -26.75 37.70
N GLU A 557 28.57 -26.45 36.51
CA GLU A 557 27.88 -25.19 36.29
C GLU A 557 26.63 -25.09 37.15
N LYS A 558 25.84 -26.15 37.21
CA LYS A 558 24.62 -26.09 38.02
C LYS A 558 24.94 -26.08 39.51
N LYS A 559 26.01 -26.76 39.92
CA LYS A 559 26.45 -26.65 41.31
C LYS A 559 26.83 -25.21 41.65
N LYS A 560 27.60 -24.58 40.77
CA LYS A 560 27.91 -23.16 40.89
C LYS A 560 26.64 -22.34 41.02
N MET A 561 25.66 -22.61 40.16
CA MET A 561 24.42 -21.85 40.17
C MET A 561 23.69 -21.98 41.50
N GLU A 562 23.53 -23.22 41.97
CA GLU A 562 22.73 -23.43 43.18
C GLU A 562 23.43 -22.89 44.41
N GLU A 563 24.77 -22.96 44.47
CA GLU A 563 25.42 -22.35 45.63
C GLU A 563 25.41 -20.83 45.52
N SER A 564 25.43 -20.29 44.30
CA SER A 564 25.45 -18.84 44.12
C SER A 564 24.12 -18.21 44.48
N LYS A 565 23.00 -18.87 44.13
CA LYS A 565 21.70 -18.31 44.49
C LYS A 565 21.58 -18.11 45.99
N ALA A 566 21.95 -19.13 46.77
CA ALA A 566 21.94 -18.96 48.22
C ALA A 566 22.97 -17.94 48.66
N LYS A 567 24.17 -17.97 48.06
CA LYS A 567 25.22 -17.03 48.45
C LYS A 567 24.88 -15.61 48.05
N PHE A 568 24.27 -15.43 46.88
CA PHE A 568 24.00 -14.11 46.32
C PHE A 568 22.54 -13.70 46.45
N GLU A 569 21.90 -14.01 47.57
CA GLU A 569 20.51 -13.60 47.76
C GLU A 569 20.43 -12.24 48.45
N ASN A 570 21.31 -11.98 49.40
CA ASN A 570 21.25 -10.73 50.16
C ASN A 570 21.45 -9.53 49.26
N LEU A 571 22.47 -9.55 48.41
CA LEU A 571 22.72 -8.39 47.57
C LEU A 571 21.66 -8.23 46.49
N CYS A 572 21.09 -9.34 46.01
CA CYS A 572 20.06 -9.20 44.97
C CYS A 572 18.78 -8.63 45.57
N LYS A 573 18.39 -9.07 46.76
CA LYS A 573 17.23 -8.44 47.39
C LYS A 573 17.54 -6.99 47.78
N LEU A 574 18.81 -6.68 48.08
CA LEU A 574 19.19 -5.29 48.30
C LEU A 574 19.00 -4.47 47.03
N MET A 575 19.40 -5.00 45.88
CA MET A 575 19.16 -4.31 44.62
C MET A 575 17.68 -4.09 44.38
N LYS A 576 16.87 -5.12 44.64
CA LYS A 576 15.43 -4.98 44.46
C LYS A 576 14.87 -3.90 45.38
N GLU A 577 15.40 -3.80 46.60
CA GLU A 577 14.93 -2.79 47.53
C GLU A 577 15.31 -1.39 47.08
N ILE A 578 16.58 -1.19 46.72
CA ILE A 578 17.04 0.14 46.31
C ILE A 578 16.46 0.51 44.95
N LEU A 579 16.34 -0.47 44.05
CA LEU A 579 15.79 -0.26 42.72
C LEU A 579 14.53 -1.11 42.63
N ASP A 580 13.39 -0.51 42.98
CA ASP A 580 12.12 -1.23 43.03
C ASP A 580 11.18 -0.88 41.90
N LYS A 581 11.19 0.36 41.42
CA LYS A 581 10.33 0.78 40.33
C LYS A 581 11.03 0.77 38.98
N LYS A 582 12.36 0.65 38.96
CA LYS A 582 13.12 0.60 37.72
C LYS A 582 13.47 -0.81 37.28
N VAL A 583 13.78 -1.69 38.23
CA VAL A 583 14.10 -3.08 37.95
C VAL A 583 13.11 -3.97 38.68
N GLU A 584 12.52 -4.92 37.96
CA GLU A 584 11.52 -5.80 38.54
C GLU A 584 12.04 -7.21 38.81
N LYS A 585 13.33 -7.45 38.60
CA LYS A 585 13.94 -8.72 38.98
C LYS A 585 15.46 -8.59 38.89
N VAL A 586 16.15 -9.07 39.90
CA VAL A 586 17.60 -9.19 39.89
C VAL A 586 17.95 -10.63 40.21
N THR A 587 18.72 -11.28 39.34
CA THR A 587 19.05 -12.68 39.50
C THR A 587 20.47 -12.94 39.00
N ILE A 588 20.85 -14.21 38.98
CA ILE A 588 22.18 -14.64 38.57
C ILE A 588 22.00 -15.70 37.48
N SER A 589 22.73 -15.54 36.37
CA SER A 589 22.68 -16.50 35.29
C SER A 589 24.03 -16.58 34.62
N ASN A 590 24.09 -17.35 33.53
CA ASN A 590 25.32 -17.60 32.81
C ASN A 590 25.27 -16.88 31.46
N ARG A 591 25.69 -15.61 31.46
CA ARG A 591 25.71 -14.85 30.22
C ARG A 591 27.00 -14.05 30.06
N LEU A 592 27.68 -13.77 31.17
CA LEU A 592 28.81 -12.85 31.18
C LEU A 592 30.05 -13.51 31.75
N VAL A 593 31.21 -13.00 31.33
CA VAL A 593 32.49 -13.44 31.85
C VAL A 593 33.27 -12.22 32.34
N SER A 594 33.43 -11.23 31.47
CA SER A 594 34.24 -10.05 31.76
C SER A 594 33.41 -8.81 32.07
N SER A 595 32.11 -8.98 32.30
CA SER A 595 31.25 -7.86 32.67
C SER A 595 30.42 -8.23 33.89
N PRO A 596 30.24 -7.30 34.83
CA PRO A 596 29.54 -7.62 36.07
C PRO A 596 28.04 -7.44 36.05
N CYS A 597 27.49 -6.66 35.13
CA CYS A 597 26.06 -6.39 35.14
C CYS A 597 25.56 -6.24 33.71
N CYS A 598 24.34 -6.71 33.48
CA CYS A 598 23.67 -6.55 32.19
C CYS A 598 22.17 -6.55 32.43
N ILE A 599 21.44 -5.92 31.52
CA ILE A 599 19.99 -5.78 31.62
C ILE A 599 19.39 -6.66 30.54
N VAL A 600 18.66 -7.69 30.94
CA VAL A 600 17.99 -8.55 29.98
C VAL A 600 16.49 -8.27 30.03
N THR A 601 15.84 -8.47 28.89
CA THR A 601 14.40 -8.27 28.77
C THR A 601 13.68 -9.60 28.98
N SER A 602 12.44 -9.51 29.48
CA SER A 602 11.66 -10.70 29.70
C SER A 602 11.31 -11.39 28.39
N THR A 603 10.86 -12.64 28.50
CA THR A 603 10.54 -13.42 27.31
C THR A 603 9.36 -12.84 26.55
N TYR A 604 8.53 -12.04 27.21
CA TYR A 604 7.42 -11.35 26.56
C TYR A 604 7.57 -9.86 26.80
N GLY A 605 7.70 -9.10 25.72
CA GLY A 605 7.97 -7.68 25.80
C GLY A 605 8.73 -7.23 24.56
N TRP A 606 9.53 -6.19 24.74
CA TRP A 606 10.32 -5.62 23.65
C TRP A 606 11.79 -5.61 24.03
N THR A 607 12.62 -6.14 23.13
CA THR A 607 14.06 -6.00 23.29
C THR A 607 14.43 -4.53 23.38
N ALA A 608 15.49 -4.21 24.13
CA ALA A 608 15.93 -2.83 24.26
C ALA A 608 16.08 -2.17 22.91
N ASN A 609 16.65 -2.88 21.94
CA ASN A 609 16.67 -2.37 20.58
C ASN A 609 15.28 -2.27 19.98
N MET A 610 14.43 -3.27 20.24
CA MET A 610 13.06 -3.22 19.75
C MET A 610 12.32 -2.02 20.33
N GLU A 611 12.49 -1.79 21.64
CA GLU A 611 11.88 -0.64 22.28
C GLU A 611 12.43 0.66 21.71
N ARG A 612 13.73 0.71 21.44
CA ARG A 612 14.32 1.92 20.87
C ARG A 612 13.72 2.22 19.51
N ILE A 613 13.57 1.20 18.67
CA ILE A 613 13.01 1.38 17.34
C ILE A 613 11.58 1.88 17.44
N MET A 614 10.79 1.28 18.35
CA MET A 614 9.43 1.76 18.55
C MET A 614 9.39 3.21 19.02
N LYS A 615 10.29 3.57 19.95
CA LYS A 615 10.27 4.91 20.51
C LYS A 615 10.68 5.96 19.49
N ALA A 616 11.59 5.62 18.58
CA ALA A 616 12.12 6.60 17.65
C ALA A 616 11.37 6.63 16.31
N GLN A 617 10.28 5.88 16.18
CA GLN A 617 9.49 5.94 14.97
C GLN A 617 8.78 7.29 14.86
N ALA A 618 8.66 7.80 13.64
CA ALA A 618 8.06 9.11 13.43
C ALA A 618 6.58 9.10 13.81
N LEU A 619 5.82 8.16 13.27
CA LEU A 619 4.38 8.08 13.51
C LEU A 619 4.11 6.82 14.31
N ARG A 620 4.11 6.97 15.64
CA ARG A 620 3.86 5.86 16.55
C ARG A 620 2.99 6.37 17.69
N ASP A 621 1.84 5.73 17.89
CA ASP A 621 0.93 6.16 18.95
C ASP A 621 1.56 5.89 20.31
N ASN A 622 1.37 6.82 21.25
CA ASN A 622 2.00 6.70 22.55
C ASN A 622 1.03 6.21 23.63
N SER A 623 -0.28 6.22 23.34
CA SER A 623 -1.25 5.77 24.34
C SER A 623 -1.02 4.32 24.72
N THR A 624 -0.83 3.45 23.72
CA THR A 624 -0.57 2.05 23.96
C THR A 624 0.92 1.71 23.95
N MET A 625 1.78 2.72 23.76
CA MET A 625 3.21 2.48 23.86
C MET A 625 3.59 2.01 25.25
N GLY A 626 3.01 2.64 26.28
CA GLY A 626 3.29 2.26 27.65
C GLY A 626 2.85 0.87 28.02
N TYR A 627 1.97 0.26 27.22
CA TYR A 627 1.52 -1.10 27.52
C TYR A 627 2.68 -2.07 27.31
N MET A 628 3.36 -1.97 26.17
CA MET A 628 4.42 -2.90 25.79
C MET A 628 5.80 -2.46 26.25
N MET A 629 5.89 -1.74 27.37
CA MET A 629 7.18 -1.50 27.99
C MET A 629 7.83 -2.81 28.37
N ALA A 630 9.12 -2.93 28.06
CA ALA A 630 9.89 -4.07 28.51
C ALA A 630 10.00 -4.06 30.02
N LYS A 631 9.85 -5.23 30.63
CA LYS A 631 10.05 -5.39 32.06
C LYS A 631 11.48 -5.90 32.27
N LYS A 632 12.35 -5.00 32.71
CA LYS A 632 13.78 -5.26 32.74
C LYS A 632 14.12 -6.31 33.79
N HIS A 633 15.34 -6.84 33.70
CA HIS A 633 15.82 -7.84 34.64
C HIS A 633 17.33 -7.65 34.78
N LEU A 634 17.76 -7.14 35.94
CA LEU A 634 19.20 -7.03 36.19
C LEU A 634 19.82 -8.41 36.30
N GLU A 635 21.03 -8.53 35.78
CA GLU A 635 21.78 -9.79 35.78
C GLU A 635 23.18 -9.50 36.30
N ILE A 636 23.51 -10.08 37.45
CA ILE A 636 24.79 -9.85 38.11
C ILE A 636 25.69 -11.06 37.86
N ASN A 637 26.89 -10.79 37.38
CA ASN A 637 27.87 -11.85 37.12
C ASN A 637 28.68 -12.12 38.39
N PRO A 638 28.37 -13.19 39.12
CA PRO A 638 29.00 -13.38 40.44
C PRO A 638 30.51 -13.51 40.39
N ASP A 639 31.06 -14.06 39.31
CA ASP A 639 32.52 -14.22 39.23
C ASP A 639 33.25 -12.90 39.08
N HIS A 640 32.55 -11.83 38.73
CA HIS A 640 33.20 -10.53 38.61
C HIS A 640 33.56 -9.99 39.99
N PRO A 641 34.74 -9.43 40.16
CA PRO A 641 35.14 -8.91 41.48
C PRO A 641 34.25 -7.79 42.00
N ILE A 642 33.62 -7.01 41.11
CA ILE A 642 32.86 -5.85 41.56
C ILE A 642 31.71 -6.26 42.45
N VAL A 643 30.91 -7.23 42.00
CA VAL A 643 29.75 -7.65 42.78
C VAL A 643 30.19 -8.33 44.07
N GLU A 644 31.29 -9.09 44.03
CA GLU A 644 31.78 -9.74 45.24
C GLU A 644 32.20 -8.72 46.29
N THR A 645 32.97 -7.71 45.88
CA THR A 645 33.37 -6.66 46.80
C THR A 645 32.17 -5.87 47.28
N LEU A 646 31.19 -5.66 46.41
CA LEU A 646 29.96 -4.97 46.81
C LEU A 646 29.22 -5.76 47.88
N ARG A 647 29.15 -7.08 47.72
CA ARG A 647 28.53 -7.91 48.74
C ARG A 647 29.31 -7.86 50.04
N GLN A 648 30.64 -7.83 49.95
CA GLN A 648 31.45 -7.69 51.16
C GLN A 648 31.14 -6.39 51.88
N LYS A 649 31.01 -5.29 51.14
CA LYS A 649 30.68 -4.01 51.75
C LYS A 649 29.26 -4.03 52.32
N ALA A 650 28.33 -4.67 51.61
CA ALA A 650 26.94 -4.71 52.07
C ALA A 650 26.79 -5.52 53.35
N GLU A 651 27.56 -6.61 53.47
CA GLU A 651 27.47 -7.44 54.67
C GLU A 651 27.79 -6.65 55.93
N ALA A 652 28.68 -5.66 55.84
CA ALA A 652 28.94 -4.79 56.97
C ALA A 652 27.71 -3.99 57.36
N ASP A 653 27.03 -3.41 56.37
CA ASP A 653 25.82 -2.63 56.62
C ASP A 653 25.06 -2.46 55.31
N LYS A 654 23.74 -2.48 55.40
CA LYS A 654 22.88 -2.26 54.24
C LYS A 654 22.48 -0.81 54.06
N ASN A 655 22.82 0.06 55.01
CA ASN A 655 22.44 1.47 54.95
C ASN A 655 23.57 2.37 54.50
N ASP A 656 24.66 1.80 54.00
CA ASP A 656 25.81 2.60 53.58
C ASP A 656 25.43 3.50 52.41
N LYS A 657 25.86 4.76 52.47
CA LYS A 657 25.63 5.67 51.35
C LYS A 657 26.31 5.16 50.10
N ALA A 658 27.63 4.94 50.17
CA ALA A 658 28.40 4.58 48.99
C ALA A 658 27.88 3.31 48.34
N VAL A 659 27.35 2.39 49.15
CA VAL A 659 26.88 1.12 48.61
C VAL A 659 25.77 1.34 47.58
N LYS A 660 24.74 2.10 47.95
CA LYS A 660 23.66 2.29 46.99
C LYS A 660 24.00 3.34 45.93
N ASP A 661 24.81 4.35 46.27
CA ASP A 661 25.20 5.25 45.19
C ASP A 661 26.16 4.61 44.20
N LEU A 662 26.76 3.46 44.53
CA LEU A 662 27.48 2.67 43.56
C LEU A 662 26.59 1.66 42.86
N VAL A 663 25.58 1.14 43.57
CA VAL A 663 24.62 0.24 42.95
C VAL A 663 23.88 0.94 41.83
N VAL A 664 23.44 2.17 42.07
CA VAL A 664 22.69 2.90 41.05
C VAL A 664 23.61 3.22 39.86
N LEU A 665 24.88 3.54 40.13
CA LEU A 665 25.82 3.78 39.04
C LEU A 665 26.03 2.52 38.21
N LEU A 666 26.16 1.38 38.87
CA LEU A 666 26.31 0.12 38.14
C LEU A 666 25.07 -0.18 37.30
N PHE A 667 23.89 0.06 37.87
CA PHE A 667 22.65 -0.18 37.12
C PHE A 667 22.59 0.72 35.90
N GLU A 668 22.93 2.00 36.05
CA GLU A 668 22.89 2.92 34.92
C GLU A 668 23.90 2.53 33.84
N THR A 669 25.12 2.15 34.26
CA THR A 669 26.12 1.76 33.27
C THR A 669 25.71 0.49 32.54
N ALA A 670 25.14 -0.48 33.26
CA ALA A 670 24.63 -1.67 32.59
C ALA A 670 23.47 -1.35 31.67
N LEU A 671 22.62 -0.41 32.05
CA LEU A 671 21.53 0.02 31.18
C LEU A 671 22.09 0.61 29.89
N LEU A 672 23.16 1.40 29.99
CA LEU A 672 23.83 1.89 28.79
C LEU A 672 24.40 0.74 27.97
N SER A 673 25.01 -0.25 28.64
CA SER A 673 25.58 -1.38 27.93
C SER A 673 24.53 -2.27 27.28
N SER A 674 23.30 -2.24 27.78
CA SER A 674 22.24 -3.10 27.27
C SER A 674 21.44 -2.46 26.15
N GLY A 675 21.79 -1.25 25.73
CA GLY A 675 21.11 -0.60 24.63
C GLY A 675 19.91 0.23 25.03
N PHE A 676 19.52 0.23 26.30
CA PHE A 676 18.41 1.07 26.74
C PHE A 676 18.80 2.53 26.72
N SER A 677 17.79 3.39 26.65
CA SER A 677 17.99 4.83 26.70
C SER A 677 17.70 5.34 28.10
N LEU A 678 18.60 6.17 28.62
CA LEU A 678 18.44 6.70 29.96
C LEU A 678 17.26 7.66 30.02
N GLU A 679 16.46 7.55 31.08
CA GLU A 679 15.33 8.46 31.26
C GLU A 679 15.82 9.90 31.39
N ASP A 680 16.88 10.10 32.18
CA ASP A 680 17.49 11.42 32.36
C ASP A 680 19.00 11.25 32.37
N PRO A 681 19.67 11.44 31.23
CA PRO A 681 21.14 11.31 31.20
C PRO A 681 21.84 12.36 32.04
N GLN A 682 21.15 13.44 32.41
CA GLN A 682 21.79 14.47 33.22
C GLN A 682 22.16 13.95 34.60
N THR A 683 21.36 13.05 35.17
CA THR A 683 21.72 12.45 36.45
C THR A 683 23.01 11.63 36.33
N HIS A 684 23.11 10.82 35.28
CA HIS A 684 24.35 10.09 35.07
C HIS A 684 25.53 11.03 34.88
N SER A 685 25.35 12.08 34.09
CA SER A 685 26.43 13.02 33.85
C SER A 685 26.88 13.69 35.14
N ASN A 686 25.92 14.18 35.94
CA ASN A 686 26.29 14.94 37.12
C ASN A 686 26.89 14.04 38.20
N ARG A 687 26.41 12.80 38.32
CA ARG A 687 27.09 11.89 39.25
C ARG A 687 28.48 11.55 38.74
N ILE A 688 28.67 11.47 37.43
CA ILE A 688 30.00 11.22 36.89
C ILE A 688 30.94 12.38 37.23
N TYR A 689 30.49 13.61 37.03
CA TYR A 689 31.39 14.71 37.39
C TYR A 689 31.60 14.83 38.89
N ARG A 690 30.59 14.54 39.71
CA ARG A 690 30.83 14.59 41.15
C ARG A 690 31.85 13.54 41.56
N MET A 691 31.78 12.35 40.98
CA MET A 691 32.72 11.30 41.34
C MET A 691 34.11 11.60 40.79
N ILE A 692 34.20 12.28 39.64
CA ILE A 692 35.52 12.66 39.15
C ILE A 692 36.10 13.81 39.97
N LYS A 693 35.23 14.68 40.50
CA LYS A 693 35.66 15.71 41.44
C LYS A 693 36.31 15.07 42.66
N LEU A 694 35.62 14.07 43.25
CA LEU A 694 36.21 13.40 44.40
C LEU A 694 37.43 12.58 44.00
N GLY A 695 37.50 12.13 42.75
CA GLY A 695 38.68 11.43 42.28
C GLY A 695 39.91 12.33 42.21
N LEU A 696 39.75 13.55 41.71
CA LEU A 696 40.85 14.51 41.68
C LEU A 696 40.99 15.29 42.97
N GLY A 697 40.06 15.13 43.92
CA GLY A 697 40.19 15.76 45.21
C GLY A 697 40.03 17.27 45.16
N ILE A 698 39.01 17.74 44.45
CA ILE A 698 38.75 19.17 44.34
C ILE A 698 37.35 19.45 44.87
N ASP A 699 36.85 18.57 45.73
CA ASP A 699 35.55 18.72 46.37
C ASP A 699 34.42 18.90 45.36
N GLU B 18 -20.05 18.08 -54.84
CA GLU B 18 -19.65 17.39 -56.07
C GLU B 18 -20.27 16.00 -56.12
N GLU B 19 -19.61 15.04 -55.46
CA GLU B 19 -20.07 13.66 -55.41
C GLU B 19 -20.40 13.22 -53.99
N VAL B 20 -20.80 14.17 -53.14
CA VAL B 20 -21.10 13.87 -51.75
C VAL B 20 -22.31 12.94 -51.65
N GLU B 21 -22.25 11.98 -50.74
CA GLU B 21 -23.34 11.04 -50.51
C GLU B 21 -23.48 10.84 -49.00
N THR B 22 -24.48 11.47 -48.40
CA THR B 22 -24.66 11.43 -46.96
C THR B 22 -25.37 10.14 -46.55
N PHE B 23 -24.86 9.53 -45.48
CA PHE B 23 -25.47 8.36 -44.87
C PHE B 23 -25.92 8.71 -43.45
N ALA B 24 -26.37 7.70 -42.71
CA ALA B 24 -26.76 7.85 -41.33
C ALA B 24 -26.04 6.80 -40.48
N PHE B 25 -25.65 7.21 -39.28
CA PHE B 25 -24.99 6.29 -38.35
C PHE B 25 -25.96 5.20 -37.91
N GLN B 26 -25.46 3.97 -37.84
CA GLN B 26 -26.26 2.86 -37.33
C GLN B 26 -25.54 2.17 -36.18
N ALA B 27 -26.05 1.03 -35.73
CA ALA B 27 -25.45 0.33 -34.61
C ALA B 27 -25.71 -1.16 -34.75
N GLU B 28 -24.87 -1.95 -34.09
CA GLU B 28 -25.04 -3.40 -34.02
C GLU B 28 -25.63 -3.71 -32.64
N ILE B 29 -26.93 -4.02 -32.63
CA ILE B 29 -27.65 -4.11 -31.35
C ILE B 29 -27.13 -5.26 -30.51
N ALA B 30 -26.87 -6.42 -31.14
CA ALA B 30 -26.39 -7.56 -30.37
C ALA B 30 -25.04 -7.27 -29.74
N GLN B 31 -24.10 -6.73 -30.52
CA GLN B 31 -22.79 -6.41 -29.99
C GLN B 31 -22.88 -5.31 -28.93
N LEU B 32 -23.77 -4.35 -29.13
CA LEU B 32 -23.91 -3.27 -28.15
C LEU B 32 -24.47 -3.77 -26.83
N MET B 33 -25.45 -4.69 -26.90
CA MET B 33 -25.90 -5.38 -25.69
C MET B 33 -24.76 -6.12 -25.03
N SER B 34 -23.93 -6.81 -25.81
CA SER B 34 -22.83 -7.55 -25.23
C SER B 34 -21.85 -6.61 -24.54
N LEU B 35 -21.56 -5.47 -25.15
CA LEU B 35 -20.68 -4.49 -24.51
C LEU B 35 -21.29 -3.93 -23.23
N ILE B 36 -22.58 -3.63 -23.26
CA ILE B 36 -23.24 -3.07 -22.08
C ILE B 36 -23.22 -4.07 -20.93
N ILE B 37 -23.48 -5.34 -21.23
CA ILE B 37 -23.48 -6.36 -20.18
C ILE B 37 -22.06 -6.61 -19.68
N ASN B 38 -21.09 -6.66 -20.58
CA ASN B 38 -19.75 -7.14 -20.26
C ASN B 38 -18.79 -6.02 -19.86
N THR B 39 -18.53 -5.08 -20.75
CA THR B 39 -17.35 -4.23 -20.64
C THR B 39 -17.63 -2.86 -20.04
N PHE B 40 -18.61 -2.75 -19.15
CA PHE B 40 -18.85 -1.49 -18.45
C PHE B 40 -18.64 -1.62 -16.96
N TYR B 41 -19.26 -2.61 -16.33
CA TYR B 41 -19.34 -2.69 -14.89
C TYR B 41 -18.40 -3.77 -14.36
N SER B 42 -17.44 -3.35 -13.54
CA SER B 42 -16.43 -4.25 -13.00
C SER B 42 -16.96 -5.18 -11.92
N ASN B 43 -17.93 -4.73 -11.15
CA ASN B 43 -18.50 -5.51 -10.06
C ASN B 43 -19.93 -5.90 -10.41
N LYS B 44 -20.21 -7.19 -10.36
CA LYS B 44 -21.53 -7.70 -10.69
C LYS B 44 -22.60 -7.24 -9.72
N GLU B 45 -22.21 -6.74 -8.55
CA GLU B 45 -23.18 -6.38 -7.52
C GLU B 45 -23.90 -5.08 -7.81
N ILE B 46 -23.36 -4.23 -8.69
CA ILE B 46 -23.94 -2.89 -8.86
C ILE B 46 -25.21 -2.90 -9.69
N PHE B 47 -25.66 -4.06 -10.14
CA PHE B 47 -27.02 -4.14 -10.68
C PHE B 47 -28.04 -3.66 -9.67
N LEU B 48 -27.81 -3.99 -8.39
CA LEU B 48 -28.70 -3.51 -7.34
C LEU B 48 -28.67 -2.00 -7.23
N ARG B 49 -27.48 -1.40 -7.32
CA ARG B 49 -27.40 0.05 -7.30
C ARG B 49 -28.16 0.66 -8.46
N GLU B 50 -28.02 0.08 -9.65
CA GLU B 50 -28.70 0.61 -10.83
C GLU B 50 -30.22 0.53 -10.66
N LEU B 51 -30.72 -0.63 -10.26
CA LEU B 51 -32.16 -0.80 -10.13
C LEU B 51 -32.73 0.09 -9.03
N ILE B 52 -32.02 0.21 -7.91
CA ILE B 52 -32.50 1.06 -6.83
C ILE B 52 -32.47 2.52 -7.25
N SER B 53 -31.46 2.92 -8.02
CA SER B 53 -31.42 4.29 -8.52
C SER B 53 -32.59 4.56 -9.44
N ASN B 54 -32.93 3.61 -10.31
CA ASN B 54 -34.08 3.81 -11.18
C ASN B 54 -35.39 3.86 -10.41
N ALA B 55 -35.54 3.00 -9.39
CA ALA B 55 -36.75 3.06 -8.57
C ALA B 55 -36.86 4.39 -7.85
N SER B 56 -35.75 4.89 -7.31
CA SER B 56 -35.76 6.21 -6.70
C SER B 56 -36.08 7.29 -7.72
N ASP B 57 -35.63 7.10 -8.97
CA ASP B 57 -35.96 8.04 -10.02
C ASP B 57 -37.46 8.09 -10.27
N ALA B 58 -38.09 6.92 -10.32
CA ALA B 58 -39.54 6.87 -10.51
C ALA B 58 -40.25 7.51 -9.32
N LEU B 59 -39.78 7.25 -8.11
CA LEU B 59 -40.38 7.86 -6.93
C LEU B 59 -40.24 9.37 -6.96
N ASP B 60 -39.08 9.88 -7.36
CA ASP B 60 -38.89 11.31 -7.48
C ASP B 60 -39.82 11.91 -8.54
N LYS B 61 -39.98 11.22 -9.67
CA LYS B 61 -40.89 11.70 -10.70
C LYS B 61 -42.30 11.81 -10.16
N ILE B 62 -42.79 10.75 -9.51
CA ILE B 62 -44.17 10.76 -9.03
C ILE B 62 -44.34 11.79 -7.91
N ARG B 63 -43.33 11.97 -7.07
CA ARG B 63 -43.41 12.98 -6.02
C ARG B 63 -43.49 14.37 -6.61
N TYR B 64 -42.70 14.65 -7.65
CA TYR B 64 -42.78 15.96 -8.29
C TYR B 64 -44.14 16.16 -8.96
N GLU B 65 -44.66 15.13 -9.61
CA GLU B 65 -45.99 15.25 -10.20
C GLU B 65 -47.06 15.46 -9.14
N SER B 66 -46.83 14.97 -7.93
CA SER B 66 -47.78 15.18 -6.85
C SER B 66 -47.91 16.66 -6.50
N LEU B 67 -46.81 17.41 -6.57
CA LEU B 67 -46.83 18.82 -6.21
C LEU B 67 -47.70 19.66 -7.13
N THR B 68 -47.97 19.18 -8.34
CA THR B 68 -48.85 19.87 -9.27
C THR B 68 -50.26 19.29 -9.30
N ASP B 69 -50.40 18.01 -9.00
CA ASP B 69 -51.70 17.35 -9.01
C ASP B 69 -51.65 16.22 -7.98
N PRO B 70 -52.26 16.40 -6.81
CA PRO B 70 -52.29 15.33 -5.80
C PRO B 70 -53.35 14.27 -6.02
N SER B 71 -54.14 14.38 -7.09
CA SER B 71 -55.22 13.45 -7.37
C SER B 71 -54.78 12.26 -8.20
N LYS B 72 -53.50 12.18 -8.56
CA LYS B 72 -52.97 11.06 -9.34
C LYS B 72 -52.23 10.06 -8.45
N LEU B 73 -52.49 10.11 -7.14
CA LEU B 73 -51.87 9.20 -6.18
C LEU B 73 -52.91 8.37 -5.47
N ASP B 74 -54.07 8.19 -6.09
CA ASP B 74 -55.14 7.42 -5.47
C ASP B 74 -54.79 5.94 -5.33
N SER B 75 -53.97 5.41 -6.23
CA SER B 75 -53.52 4.02 -6.18
C SER B 75 -52.16 4.01 -5.50
N GLY B 76 -52.15 3.78 -4.19
CA GLY B 76 -50.92 3.83 -3.42
C GLY B 76 -50.57 5.24 -3.01
N LYS B 77 -50.26 5.44 -1.73
CA LYS B 77 -49.96 6.77 -1.23
C LYS B 77 -48.52 6.85 -0.72
N GLU B 78 -48.00 5.73 -0.23
CA GLU B 78 -46.63 5.70 0.25
C GLU B 78 -45.65 5.59 -0.93
N LEU B 79 -44.42 6.00 -0.67
CA LEU B 79 -43.34 5.93 -1.66
C LEU B 79 -42.25 5.06 -1.07
N LYS B 80 -42.25 3.78 -1.44
CA LYS B 80 -41.36 2.81 -0.83
C LYS B 80 -40.69 1.96 -1.89
N ILE B 81 -39.53 1.43 -1.54
CA ILE B 81 -38.76 0.51 -2.38
C ILE B 81 -38.64 -0.80 -1.62
N ASP B 82 -38.97 -1.90 -2.29
CA ASP B 82 -38.97 -3.21 -1.64
C ASP B 82 -38.12 -4.17 -2.44
N ILE B 83 -37.34 -4.99 -1.73
CA ILE B 83 -36.59 -6.08 -2.32
C ILE B 83 -37.07 -7.37 -1.68
N ILE B 84 -37.50 -8.32 -2.51
CA ILE B 84 -38.05 -9.57 -2.01
C ILE B 84 -37.33 -10.74 -2.68
N PRO B 85 -36.16 -11.13 -2.20
CA PRO B 85 -35.53 -12.34 -2.71
C PRO B 85 -36.40 -13.56 -2.46
N ASN B 86 -36.40 -14.49 -3.42
CA ASN B 86 -37.19 -15.70 -3.36
C ASN B 86 -36.30 -16.88 -3.72
N PRO B 87 -35.46 -17.34 -2.78
CA PRO B 87 -34.48 -18.38 -3.12
C PRO B 87 -35.09 -19.67 -3.62
N GLN B 88 -36.30 -20.04 -3.20
CA GLN B 88 -36.92 -21.26 -3.71
C GLN B 88 -37.16 -21.17 -5.20
N GLU B 89 -37.63 -20.03 -5.69
CA GLU B 89 -37.77 -19.79 -7.11
C GLU B 89 -36.49 -19.19 -7.71
N ARG B 90 -35.60 -18.67 -6.86
CA ARG B 90 -34.33 -18.08 -7.28
C ARG B 90 -34.57 -16.82 -8.13
N THR B 91 -35.39 -15.92 -7.60
CA THR B 91 -35.66 -14.64 -8.24
C THR B 91 -35.57 -13.54 -7.21
N LEU B 92 -34.97 -12.42 -7.60
CA LEU B 92 -34.81 -11.26 -6.74
C LEU B 92 -35.63 -10.12 -7.33
N THR B 93 -36.86 -9.96 -6.86
CA THR B 93 -37.71 -8.90 -7.32
C THR B 93 -37.23 -7.56 -6.77
N LEU B 94 -37.79 -6.47 -7.32
CA LEU B 94 -37.55 -5.13 -6.77
C LEU B 94 -38.79 -4.30 -7.05
N VAL B 95 -39.70 -4.28 -6.10
CA VAL B 95 -40.97 -3.58 -6.27
C VAL B 95 -40.80 -2.13 -5.89
N ASP B 96 -41.59 -1.27 -6.51
CA ASP B 96 -41.56 0.15 -6.21
C ASP B 96 -42.89 0.77 -6.63
N THR B 97 -43.40 1.67 -5.79
CA THR B 97 -44.62 2.42 -6.10
C THR B 97 -44.26 3.77 -6.72
N GLY B 98 -43.51 3.69 -7.81
CA GLY B 98 -43.04 4.88 -8.49
C GLY B 98 -44.07 5.50 -9.41
N ILE B 99 -43.66 5.88 -10.60
CA ILE B 99 -44.56 6.54 -11.56
C ILE B 99 -45.08 5.50 -12.55
N GLY B 100 -44.31 4.43 -12.75
CA GLY B 100 -44.69 3.42 -13.72
C GLY B 100 -44.43 3.87 -15.13
N MET B 101 -44.71 2.98 -16.07
CA MET B 101 -44.49 3.25 -17.48
C MET B 101 -45.67 2.74 -18.30
N THR B 102 -46.06 3.51 -19.31
CA THR B 102 -47.14 3.13 -20.20
C THR B 102 -46.61 2.15 -21.25
N LYS B 103 -47.40 1.88 -22.27
CA LYS B 103 -46.95 1.02 -23.37
C LYS B 103 -45.83 1.69 -24.15
N ALA B 104 -46.03 2.94 -24.55
CA ALA B 104 -45.03 3.65 -25.33
C ALA B 104 -43.73 3.82 -24.54
N ASP B 105 -43.84 4.20 -23.28
CA ASP B 105 -42.64 4.32 -22.45
C ASP B 105 -41.95 2.98 -22.27
N LEU B 106 -42.73 1.92 -22.10
CA LEU B 106 -42.15 0.59 -21.91
C LEU B 106 -41.37 0.18 -23.15
N ILE B 107 -41.93 0.42 -24.33
CA ILE B 107 -41.24 -0.04 -25.54
C ILE B 107 -40.09 0.90 -25.92
N ASN B 108 -40.17 2.17 -25.53
CA ASN B 108 -39.10 3.11 -25.88
C ASN B 108 -37.94 3.04 -24.89
N ASN B 109 -38.21 3.39 -23.63
CA ASN B 109 -37.13 3.54 -22.66
C ASN B 109 -36.44 2.21 -22.37
N LEU B 110 -37.23 1.16 -22.14
CA LEU B 110 -36.64 -0.15 -21.86
C LEU B 110 -36.37 -0.96 -23.12
N GLY B 111 -36.54 -0.37 -24.30
CA GLY B 111 -36.25 -1.09 -25.53
C GLY B 111 -35.14 -0.43 -26.33
N THR B 112 -34.85 0.84 -26.03
CA THR B 112 -33.87 1.60 -26.78
C THR B 112 -32.66 1.85 -25.90
N ILE B 113 -31.49 1.46 -26.40
CA ILE B 113 -30.23 1.76 -25.73
C ILE B 113 -29.96 3.25 -25.84
N ALA B 114 -29.39 3.82 -24.77
CA ALA B 114 -29.03 5.24 -24.68
C ALA B 114 -30.25 6.15 -24.64
N LYS B 115 -31.46 5.60 -24.65
CA LYS B 115 -32.67 6.38 -24.46
C LYS B 115 -33.05 6.34 -23.00
N SER B 116 -32.99 7.49 -22.34
CA SER B 116 -33.26 7.61 -20.91
C SER B 116 -34.41 8.58 -20.73
N GLY B 117 -35.57 8.07 -20.36
CA GLY B 117 -36.74 8.93 -20.16
C GLY B 117 -36.57 9.87 -18.99
N THR B 118 -35.67 9.55 -18.06
CA THR B 118 -35.40 10.47 -16.97
C THR B 118 -34.80 11.77 -17.48
N LYS B 119 -33.88 11.70 -18.43
CA LYS B 119 -33.31 12.92 -19.01
C LYS B 119 -34.38 13.75 -19.69
N ALA B 120 -35.26 13.09 -20.46
CA ALA B 120 -36.34 13.80 -21.12
C ALA B 120 -37.29 14.44 -20.11
N PHE B 121 -37.57 13.75 -19.00
CA PHE B 121 -38.39 14.34 -17.96
C PHE B 121 -37.70 15.54 -17.35
N MET B 122 -36.37 15.48 -17.20
CA MET B 122 -35.62 16.64 -16.74
C MET B 122 -35.76 17.80 -17.71
N GLU B 123 -35.75 17.53 -19.02
CA GLU B 123 -35.93 18.62 -19.98
C GLU B 123 -37.29 19.29 -19.82
N ALA B 124 -38.30 18.55 -19.41
CA ALA B 124 -39.63 19.10 -19.16
C ALA B 124 -39.78 19.54 -17.71
N LEU B 125 -38.85 20.35 -17.24
CA LEU B 125 -38.89 20.87 -15.88
C LEU B 125 -39.77 22.11 -15.75
N GLN B 126 -39.89 22.90 -16.81
CA GLN B 126 -40.83 24.02 -16.88
C GLN B 126 -40.64 25.00 -15.72
N ALA B 127 -39.40 25.51 -15.61
CA ALA B 127 -39.03 26.49 -14.59
C ALA B 127 -39.37 25.98 -13.19
N GLY B 128 -39.19 24.68 -12.98
CA GLY B 128 -39.48 24.06 -11.71
C GLY B 128 -38.31 23.24 -11.20
N ALA B 129 -37.10 23.74 -11.40
CA ALA B 129 -35.90 22.98 -11.06
C ALA B 129 -35.76 22.91 -9.55
N ASP B 130 -36.30 21.84 -8.96
CA ASP B 130 -36.19 21.61 -7.53
C ASP B 130 -35.82 20.19 -7.16
N ILE B 131 -35.77 19.26 -8.12
CA ILE B 131 -35.45 17.87 -7.87
C ILE B 131 -34.14 17.53 -8.56
N SER B 132 -33.39 16.62 -7.95
CA SER B 132 -32.17 16.09 -8.55
C SER B 132 -32.47 14.69 -9.07
N MET B 133 -32.25 14.48 -10.36
CA MET B 133 -32.70 13.29 -11.06
C MET B 133 -31.45 12.50 -11.48
N ILE B 134 -31.23 11.35 -10.87
CA ILE B 134 -30.01 10.60 -11.17
C ILE B 134 -30.27 9.62 -12.31
N GLY B 135 -30.22 10.12 -13.54
CA GLY B 135 -30.13 9.27 -14.72
C GLY B 135 -29.85 10.08 -15.96
N GLN B 136 -28.79 9.73 -16.69
CA GLN B 136 -28.40 10.45 -17.89
C GLN B 136 -28.11 9.55 -19.09
N PHE B 137 -27.82 8.27 -18.87
CA PHE B 137 -27.17 7.46 -19.91
C PHE B 137 -28.20 6.67 -20.72
N GLY B 138 -29.01 5.87 -20.05
CA GLY B 138 -29.98 5.04 -20.74
C GLY B 138 -29.52 3.60 -20.87
N VAL B 139 -28.39 3.29 -20.26
CA VAL B 139 -27.87 1.93 -20.24
C VAL B 139 -27.94 1.30 -18.86
N GLY B 140 -28.39 2.03 -17.84
CA GLY B 140 -28.32 1.54 -16.48
C GLY B 140 -29.16 0.29 -16.24
N PHE B 141 -30.32 0.20 -16.88
CA PHE B 141 -31.21 -0.93 -16.61
C PHE B 141 -30.57 -2.24 -17.00
N TYR B 142 -29.88 -2.29 -18.14
CA TYR B 142 -29.34 -3.54 -18.64
C TYR B 142 -28.23 -4.10 -17.78
N SER B 143 -27.88 -3.43 -16.67
CA SER B 143 -26.97 -4.00 -15.70
C SER B 143 -27.53 -5.25 -15.04
N ALA B 144 -28.85 -5.42 -15.03
CA ALA B 144 -29.46 -6.59 -14.41
C ALA B 144 -29.04 -7.88 -15.09
N TYR B 145 -28.61 -7.81 -16.35
CA TYR B 145 -28.15 -9.00 -17.06
C TYR B 145 -26.79 -9.47 -16.59
N LEU B 146 -26.10 -8.69 -15.77
CA LEU B 146 -24.83 -9.15 -15.20
C LEU B 146 -25.05 -10.39 -14.36
N VAL B 147 -26.15 -10.42 -13.60
CA VAL B 147 -26.43 -11.54 -12.70
C VAL B 147 -27.69 -12.30 -13.07
N ALA B 148 -28.57 -11.73 -13.88
CA ALA B 148 -29.84 -12.36 -14.21
C ALA B 148 -29.87 -12.71 -15.69
N GLU B 149 -30.19 -13.97 -15.98
CA GLU B 149 -30.29 -14.42 -17.37
C GLU B 149 -31.58 -13.98 -18.03
N LYS B 150 -32.64 -13.76 -17.26
CA LYS B 150 -33.93 -13.38 -17.82
C LYS B 150 -34.58 -12.35 -16.92
N VAL B 151 -34.89 -11.18 -17.48
CA VAL B 151 -35.49 -10.08 -16.74
C VAL B 151 -36.95 -10.00 -17.10
N VAL B 152 -37.81 -9.95 -16.07
CA VAL B 152 -39.25 -9.78 -16.23
C VAL B 152 -39.64 -8.49 -15.51
N VAL B 153 -40.23 -7.56 -16.25
CA VAL B 153 -40.57 -6.25 -15.72
C VAL B 153 -42.09 -6.09 -15.78
N ILE B 154 -42.68 -5.72 -14.64
CA ILE B 154 -44.11 -5.49 -14.54
C ILE B 154 -44.31 -4.08 -14.01
N THR B 155 -44.92 -3.22 -14.83
CA THR B 155 -45.15 -1.83 -14.48
C THR B 155 -46.62 -1.49 -14.69
N LYS B 156 -47.09 -0.50 -13.93
CA LYS B 156 -48.48 -0.07 -13.99
C LYS B 156 -48.52 1.44 -13.85
N HIS B 157 -48.82 2.14 -14.94
CA HIS B 157 -48.94 3.59 -14.90
C HIS B 157 -50.29 4.00 -14.35
N ASN B 158 -50.39 5.26 -13.95
CA ASN B 158 -51.66 5.80 -13.44
C ASN B 158 -52.75 5.71 -14.51
N ASP B 159 -52.42 6.09 -15.74
CA ASP B 159 -53.38 6.19 -16.83
C ASP B 159 -53.12 5.18 -17.93
N ASP B 160 -52.78 3.94 -17.55
CA ASP B 160 -52.59 2.88 -18.51
C ASP B 160 -52.69 1.54 -17.79
N GLU B 161 -53.07 0.52 -18.54
CA GLU B 161 -53.10 -0.84 -18.00
C GLU B 161 -51.68 -1.36 -17.87
N GLN B 162 -51.46 -2.19 -16.85
CA GLN B 162 -50.15 -2.73 -16.59
C GLN B 162 -49.72 -3.69 -17.70
N TYR B 163 -48.42 -3.69 -17.99
CA TYR B 163 -47.84 -4.56 -19.02
C TYR B 163 -46.64 -5.28 -18.45
N ALA B 164 -46.41 -6.50 -18.94
CA ALA B 164 -45.36 -7.38 -18.43
C ALA B 164 -44.21 -7.42 -19.44
N TRP B 165 -43.29 -6.47 -19.30
CA TRP B 165 -42.07 -6.47 -20.08
C TRP B 165 -41.19 -7.66 -19.69
N GLU B 166 -40.51 -8.23 -20.69
CA GLU B 166 -39.75 -9.44 -20.48
C GLU B 166 -38.67 -9.54 -21.56
N SER B 167 -37.47 -9.96 -21.16
CA SER B 167 -36.39 -10.17 -22.10
C SER B 167 -35.35 -11.09 -21.47
N SER B 168 -34.40 -11.52 -22.30
CA SER B 168 -33.27 -12.33 -21.86
C SER B 168 -31.98 -11.88 -22.53
N ALA B 169 -31.93 -10.62 -22.97
CA ALA B 169 -30.76 -10.06 -23.66
C ALA B 169 -30.38 -10.88 -24.88
N GLY B 170 -31.40 -11.44 -25.56
CA GLY B 170 -31.19 -12.18 -26.78
C GLY B 170 -31.38 -11.33 -28.01
N GLY B 171 -31.56 -10.03 -27.81
CA GLY B 171 -31.83 -9.11 -28.90
C GLY B 171 -33.29 -8.88 -29.19
N SER B 172 -34.20 -9.62 -28.55
CA SER B 172 -35.62 -9.47 -28.77
C SER B 172 -36.35 -9.59 -27.45
N PHE B 173 -37.29 -8.67 -27.20
CA PHE B 173 -38.04 -8.64 -25.96
C PHE B 173 -39.53 -8.64 -26.24
N THR B 174 -40.30 -9.17 -25.30
CA THR B 174 -41.74 -9.32 -25.45
C THR B 174 -42.46 -8.44 -24.44
N VAL B 175 -43.63 -7.94 -24.83
CA VAL B 175 -44.48 -7.16 -23.96
C VAL B 175 -45.83 -7.86 -23.85
N ARG B 176 -46.29 -8.07 -22.62
CA ARG B 176 -47.49 -8.84 -22.35
C ARG B 176 -48.58 -7.94 -21.81
N ALA B 177 -49.83 -8.36 -22.00
CA ALA B 177 -50.98 -7.63 -21.47
C ALA B 177 -51.02 -7.62 -19.95
N ASP B 178 -50.27 -8.50 -19.29
CA ASP B 178 -50.18 -8.54 -17.83
C ASP B 178 -51.54 -8.75 -17.18
N HIS B 179 -52.12 -9.92 -17.43
CA HIS B 179 -53.33 -10.35 -16.73
C HIS B 179 -53.03 -11.02 -15.40
N GLY B 180 -51.86 -10.75 -14.82
CA GLY B 180 -51.45 -11.35 -13.57
C GLY B 180 -51.88 -10.53 -12.37
N GLU B 181 -51.10 -10.65 -11.30
CA GLU B 181 -51.41 -9.97 -10.06
C GLU B 181 -51.33 -8.46 -10.26
N PRO B 182 -52.34 -7.71 -9.84
CA PRO B 182 -52.32 -6.26 -10.05
C PRO B 182 -51.53 -5.53 -8.97
N ILE B 183 -50.99 -4.38 -9.37
CA ILE B 183 -50.34 -3.45 -8.44
C ILE B 183 -50.91 -2.07 -8.70
N GLY B 184 -51.01 -1.29 -7.61
CA GLY B 184 -51.65 0.01 -7.71
C GLY B 184 -50.89 0.97 -8.61
N ARG B 185 -49.57 1.04 -8.44
CA ARG B 185 -48.77 2.02 -9.15
C ARG B 185 -47.32 1.56 -9.14
N GLY B 186 -46.52 2.16 -10.01
CA GLY B 186 -45.10 1.88 -10.03
C GLY B 186 -44.77 0.62 -10.81
N THR B 187 -43.53 0.19 -10.67
CA THR B 187 -43.00 -0.93 -11.43
C THR B 187 -42.56 -2.03 -10.47
N LYS B 188 -42.31 -3.21 -11.04
CA LYS B 188 -41.85 -4.36 -10.26
C LYS B 188 -40.96 -5.19 -11.18
N VAL B 189 -39.66 -4.98 -11.08
CA VAL B 189 -38.70 -5.72 -11.90
C VAL B 189 -38.41 -7.04 -11.23
N ILE B 190 -38.31 -8.10 -12.02
CA ILE B 190 -38.02 -9.43 -11.53
C ILE B 190 -36.75 -9.93 -12.21
N LEU B 191 -35.78 -10.35 -11.41
CA LEU B 191 -34.49 -10.83 -11.92
C LEU B 191 -34.43 -12.34 -11.71
N HIS B 192 -34.40 -13.08 -12.81
CA HIS B 192 -34.21 -14.53 -12.75
C HIS B 192 -32.70 -14.75 -12.77
N LEU B 193 -32.12 -14.87 -11.57
CA LEU B 193 -30.68 -14.92 -11.44
C LEU B 193 -30.11 -16.15 -12.13
N LYS B 194 -28.87 -16.03 -12.59
CA LYS B 194 -28.17 -17.17 -13.16
C LYS B 194 -28.04 -18.27 -12.11
N GLU B 195 -27.81 -19.50 -12.60
CA GLU B 195 -27.72 -20.64 -11.69
C GLU B 195 -26.54 -20.55 -10.75
N ASP B 196 -25.58 -19.65 -11.01
CA ASP B 196 -24.41 -19.49 -10.15
C ASP B 196 -24.41 -18.20 -9.35
N GLN B 197 -25.09 -17.16 -9.83
CA GLN B 197 -25.12 -15.87 -9.11
C GLN B 197 -26.24 -15.90 -8.06
N THR B 198 -26.22 -16.95 -7.25
CA THR B 198 -27.19 -17.13 -6.19
C THR B 198 -26.77 -16.51 -4.88
N GLU B 199 -25.55 -15.96 -4.81
CA GLU B 199 -25.07 -15.36 -3.56
C GLU B 199 -25.73 -14.03 -3.25
N TYR B 200 -26.43 -13.44 -4.22
CA TYR B 200 -27.07 -12.14 -4.02
C TYR B 200 -28.47 -12.26 -3.45
N LEU B 201 -28.93 -13.47 -3.13
CA LEU B 201 -30.21 -13.63 -2.46
C LEU B 201 -30.08 -13.54 -0.95
N GLU B 202 -28.91 -13.89 -0.41
CA GLU B 202 -28.74 -13.95 1.03
C GLU B 202 -28.81 -12.55 1.64
N GLU B 203 -29.26 -12.50 2.90
CA GLU B 203 -29.46 -11.22 3.58
C GLU B 203 -28.15 -10.43 3.68
N ARG B 204 -27.05 -11.12 3.97
CA ARG B 204 -25.79 -10.44 4.17
C ARG B 204 -25.38 -9.67 2.93
N ARG B 205 -25.46 -10.30 1.76
CA ARG B 205 -24.96 -9.65 0.54
C ARG B 205 -25.80 -8.44 0.17
N VAL B 206 -27.13 -8.57 0.22
CA VAL B 206 -27.97 -7.43 -0.14
C VAL B 206 -27.79 -6.31 0.87
N LYS B 207 -27.66 -6.66 2.15
CA LYS B 207 -27.42 -5.64 3.17
C LYS B 207 -26.13 -4.89 2.88
N GLU B 208 -25.06 -5.63 2.57
CA GLU B 208 -23.78 -5.00 2.30
C GLU B 208 -23.84 -4.12 1.05
N VAL B 209 -24.51 -4.61 0.00
CA VAL B 209 -24.59 -3.84 -1.24
C VAL B 209 -25.36 -2.54 -1.02
N VAL B 210 -26.50 -2.63 -0.33
CA VAL B 210 -27.30 -1.44 -0.09
C VAL B 210 -26.54 -0.46 0.79
N LYS B 211 -25.87 -0.94 1.83
CA LYS B 211 -25.11 -0.06 2.69
C LYS B 211 -23.96 0.60 1.93
N LYS B 212 -23.35 -0.13 1.00
CA LYS B 212 -22.20 0.43 0.28
C LYS B 212 -22.62 1.46 -0.75
N HIS B 213 -23.71 1.21 -1.48
CA HIS B 213 -24.09 2.06 -2.61
C HIS B 213 -25.33 2.90 -2.36
N SER B 214 -26.45 2.28 -2.00
CA SER B 214 -27.74 2.95 -1.94
C SER B 214 -28.20 3.20 -0.52
N GLN B 215 -27.27 3.48 0.39
CA GLN B 215 -27.62 3.72 1.78
C GLN B 215 -28.22 5.10 2.01
N PHE B 216 -27.98 6.04 1.11
CA PHE B 216 -28.38 7.43 1.32
C PHE B 216 -29.52 7.86 0.39
N ILE B 217 -30.24 6.91 -0.17
CA ILE B 217 -31.41 7.22 -0.99
C ILE B 217 -32.51 7.75 -0.08
N GLY B 218 -33.15 8.85 -0.50
CA GLY B 218 -34.14 9.49 0.34
C GLY B 218 -35.34 8.61 0.65
N TYR B 219 -35.71 7.75 -0.28
CA TYR B 219 -36.90 6.94 -0.08
C TYR B 219 -36.57 5.67 0.70
N PRO B 220 -37.51 5.18 1.52
CA PRO B 220 -37.22 4.04 2.40
C PRO B 220 -37.16 2.74 1.63
N ILE B 221 -35.98 2.12 1.61
CA ILE B 221 -35.78 0.83 0.98
C ILE B 221 -35.92 -0.25 2.05
N THR B 222 -36.86 -1.17 1.84
CA THR B 222 -37.23 -2.16 2.86
C THR B 222 -36.91 -3.55 2.33
N LEU B 223 -35.90 -4.19 2.91
CA LEU B 223 -35.58 -5.55 2.55
C LEU B 223 -36.60 -6.52 3.15
N TYR B 224 -36.90 -7.59 2.41
CA TYR B 224 -37.86 -8.59 2.84
C TYR B 224 -37.20 -9.96 2.83
N LEU B 225 -37.34 -10.69 3.93
CA LEU B 225 -36.82 -12.04 4.03
C LEU B 225 -37.52 -12.76 5.17
N GLU B 226 -37.56 -14.09 5.08
CA GLU B 226 -38.27 -14.93 6.04
C GLU B 226 -37.26 -15.76 6.84
N LYS B 227 -36.98 -15.30 8.07
CA LYS B 227 -36.21 -16.11 9.01
C LYS B 227 -36.72 -15.96 10.43
N GLU B 228 -37.91 -15.39 10.63
CA GLU B 228 -38.41 -15.09 11.97
C GLU B 228 -38.73 -16.37 12.73
N ARG B 229 -38.26 -16.43 13.98
CA ARG B 229 -38.60 -17.52 14.88
C ARG B 229 -39.89 -17.13 15.61
N GLU B 230 -41.01 -17.73 15.20
CA GLU B 230 -42.30 -17.36 15.74
C GLU B 230 -42.42 -17.79 17.20
N LYS B 231 -43.15 -16.99 17.97
CA LYS B 231 -43.30 -17.24 19.39
C LYS B 231 -44.08 -18.53 19.63
N GLU B 232 -43.63 -19.31 20.62
CA GLU B 232 -44.26 -20.58 20.95
C GLU B 232 -44.20 -20.75 22.46
N ILE B 233 -45.33 -20.57 23.12
CA ILE B 233 -45.41 -20.73 24.57
C ILE B 233 -46.84 -21.13 24.93
N SER B 234 -46.97 -21.88 26.03
CA SER B 234 -48.25 -22.34 26.54
C SER B 234 -49.03 -23.16 25.51
N LYS B 278 -44.54 -24.76 16.65
CA LYS B 278 -43.24 -25.13 17.21
C LYS B 278 -42.15 -25.10 16.13
N LYS B 279 -41.01 -24.50 16.48
CA LYS B 279 -39.84 -24.43 15.60
C LYS B 279 -40.21 -23.81 14.25
N ILE B 280 -40.97 -22.72 14.30
CA ILE B 280 -41.42 -22.02 13.10
C ILE B 280 -40.36 -21.00 12.72
N LYS B 281 -39.88 -21.07 11.47
CA LYS B 281 -38.86 -20.17 10.98
C LYS B 281 -39.19 -19.62 9.59
N GLU B 282 -40.48 -19.57 9.24
CA GLU B 282 -40.92 -19.08 7.94
C GLU B 282 -41.89 -17.93 8.16
N LYS B 283 -41.36 -16.71 8.15
CA LYS B 283 -42.19 -15.51 8.31
C LYS B 283 -41.41 -14.33 7.76
N TYR B 284 -41.93 -13.70 6.71
CA TYR B 284 -41.25 -12.56 6.10
C TYR B 284 -41.11 -11.42 7.10
N ILE B 285 -39.90 -10.89 7.20
CA ILE B 285 -39.59 -9.81 8.13
C ILE B 285 -39.23 -8.56 7.32
N ASP B 286 -39.78 -7.42 7.75
CA ASP B 286 -39.50 -6.15 7.10
C ASP B 286 -38.36 -5.45 7.82
N GLN B 287 -37.31 -5.12 7.08
CA GLN B 287 -36.14 -4.45 7.64
C GLN B 287 -35.92 -3.12 6.94
N GLU B 288 -35.77 -2.06 7.72
CA GLU B 288 -35.41 -0.75 7.18
C GLU B 288 -34.11 -0.23 7.81
N GLU B 289 -33.35 -1.11 8.46
CA GLU B 289 -32.07 -0.73 9.04
C GLU B 289 -31.06 -0.28 7.99
N LEU B 290 -31.32 -0.58 6.72
CA LEU B 290 -30.43 -0.27 5.61
C LEU B 290 -30.71 1.09 4.98
N ASN B 291 -31.67 1.85 5.53
CA ASN B 291 -31.88 3.22 5.07
C ASN B 291 -32.17 4.17 6.23
N LYS B 292 -31.75 3.82 7.44
CA LYS B 292 -32.01 4.69 8.59
C LYS B 292 -31.24 5.98 8.51
N THR B 293 -30.01 5.94 7.98
CA THR B 293 -29.23 7.16 7.81
C THR B 293 -29.91 8.07 6.80
N LYS B 294 -30.06 9.34 7.15
CA LYS B 294 -30.72 10.31 6.29
C LYS B 294 -29.73 11.43 5.96
N PRO B 295 -29.56 11.79 4.70
CA PRO B 295 -28.65 12.90 4.36
C PRO B 295 -29.03 14.20 5.06
N ILE B 296 -28.19 14.66 5.97
CA ILE B 296 -28.46 15.92 6.64
C ILE B 296 -27.72 17.07 5.97
N TRP B 297 -26.62 16.78 5.27
CA TRP B 297 -25.84 17.83 4.63
C TRP B 297 -26.67 18.58 3.59
N THR B 298 -27.74 17.98 3.09
CA THR B 298 -28.61 18.66 2.14
C THR B 298 -29.38 19.81 2.77
N ARG B 299 -29.42 19.89 4.10
CA ARG B 299 -30.08 20.99 4.77
C ARG B 299 -29.07 22.09 5.08
N ASN B 300 -29.59 23.24 5.54
CA ASN B 300 -28.71 24.33 5.93
C ASN B 300 -28.06 24.02 7.28
N PRO B 301 -26.80 24.41 7.48
CA PRO B 301 -26.14 24.14 8.77
C PRO B 301 -26.73 24.92 9.94
N ASP B 302 -27.78 25.72 9.73
CA ASP B 302 -28.32 26.56 10.79
C ASP B 302 -29.39 25.85 11.61
N ASP B 303 -30.20 24.99 11.00
CA ASP B 303 -31.28 24.32 11.69
C ASP B 303 -30.92 22.95 12.21
N ILE B 304 -29.66 22.52 12.07
CA ILE B 304 -29.21 21.23 12.54
C ILE B 304 -28.51 21.41 13.88
N THR B 305 -28.94 20.66 14.88
CA THR B 305 -28.34 20.70 16.20
C THR B 305 -27.21 19.69 16.29
N GLN B 306 -26.44 19.80 17.38
CA GLN B 306 -25.25 18.97 17.53
C GLN B 306 -25.59 17.50 17.69
N GLU B 307 -26.69 17.18 18.38
CA GLU B 307 -27.03 15.79 18.60
C GLU B 307 -27.40 15.09 17.29
N GLU B 308 -28.00 15.82 16.35
CA GLU B 308 -28.23 15.24 15.04
C GLU B 308 -26.92 14.87 14.34
N TYR B 309 -25.93 15.77 14.42
CA TYR B 309 -24.63 15.47 13.86
C TYR B 309 -24.01 14.25 14.54
N GLY B 310 -24.12 14.17 15.87
CA GLY B 310 -23.58 13.02 16.58
C GLY B 310 -24.24 11.72 16.18
N GLU B 311 -25.57 11.74 16.06
CA GLU B 311 -26.28 10.53 15.64
C GLU B 311 -25.86 10.11 14.24
N PHE B 312 -25.76 11.07 13.32
CA PHE B 312 -25.31 10.74 11.98
C PHE B 312 -23.90 10.18 12.00
N TYR B 313 -23.04 10.74 12.85
CA TYR B 313 -21.67 10.27 12.94
C TYR B 313 -21.61 8.83 13.44
N LYS B 314 -22.35 8.51 14.50
CA LYS B 314 -22.31 7.14 15.00
C LYS B 314 -22.96 6.17 14.03
N SER B 315 -23.90 6.65 13.21
CA SER B 315 -24.49 5.83 12.18
C SER B 315 -23.61 5.71 10.95
N LEU B 316 -22.62 6.59 10.81
CA LEU B 316 -21.78 6.62 9.62
C LEU B 316 -20.48 5.83 9.83
N THR B 317 -19.72 6.19 10.86
CA THR B 317 -18.44 5.54 11.12
C THR B 317 -18.49 4.58 12.30
N ASN B 318 -19.70 4.24 12.77
CA ASN B 318 -19.96 3.19 13.75
C ASN B 318 -19.29 3.45 15.11
N ASP B 319 -18.70 4.61 15.33
CA ASP B 319 -17.99 4.87 16.56
C ASP B 319 -18.96 4.93 17.74
N TRP B 320 -18.49 4.47 18.90
CA TRP B 320 -19.33 4.37 20.09
C TRP B 320 -19.88 5.74 20.48
N GLU B 321 -19.01 6.72 20.65
CA GLU B 321 -19.42 8.04 21.11
C GLU B 321 -19.75 8.93 19.91
N ASP B 322 -19.89 10.23 20.18
CA ASP B 322 -20.23 11.19 19.15
C ASP B 322 -18.97 11.88 18.61
N HIS B 323 -19.16 12.85 17.74
CA HIS B 323 -18.06 13.56 17.11
C HIS B 323 -17.44 14.57 18.06
N LEU B 324 -16.28 15.08 17.68
CA LEU B 324 -15.65 16.15 18.43
C LEU B 324 -16.05 17.52 17.89
N ALA B 325 -16.02 17.67 16.57
CA ALA B 325 -16.44 18.90 15.91
C ALA B 325 -16.88 18.56 14.51
N VAL B 326 -17.63 19.47 13.89
CA VAL B 326 -18.20 19.24 12.57
C VAL B 326 -18.04 20.48 11.72
N LYS B 327 -17.85 20.28 10.43
CA LYS B 327 -17.85 21.35 9.44
C LYS B 327 -18.91 21.04 8.39
N HIS B 328 -19.76 22.01 8.10
CA HIS B 328 -20.88 21.84 7.17
C HIS B 328 -20.95 23.08 6.30
N PHE B 329 -20.44 22.97 5.08
CA PHE B 329 -20.39 24.10 4.16
C PHE B 329 -20.64 23.60 2.75
N SER B 330 -20.82 24.55 1.83
CA SER B 330 -21.03 24.25 0.43
C SER B 330 -20.59 25.44 -0.40
N VAL B 331 -20.17 25.17 -1.62
CA VAL B 331 -19.76 26.19 -2.57
C VAL B 331 -20.64 26.10 -3.80
N GLU B 332 -21.15 27.24 -4.25
CA GLU B 332 -22.05 27.31 -5.39
C GLU B 332 -21.33 27.91 -6.58
N GLY B 333 -21.70 27.46 -7.77
CA GLY B 333 -21.10 27.94 -9.00
C GLY B 333 -21.04 26.83 -10.03
N GLN B 334 -20.02 26.90 -10.88
CA GLN B 334 -19.82 25.86 -11.88
C GLN B 334 -19.53 24.51 -11.22
N LEU B 335 -18.98 24.53 -10.01
CA LEU B 335 -18.67 23.33 -9.25
C LEU B 335 -19.40 23.44 -7.91
N GLU B 336 -20.45 22.65 -7.74
CA GLU B 336 -21.32 22.76 -6.57
C GLU B 336 -21.31 21.46 -5.80
N PHE B 337 -21.02 21.55 -4.50
CA PHE B 337 -21.07 20.38 -3.64
C PHE B 337 -21.25 20.82 -2.20
N ARG B 338 -21.88 19.97 -1.41
CA ARG B 338 -22.08 20.19 0.01
C ARG B 338 -21.20 19.21 0.77
N ALA B 339 -20.25 19.73 1.54
CA ALA B 339 -19.27 18.92 2.25
C ALA B 339 -19.60 18.90 3.73
N LEU B 340 -19.66 17.70 4.30
CA LEU B 340 -19.86 17.50 5.72
C LEU B 340 -18.65 16.74 6.27
N LEU B 341 -17.91 17.38 7.17
CA LEU B 341 -16.68 16.80 7.71
C LEU B 341 -16.77 16.70 9.22
N PHE B 342 -16.30 15.58 9.76
CA PHE B 342 -16.24 15.35 11.19
C PHE B 342 -14.80 15.22 11.64
N ILE B 343 -14.60 15.31 12.95
CA ILE B 343 -13.32 15.03 13.59
C ILE B 343 -13.57 13.95 14.64
N PRO B 344 -12.99 12.76 14.50
CA PRO B 344 -13.19 11.73 15.51
C PRO B 344 -12.59 12.15 16.85
N ARG B 345 -13.22 11.70 17.93
CA ARG B 345 -12.72 12.02 19.27
C ARG B 345 -11.36 11.38 19.50
N ARG B 346 -11.25 10.08 19.24
CA ARG B 346 -10.00 9.35 19.40
C ARG B 346 -9.53 8.81 18.05
N ALA B 347 -8.26 9.05 17.74
CA ALA B 347 -7.78 8.54 16.47
C ALA B 347 -7.60 7.03 16.55
N PRO B 348 -8.01 6.30 15.51
CA PRO B 348 -7.85 4.84 15.52
C PRO B 348 -6.39 4.44 15.57
N PHE B 349 -6.14 3.27 16.18
CA PHE B 349 -4.78 2.79 16.39
C PHE B 349 -4.05 2.56 15.06
N ASP B 350 -4.77 2.22 14.00
CA ASP B 350 -4.17 1.97 12.70
C ASP B 350 -4.43 3.11 11.73
N LEU B 351 -4.58 4.33 12.26
CA LEU B 351 -4.82 5.49 11.40
C LEU B 351 -3.66 5.71 10.45
N PHE B 352 -2.43 5.56 10.94
CA PHE B 352 -1.27 5.73 10.09
C PHE B 352 -0.79 4.42 9.46
N GLU B 353 -1.47 3.31 9.74
CA GLU B 353 -1.20 2.09 8.98
C GLU B 353 -1.65 2.36 7.55
N ASN B 354 -0.70 2.64 6.67
CA ASN B 354 -1.01 3.14 5.34
C ASN B 354 -1.37 2.04 4.36
N LYS B 355 -1.28 0.78 4.77
CA LYS B 355 -1.77 -0.34 3.98
C LYS B 355 -3.25 -0.61 4.21
N LYS B 356 -3.98 0.40 4.71
CA LYS B 356 -5.40 0.26 5.04
C LYS B 356 -6.31 0.56 3.86
N LYS B 357 -5.77 0.98 2.72
CA LYS B 357 -6.59 1.30 1.55
C LYS B 357 -7.59 2.41 1.87
N LYS B 358 -7.05 3.62 2.06
CA LYS B 358 -7.82 4.79 2.51
C LYS B 358 -9.25 4.82 1.97
N ASN B 359 -10.20 5.00 2.89
CA ASN B 359 -11.62 5.09 2.56
C ASN B 359 -12.34 6.12 3.41
N ASN B 360 -11.62 7.12 3.94
CA ASN B 360 -12.21 8.03 4.92
C ASN B 360 -13.33 8.85 4.33
N ILE B 361 -13.08 9.52 3.21
CA ILE B 361 -14.05 10.42 2.59
C ILE B 361 -14.72 9.68 1.44
N LYS B 362 -16.05 9.61 1.48
CA LYS B 362 -16.82 8.92 0.47
C LYS B 362 -17.50 9.94 -0.43
N LEU B 363 -17.08 10.00 -1.69
CA LEU B 363 -17.63 10.94 -2.65
C LEU B 363 -18.98 10.44 -3.14
N TYR B 364 -20.04 11.18 -2.83
CA TYR B 364 -21.38 10.88 -3.30
C TYR B 364 -21.75 11.88 -4.39
N VAL B 365 -22.34 11.39 -5.48
CA VAL B 365 -22.88 12.26 -6.51
C VAL B 365 -24.36 11.96 -6.60
N ARG B 366 -25.19 12.97 -6.30
CA ARG B 366 -26.64 12.82 -6.34
C ARG B 366 -27.09 11.68 -5.44
N ARG B 367 -26.59 11.68 -4.21
CA ARG B 367 -26.98 10.82 -3.09
C ARG B 367 -26.62 9.35 -3.29
N VAL B 368 -25.82 9.00 -4.27
CA VAL B 368 -25.37 7.62 -4.42
C VAL B 368 -23.85 7.58 -4.39
N PHE B 369 -23.31 6.45 -3.94
CA PHE B 369 -21.88 6.31 -3.79
C PHE B 369 -21.19 6.29 -5.16
N ILE B 370 -20.03 6.91 -5.24
CA ILE B 370 -19.27 6.97 -6.49
C ILE B 370 -17.92 6.30 -6.32
N MET B 371 -17.10 6.81 -5.42
CA MET B 371 -15.76 6.29 -5.24
C MET B 371 -15.28 6.56 -3.83
N ASP B 372 -14.41 5.68 -3.33
CA ASP B 372 -13.77 5.89 -2.05
C ASP B 372 -12.74 7.02 -2.18
N SER B 373 -12.18 7.42 -1.04
CA SER B 373 -11.19 8.49 -1.06
C SER B 373 -9.96 8.05 -1.83
N CYS B 374 -9.45 8.95 -2.67
CA CYS B 374 -8.20 8.76 -3.37
C CYS B 374 -7.17 9.73 -2.81
N ASP B 375 -5.95 9.65 -3.32
CA ASP B 375 -4.91 10.57 -2.87
C ASP B 375 -5.26 12.02 -3.19
N GLU B 376 -5.89 12.25 -4.34
CA GLU B 376 -6.23 13.60 -4.74
C GLU B 376 -7.50 14.14 -4.09
N LEU B 377 -8.32 13.28 -3.47
CA LEU B 377 -9.52 13.78 -2.82
C LEU B 377 -9.19 14.53 -1.53
N ILE B 378 -8.27 14.00 -0.74
CA ILE B 378 -7.91 14.59 0.55
C ILE B 378 -6.44 14.29 0.81
N PRO B 379 -5.66 15.23 1.36
CA PRO B 379 -4.24 14.95 1.60
C PRO B 379 -4.02 13.87 2.64
N GLU B 380 -2.80 13.31 2.68
CA GLU B 380 -2.52 12.20 3.58
C GLU B 380 -2.64 12.62 5.04
N TYR B 381 -2.18 13.82 5.37
CA TYR B 381 -2.18 14.24 6.77
C TYR B 381 -3.57 14.58 7.29
N LEU B 382 -4.57 14.69 6.42
CA LEU B 382 -5.95 14.91 6.84
C LEU B 382 -6.79 13.65 6.73
N ASN B 383 -6.15 12.48 6.73
CA ASN B 383 -6.88 11.23 6.55
C ASN B 383 -7.82 10.93 7.72
N PHE B 384 -7.65 11.60 8.86
CA PHE B 384 -8.51 11.34 10.00
C PHE B 384 -9.89 11.95 9.83
N ILE B 385 -10.08 12.89 8.89
CA ILE B 385 -11.36 13.55 8.74
C ILE B 385 -12.36 12.56 8.16
N ARG B 386 -13.46 12.35 8.88
CA ARG B 386 -14.52 11.45 8.45
C ARG B 386 -15.73 12.29 8.02
N GLY B 387 -16.34 11.89 6.91
CA GLY B 387 -17.51 12.61 6.44
C GLY B 387 -17.82 12.22 5.00
N VAL B 388 -18.69 13.03 4.39
CA VAL B 388 -19.12 12.80 3.02
C VAL B 388 -18.98 14.09 2.23
N VAL B 389 -18.78 13.94 0.92
CA VAL B 389 -18.75 15.05 -0.02
C VAL B 389 -19.75 14.73 -1.11
N ASP B 390 -20.82 15.52 -1.20
CA ASP B 390 -21.87 15.28 -2.18
C ASP B 390 -21.98 16.47 -3.11
N SER B 391 -21.96 16.20 -4.40
CA SER B 391 -22.08 17.20 -5.44
C SER B 391 -23.37 16.98 -6.23
N GLU B 392 -23.61 17.86 -7.19
CA GLU B 392 -24.78 17.77 -8.05
C GLU B 392 -24.43 17.50 -9.51
N ASP B 393 -23.48 18.25 -10.07
CA ASP B 393 -23.16 18.17 -11.50
C ASP B 393 -21.67 17.94 -11.77
N LEU B 394 -21.26 16.68 -11.71
CA LEU B 394 -19.93 16.25 -12.10
C LEU B 394 -20.05 15.19 -13.18
N PRO B 395 -19.15 15.19 -14.16
CA PRO B 395 -19.22 14.18 -15.22
C PRO B 395 -18.82 12.81 -14.70
N LEU B 396 -19.73 11.85 -14.83
CA LEU B 396 -19.49 10.50 -14.36
C LEU B 396 -19.02 9.62 -15.51
N ASN B 397 -18.44 8.49 -15.13
CA ASN B 397 -18.05 7.48 -16.09
C ASN B 397 -19.27 6.69 -16.55
N ILE B 398 -19.11 5.96 -17.66
CA ILE B 398 -20.17 5.10 -18.14
C ILE B 398 -20.53 4.06 -17.09
N SER B 399 -19.54 3.62 -16.32
CA SER B 399 -19.77 2.68 -15.22
C SER B 399 -20.29 3.37 -13.97
N ARG B 400 -20.31 4.70 -13.94
CA ARG B 400 -20.76 5.46 -12.77
C ARG B 400 -19.98 5.04 -11.53
N GLU B 401 -18.67 4.87 -11.69
CA GLU B 401 -17.80 4.51 -10.59
C GLU B 401 -16.66 5.49 -10.38
N MET B 402 -16.61 6.58 -11.13
CA MET B 402 -15.54 7.57 -11.00
C MET B 402 -15.92 8.79 -11.80
N LEU B 403 -15.09 9.82 -11.72
CA LEU B 403 -15.32 11.08 -12.42
C LEU B 403 -14.46 11.16 -13.67
N GLN B 404 -15.06 11.60 -14.77
CA GLN B 404 -14.31 11.72 -16.01
C GLN B 404 -13.22 12.77 -15.93
N GLN B 405 -13.57 13.97 -15.45
CA GLN B 405 -12.62 15.06 -15.30
C GLN B 405 -11.98 14.95 -13.92
N SER B 406 -10.88 14.20 -13.82
CA SER B 406 -10.23 14.00 -12.54
C SER B 406 -9.50 15.24 -12.05
N LYS B 407 -9.28 16.22 -12.92
CA LYS B 407 -8.62 17.45 -12.51
C LYS B 407 -9.53 18.33 -11.65
N ILE B 408 -10.84 18.05 -11.63
CA ILE B 408 -11.73 18.80 -10.74
C ILE B 408 -11.49 18.39 -9.29
N LEU B 409 -10.93 17.21 -9.06
CA LEU B 409 -10.57 16.82 -7.70
C LEU B 409 -9.50 17.73 -7.13
N LYS B 410 -8.65 18.29 -7.99
CA LYS B 410 -7.65 19.23 -7.53
C LYS B 410 -8.28 20.53 -7.04
N VAL B 411 -9.56 20.76 -7.35
CA VAL B 411 -10.28 21.91 -6.80
C VAL B 411 -11.03 21.52 -5.53
N ILE B 412 -11.64 20.33 -5.54
CA ILE B 412 -12.35 19.85 -4.36
C ILE B 412 -11.40 19.72 -3.19
N ARG B 413 -10.21 19.16 -3.41
CA ARG B 413 -9.26 19.00 -2.32
C ARG B 413 -8.81 20.35 -1.78
N LYS B 414 -8.62 21.34 -2.66
CA LYS B 414 -8.21 22.66 -2.19
C LYS B 414 -9.30 23.29 -1.34
N ASN B 415 -10.55 23.20 -1.80
CA ASN B 415 -11.65 23.77 -1.02
C ASN B 415 -11.79 23.07 0.33
N ILE B 416 -11.70 21.74 0.34
CA ILE B 416 -11.85 20.99 1.58
C ILE B 416 -10.70 21.32 2.53
N VAL B 417 -9.48 21.40 2.01
CA VAL B 417 -8.33 21.71 2.86
C VAL B 417 -8.48 23.09 3.47
N LYS B 418 -8.84 24.09 2.65
CA LYS B 418 -8.99 25.43 3.17
C LYS B 418 -10.08 25.50 4.24
N LYS B 419 -11.23 24.87 3.98
CA LYS B 419 -12.32 24.94 4.94
C LYS B 419 -12.02 24.17 6.20
N CYS B 420 -11.33 23.03 6.10
CA CYS B 420 -10.99 22.29 7.31
C CYS B 420 -9.91 22.99 8.12
N LEU B 421 -8.97 23.67 7.45
CA LEU B 421 -8.01 24.48 8.20
C LEU B 421 -8.72 25.64 8.91
N GLU B 422 -9.70 26.25 8.25
CA GLU B 422 -10.50 27.26 8.93
C GLU B 422 -11.23 26.67 10.12
N LEU B 423 -11.74 25.45 9.97
CA LEU B 423 -12.39 24.75 11.09
C LEU B 423 -11.43 24.54 12.24
N PHE B 424 -10.21 24.09 11.94
CA PHE B 424 -9.22 23.88 13.00
C PHE B 424 -8.87 25.20 13.68
N SER B 425 -8.69 26.26 12.91
CA SER B 425 -8.35 27.55 13.49
C SER B 425 -9.47 28.07 14.38
N GLU B 426 -10.72 27.94 13.92
CA GLU B 426 -11.85 28.38 14.72
C GLU B 426 -12.00 27.52 15.98
N LEU B 427 -11.71 26.22 15.87
CA LEU B 427 -11.80 25.33 17.02
C LEU B 427 -10.77 25.66 18.08
N ALA B 428 -9.68 26.33 17.72
CA ALA B 428 -8.68 26.73 18.70
C ALA B 428 -9.11 27.99 19.41
N GLU B 429 -10.33 27.98 19.95
CA GLU B 429 -10.83 29.08 20.75
C GLU B 429 -11.36 28.64 22.11
N ASP B 430 -11.66 27.37 22.29
CA ASP B 430 -12.03 26.81 23.59
C ASP B 430 -10.96 25.81 24.00
N LYS B 431 -10.45 25.98 25.22
CA LYS B 431 -9.20 25.31 25.60
C LYS B 431 -9.38 23.80 25.69
N GLU B 432 -10.45 23.33 26.32
CA GLU B 432 -10.57 21.90 26.61
C GLU B 432 -10.71 21.07 25.34
N ASN B 433 -11.63 21.47 24.46
CA ASN B 433 -11.82 20.71 23.23
C ASN B 433 -10.59 20.77 22.34
N TYR B 434 -9.94 21.93 22.25
CA TYR B 434 -8.75 22.02 21.43
C TYR B 434 -7.62 21.18 21.99
N LYS B 435 -7.50 21.12 23.32
CA LYS B 435 -6.49 20.26 23.92
C LYS B 435 -6.78 18.79 23.62
N LYS B 436 -8.04 18.39 23.72
CA LYS B 436 -8.40 17.00 23.40
C LYS B 436 -8.09 16.69 21.93
N PHE B 437 -8.40 17.62 21.03
CA PHE B 437 -8.10 17.42 19.62
C PHE B 437 -6.59 17.32 19.40
N TYR B 438 -5.82 18.21 20.03
CA TYR B 438 -4.39 18.23 19.81
C TYR B 438 -3.73 16.96 20.30
N GLU B 439 -4.14 16.47 21.48
CA GLU B 439 -3.52 15.27 22.04
C GLU B 439 -3.60 14.12 21.06
N ALA B 440 -4.67 14.05 20.26
CA ALA B 440 -4.86 12.93 19.35
C ALA B 440 -4.42 13.21 17.93
N PHE B 441 -4.27 14.48 17.52
CA PHE B 441 -3.97 14.77 16.13
C PHE B 441 -2.77 15.69 15.94
N SER B 442 -1.92 15.83 16.96
CA SER B 442 -0.71 16.63 16.80
C SER B 442 0.21 16.03 15.74
N LYS B 443 0.28 14.70 15.68
CA LYS B 443 1.10 14.04 14.67
C LYS B 443 0.62 14.41 13.27
N ASN B 444 -0.69 14.39 13.05
CA ASN B 444 -1.24 14.78 11.75
C ASN B 444 -0.96 16.24 11.45
N LEU B 445 -1.10 17.12 12.44
CA LEU B 445 -0.86 18.54 12.19
C LEU B 445 0.59 18.79 11.81
N LYS B 446 1.53 18.18 12.52
CA LYS B 446 2.93 18.39 12.18
C LYS B 446 3.30 17.71 10.87
N LEU B 447 2.64 16.59 10.55
CA LEU B 447 2.82 16.00 9.22
C LEU B 447 2.38 16.96 8.14
N GLY B 448 1.25 17.65 8.36
CA GLY B 448 0.83 18.67 7.41
C GLY B 448 1.82 19.81 7.30
N ILE B 449 2.39 20.23 8.44
CA ILE B 449 3.45 21.23 8.42
C ILE B 449 4.58 20.78 7.52
N HIS B 450 4.99 19.52 7.66
CA HIS B 450 6.10 19.00 6.86
C HIS B 450 5.74 18.94 5.38
N GLU B 451 4.52 18.49 5.06
CA GLU B 451 4.19 18.17 3.67
C GLU B 451 3.74 19.41 2.89
N ASP B 452 2.69 20.08 3.36
CA ASP B 452 2.13 21.20 2.63
C ASP B 452 3.12 22.36 2.59
N SER B 453 3.28 22.94 1.39
CA SER B 453 4.13 24.10 1.19
C SER B 453 3.32 25.37 0.91
N THR B 454 2.00 25.27 0.94
CA THR B 454 1.14 26.42 0.72
C THR B 454 0.33 26.82 1.95
N ASN B 455 0.06 25.90 2.86
CA ASN B 455 -0.65 26.21 4.10
C ASN B 455 0.26 26.30 5.30
N ARG B 456 1.58 26.21 5.10
CA ARG B 456 2.52 26.18 6.22
C ARG B 456 2.36 27.39 7.12
N ARG B 457 2.24 28.58 6.53
CA ARG B 457 2.02 29.80 7.29
C ARG B 457 0.74 29.69 8.10
N ARG B 458 -0.36 29.29 7.45
CA ARG B 458 -1.63 29.13 8.15
C ARG B 458 -1.57 28.01 9.16
N LEU B 459 -0.91 26.91 8.80
CA LEU B 459 -0.95 25.71 9.64
C LEU B 459 -0.06 25.84 10.87
N SER B 460 0.92 26.75 10.85
CA SER B 460 1.88 26.83 11.93
C SER B 460 1.25 27.28 13.24
N GLU B 461 0.24 28.15 13.19
CA GLU B 461 -0.30 28.73 14.41
C GLU B 461 -1.07 27.73 15.25
N LEU B 462 -1.37 26.55 14.74
CA LEU B 462 -2.14 25.54 15.46
C LEU B 462 -1.25 24.51 16.15
N LEU B 463 -0.05 24.92 16.57
CA LEU B 463 0.91 24.02 17.19
C LEU B 463 1.10 24.39 18.65
N ARG B 464 1.12 23.38 19.51
CA ARG B 464 1.25 23.56 20.95
C ARG B 464 2.49 22.82 21.45
N TYR B 465 3.14 23.38 22.45
CA TYR B 465 4.31 22.74 23.05
C TYR B 465 4.39 23.08 24.52
N HIS B 466 5.18 22.29 25.24
CA HIS B 466 5.63 22.67 26.57
C HIS B 466 6.81 23.63 26.45
N THR B 467 6.83 24.65 27.29
CA THR B 467 7.94 25.60 27.29
C THR B 467 8.57 25.63 28.68
N SER B 468 9.55 26.52 28.85
CA SER B 468 10.26 26.63 30.12
C SER B 468 9.39 27.19 31.24
N GLN B 469 8.31 27.91 30.90
CA GLN B 469 7.41 28.46 31.90
C GLN B 469 5.95 28.09 31.63
N SER B 470 5.71 27.10 30.78
CA SER B 470 4.35 26.64 30.51
C SER B 470 3.87 25.61 31.51
N GLY B 471 4.70 25.21 32.47
CA GLY B 471 4.30 24.22 33.44
C GLY B 471 3.98 22.91 32.76
N ASP B 472 2.84 22.32 33.11
CA ASP B 472 2.40 21.05 32.55
C ASP B 472 1.34 21.22 31.46
N GLU B 473 1.14 22.43 30.97
CA GLU B 473 0.18 22.69 29.91
C GLU B 473 0.90 23.23 28.68
N MET B 474 0.37 22.89 27.51
CA MET B 474 0.97 23.28 26.24
C MET B 474 0.50 24.66 25.84
N THR B 475 1.40 25.45 25.27
CA THR B 475 1.09 26.79 24.81
C THR B 475 1.60 27.00 23.40
N SER B 476 0.93 27.90 22.68
CA SER B 476 1.19 28.09 21.25
C SER B 476 2.45 28.90 21.03
N LEU B 477 2.88 28.95 19.77
CA LEU B 477 3.99 29.82 19.40
C LEU B 477 3.62 31.29 19.50
N SER B 478 2.36 31.63 19.20
CA SER B 478 1.94 33.03 19.30
C SER B 478 2.01 33.52 20.73
N GLU B 479 1.60 32.68 21.69
CA GLU B 479 1.66 33.08 23.09
C GLU B 479 3.10 33.30 23.54
N TYR B 480 4.02 32.44 23.11
CA TYR B 480 5.43 32.64 23.43
C TYR B 480 5.96 33.92 22.79
N VAL B 481 5.53 34.20 21.56
CA VAL B 481 5.92 35.44 20.90
C VAL B 481 5.43 36.63 21.69
N SER B 482 4.22 36.56 22.21
CA SER B 482 3.68 37.64 23.04
C SER B 482 4.52 37.84 24.29
N ARG B 483 5.13 36.78 24.81
CA ARG B 483 5.98 36.84 25.99
C ARG B 483 7.46 36.87 25.63
N MET B 484 7.79 37.35 24.43
CA MET B 484 9.16 37.37 23.94
C MET B 484 9.79 38.73 24.17
N LYS B 485 10.99 38.73 24.74
CA LYS B 485 11.68 39.97 25.03
C LYS B 485 12.24 40.60 23.75
N GLU B 486 12.26 41.93 23.73
CA GLU B 486 12.71 42.65 22.55
C GLU B 486 14.20 42.48 22.31
N THR B 487 14.98 42.23 23.37
CA THR B 487 16.41 42.04 23.20
C THR B 487 16.75 40.77 22.44
N GLN B 488 15.84 39.81 22.42
CA GLN B 488 16.02 38.57 21.67
C GLN B 488 15.23 38.63 20.38
N LYS B 489 15.77 38.03 19.32
CA LYS B 489 15.14 38.04 18.01
C LYS B 489 15.12 36.65 17.39
N SER B 490 14.88 35.63 18.21
CA SER B 490 14.84 34.25 17.74
C SER B 490 13.93 33.44 18.64
N ILE B 491 13.53 32.27 18.14
CA ILE B 491 12.73 31.32 18.90
C ILE B 491 13.63 30.13 19.25
N TYR B 492 13.72 29.81 20.53
CA TYR B 492 14.62 28.77 21.01
C TYR B 492 13.84 27.48 21.26
N TYR B 493 14.27 26.39 20.63
CA TYR B 493 13.61 25.11 20.79
C TYR B 493 14.67 24.04 20.98
N ILE B 494 14.29 22.96 21.66
CA ILE B 494 15.16 21.83 21.94
C ILE B 494 14.47 20.57 21.46
N THR B 495 15.20 19.74 20.72
CA THR B 495 14.67 18.50 20.15
C THR B 495 15.33 17.32 20.86
N GLY B 496 14.62 16.73 21.82
CA GLY B 496 15.11 15.60 22.56
C GLY B 496 14.16 14.43 22.44
N GLU B 497 14.15 13.59 23.47
CA GLU B 497 13.34 12.38 23.48
C GLU B 497 12.26 12.35 24.55
N SER B 498 12.34 13.21 25.57
CA SER B 498 11.35 13.20 26.63
C SER B 498 11.27 14.58 27.26
N LYS B 499 10.18 14.80 27.99
CA LYS B 499 9.99 16.07 28.69
C LYS B 499 11.09 16.29 29.73
N GLU B 500 11.32 15.30 30.59
CA GLU B 500 12.35 15.43 31.61
C GLU B 500 13.74 15.37 31.01
N GLN B 501 13.90 14.70 29.86
CA GLN B 501 15.22 14.62 29.23
C GLN B 501 15.70 16.00 28.79
N VAL B 502 14.78 16.83 28.29
CA VAL B 502 15.14 18.17 27.83
C VAL B 502 14.88 19.24 28.88
N ALA B 503 14.16 18.92 29.96
CA ALA B 503 13.90 19.92 30.99
C ALA B 503 15.20 20.40 31.62
N ASN B 504 16.12 19.49 31.91
CA ASN B 504 17.44 19.82 32.43
C ASN B 504 18.48 19.24 31.49
N SER B 505 19.12 20.10 30.71
CA SER B 505 20.11 19.65 29.75
C SER B 505 21.20 20.70 29.63
N ALA B 506 22.34 20.27 29.10
CA ALA B 506 23.51 21.15 29.03
C ALA B 506 23.31 22.33 28.10
N PHE B 507 22.32 22.28 27.21
CA PHE B 507 22.11 23.36 26.24
C PHE B 507 21.14 24.42 26.72
N VAL B 508 20.40 24.16 27.81
CA VAL B 508 19.30 25.03 28.21
C VAL B 508 19.61 25.81 29.49
N GLU B 509 20.58 25.37 30.30
CA GLU B 509 20.81 26.00 31.60
C GLU B 509 21.14 27.48 31.45
N ARG B 510 22.10 27.81 30.59
CA ARG B 510 22.50 29.20 30.42
C ARG B 510 21.35 30.05 29.89
N VAL B 511 20.63 29.54 28.89
CA VAL B 511 19.53 30.31 28.30
C VAL B 511 18.41 30.49 29.31
N ARG B 512 18.05 29.42 30.03
CA ARG B 512 16.99 29.52 31.01
C ARG B 512 17.34 30.46 32.15
N LYS B 513 18.61 30.50 32.56
CA LYS B 513 19.03 31.44 33.59
C LYS B 513 18.83 32.87 33.13
N ARG B 514 19.13 33.15 31.87
CA ARG B 514 18.89 34.46 31.29
C ARG B 514 17.41 34.61 30.95
N GLY B 515 17.06 35.68 30.24
CA GLY B 515 15.68 35.99 29.94
C GLY B 515 15.19 35.53 28.58
N PHE B 516 15.20 34.22 28.32
CA PHE B 516 14.59 33.66 27.14
C PHE B 516 13.74 32.46 27.50
N GLU B 517 12.64 32.27 26.77
CA GLU B 517 11.79 31.10 26.93
C GLU B 517 12.14 30.08 25.85
N VAL B 518 12.31 28.83 26.25
CA VAL B 518 12.67 27.75 25.35
C VAL B 518 11.45 26.88 25.11
N VAL B 519 11.38 26.26 23.94
CA VAL B 519 10.25 25.44 23.55
C VAL B 519 10.68 23.98 23.52
N TYR B 520 10.00 23.14 24.29
CA TYR B 520 10.31 21.73 24.33
C TYR B 520 9.62 21.00 23.20
N MET B 521 10.38 20.13 22.52
CA MET B 521 9.85 19.34 21.41
C MET B 521 10.35 17.92 21.57
N THR B 522 9.46 17.01 21.98
CA THR B 522 9.86 15.66 22.36
C THR B 522 9.37 14.59 21.40
N GLU B 523 8.21 14.75 20.78
CA GLU B 523 7.70 13.74 19.87
C GLU B 523 8.60 13.65 18.64
N PRO B 524 8.85 12.45 18.12
CA PRO B 524 9.75 12.32 16.96
C PRO B 524 9.28 13.07 15.73
N ILE B 525 7.98 13.31 15.58
CA ILE B 525 7.48 14.06 14.43
C ILE B 525 7.84 15.54 14.52
N ASP B 526 8.22 16.02 15.70
CA ASP B 526 8.54 17.44 15.84
C ASP B 526 9.75 17.83 14.98
N GLU B 527 10.74 16.95 14.88
CA GLU B 527 11.91 17.30 14.08
C GLU B 527 11.56 17.39 12.60
N TYR B 528 10.75 16.45 12.10
CA TYR B 528 10.27 16.54 10.73
C TYR B 528 9.50 17.84 10.53
N CYS B 529 8.68 18.22 11.51
CA CYS B 529 7.94 19.48 11.41
C CYS B 529 8.87 20.68 11.34
N VAL B 530 9.90 20.71 12.18
CA VAL B 530 10.71 21.92 12.30
C VAL B 530 11.76 22.03 11.21
N GLN B 531 12.09 20.93 10.51
CA GLN B 531 12.94 21.10 9.34
C GLN B 531 12.26 21.94 8.27
N GLN B 532 10.93 21.87 8.18
CA GLN B 532 10.20 22.70 7.22
C GLN B 532 9.86 24.07 7.78
N LEU B 533 9.54 24.15 9.07
CA LEU B 533 9.24 25.44 9.69
C LEU B 533 10.55 26.18 9.94
N LYS B 534 10.73 27.30 9.23
CA LYS B 534 11.95 28.08 9.34
C LYS B 534 11.73 29.47 9.93
N GLU B 535 10.49 29.88 10.14
CA GLU B 535 10.20 31.19 10.73
C GLU B 535 8.80 31.17 11.30
N PHE B 536 8.52 32.17 12.14
CA PHE B 536 7.18 32.34 12.70
C PHE B 536 7.00 33.82 13.01
N ASP B 537 6.08 34.46 12.28
CA ASP B 537 5.77 35.88 12.48
C ASP B 537 7.03 36.73 12.38
N GLY B 538 7.90 36.36 11.45
CA GLY B 538 9.16 37.04 11.26
C GLY B 538 10.25 36.63 12.21
N LYS B 539 9.99 35.73 13.14
CA LYS B 539 10.98 35.25 14.09
C LYS B 539 11.41 33.85 13.69
N SER B 540 12.71 33.64 13.59
CA SER B 540 13.26 32.39 13.09
C SER B 540 13.52 31.41 14.23
N LEU B 541 13.20 30.14 13.98
CA LEU B 541 13.49 29.09 14.95
C LEU B 541 14.98 28.82 14.99
N VAL B 542 15.55 28.78 16.18
CA VAL B 542 16.94 28.38 16.38
C VAL B 542 16.98 27.28 17.43
N SER B 543 17.69 26.20 17.13
CA SER B 543 17.81 25.10 18.07
C SER B 543 18.98 25.34 19.00
N VAL B 544 18.77 24.99 20.27
CA VAL B 544 19.85 25.09 21.25
C VAL B 544 20.85 23.95 21.11
N THR B 545 20.52 22.91 20.34
CA THR B 545 21.44 21.80 20.11
C THR B 545 22.46 22.11 19.03
N LYS B 546 22.27 23.21 18.28
CA LYS B 546 23.11 23.52 17.14
C LYS B 546 24.16 24.55 17.52
N GLU B 547 25.29 24.51 16.82
CA GLU B 547 26.41 25.39 17.12
C GLU B 547 26.09 26.84 16.74
N GLY B 548 26.92 27.74 17.25
CA GLY B 548 26.79 29.15 16.95
C GLY B 548 25.51 29.78 17.45
N LEU B 549 25.13 29.48 18.68
CA LEU B 549 23.93 30.07 19.25
C LEU B 549 24.17 31.55 19.52
N GLU B 550 23.18 32.37 19.19
CA GLU B 550 23.30 33.82 19.30
C GLU B 550 22.45 34.28 20.49
N LEU B 551 23.05 35.09 21.37
CA LEU B 551 22.35 35.71 22.47
C LEU B 551 22.69 37.20 22.52
N PRO B 552 21.79 38.05 23.02
CA PRO B 552 22.17 39.44 23.24
C PRO B 552 23.34 39.55 24.19
N GLU B 553 24.38 40.26 23.76
CA GLU B 553 25.67 40.27 24.45
C GLU B 553 26.07 41.69 24.79
N ASP B 554 26.47 41.90 26.05
CA ASP B 554 27.07 43.16 26.46
C ASP B 554 28.58 43.10 26.27
N GLU B 555 29.22 44.27 26.40
CA GLU B 555 30.65 44.36 26.13
C GLU B 555 31.48 43.70 27.23
N GLU B 556 30.99 43.70 28.47
CA GLU B 556 31.75 43.11 29.56
C GLU B 556 31.90 41.60 29.39
N GLU B 557 30.77 40.91 29.16
CA GLU B 557 30.85 39.49 28.88
C GLU B 557 31.59 39.23 27.58
N LYS B 558 31.52 40.16 26.62
CA LYS B 558 32.25 40.01 25.37
C LYS B 558 33.75 39.95 25.62
N LYS B 559 34.30 40.91 26.37
CA LYS B 559 35.73 40.86 26.65
C LYS B 559 36.06 39.69 27.55
N LYS B 560 35.12 39.26 28.41
CA LYS B 560 35.34 38.05 29.18
C LYS B 560 35.56 36.85 28.26
N MET B 561 34.73 36.73 27.21
CA MET B 561 34.93 35.66 26.24
C MET B 561 36.24 35.83 25.50
N GLU B 562 36.62 37.07 25.17
CA GLU B 562 37.89 37.27 24.48
C GLU B 562 39.06 36.74 25.31
N GLU B 563 39.11 37.11 26.58
CA GLU B 563 40.14 36.55 27.46
C GLU B 563 39.98 35.04 27.61
N SER B 564 38.76 34.53 27.56
CA SER B 564 38.54 33.10 27.68
C SER B 564 39.16 32.35 26.50
N LYS B 565 38.98 32.85 25.28
CA LYS B 565 39.68 32.26 24.14
C LYS B 565 41.19 32.40 24.32
N ALA B 566 41.65 33.59 24.69
CA ALA B 566 43.09 33.80 24.84
C ALA B 566 43.70 32.89 25.89
N LYS B 567 42.89 32.39 26.81
CA LYS B 567 43.38 31.48 27.86
C LYS B 567 43.21 30.01 27.49
N PHE B 568 42.18 29.66 26.74
CA PHE B 568 41.81 28.26 26.53
C PHE B 568 42.03 27.75 25.11
N GLU B 569 42.61 28.57 24.22
CA GLU B 569 42.86 28.09 22.85
C GLU B 569 43.78 26.87 22.85
N ASN B 570 44.71 26.82 23.80
CA ASN B 570 45.58 25.66 23.91
C ASN B 570 44.78 24.41 24.26
N LEU B 571 43.80 24.54 25.15
CA LEU B 571 42.90 23.42 25.41
C LEU B 571 42.15 23.01 24.16
N CYS B 572 41.55 23.99 23.47
CA CYS B 572 40.80 23.66 22.26
C CYS B 572 41.66 22.84 21.30
N LYS B 573 42.87 23.31 21.03
CA LYS B 573 43.72 22.56 20.09
C LYS B 573 44.16 21.21 20.66
N LEU B 574 44.47 21.13 21.95
CA LEU B 574 45.04 19.89 22.46
C LEU B 574 43.99 18.77 22.54
N MET B 575 42.80 19.05 23.06
CA MET B 575 41.79 17.99 22.95
C MET B 575 41.12 17.93 21.57
N LYS B 576 41.39 18.89 20.68
CA LYS B 576 41.10 18.64 19.26
C LYS B 576 42.02 17.55 18.72
N GLU B 577 43.29 17.60 19.10
CA GLU B 577 44.23 16.54 18.72
C GLU B 577 43.85 15.22 19.37
N ILE B 578 43.45 15.26 20.65
CA ILE B 578 43.04 14.04 21.34
C ILE B 578 41.84 13.43 20.64
N LEU B 579 40.80 14.23 20.40
CA LEU B 579 39.65 13.80 19.61
C LEU B 579 39.91 14.11 18.13
N ASP B 580 40.89 13.39 17.58
CA ASP B 580 41.34 13.65 16.22
C ASP B 580 40.22 13.45 15.21
N LYS B 581 39.54 12.30 15.28
CA LYS B 581 38.43 12.02 14.39
C LYS B 581 37.08 12.08 15.07
N LYS B 582 37.03 11.95 16.39
CA LYS B 582 35.76 11.94 17.10
C LYS B 582 35.10 13.31 17.18
N VAL B 583 35.88 14.38 17.09
CA VAL B 583 35.35 15.74 17.21
C VAL B 583 36.01 16.62 16.15
N GLU B 584 35.22 17.46 15.51
CA GLU B 584 35.70 18.35 14.48
C GLU B 584 36.25 19.66 15.02
N LYS B 585 35.55 20.29 15.97
CA LYS B 585 35.97 21.57 16.52
C LYS B 585 35.71 21.59 18.02
N VAL B 586 36.55 22.32 18.74
CA VAL B 586 36.38 22.54 20.18
C VAL B 586 36.41 24.04 20.41
N THR B 587 35.35 24.56 21.03
CA THR B 587 35.21 25.99 21.28
C THR B 587 34.53 26.18 22.63
N ILE B 588 34.38 27.44 23.04
CA ILE B 588 33.76 27.81 24.31
C ILE B 588 32.72 28.88 24.05
N SER B 589 31.53 28.71 24.62
CA SER B 589 30.46 29.69 24.45
C SER B 589 29.47 29.56 25.60
N ASN B 590 28.61 30.57 25.71
CA ASN B 590 27.59 30.65 26.77
C ASN B 590 26.42 29.74 26.41
N ARG B 591 26.54 28.48 26.77
CA ARG B 591 25.42 27.55 26.65
C ARG B 591 25.31 26.70 27.92
N LEU B 592 26.35 26.74 28.75
CA LEU B 592 26.47 25.86 29.91
C LEU B 592 26.64 26.68 31.17
N VAL B 593 26.09 26.18 32.27
CA VAL B 593 26.24 26.80 33.59
C VAL B 593 26.85 25.83 34.59
N SER B 594 26.19 24.69 34.82
CA SER B 594 26.64 23.70 35.80
C SER B 594 27.15 22.42 35.14
N SER B 595 27.29 22.43 33.81
CA SER B 595 27.82 21.30 33.08
C SER B 595 29.11 21.70 32.39
N PRO B 596 30.15 20.88 32.45
CA PRO B 596 31.45 21.30 31.95
C PRO B 596 31.59 21.21 30.43
N CYS B 597 30.96 20.21 29.81
CA CYS B 597 31.15 19.98 28.39
C CYS B 597 29.85 19.52 27.74
N CYS B 598 29.53 20.11 26.59
CA CYS B 598 28.42 19.68 25.75
C CYS B 598 28.88 19.72 24.30
N ILE B 599 28.29 18.85 23.47
CA ILE B 599 28.65 18.75 22.07
C ILE B 599 27.46 19.14 21.22
N VAL B 600 27.66 20.09 20.32
CA VAL B 600 26.62 20.58 19.44
C VAL B 600 26.90 20.10 18.03
N THR B 601 25.92 20.26 17.16
CA THR B 601 25.98 19.76 15.80
C THR B 601 26.30 20.89 14.84
N SER B 602 26.33 20.58 13.54
CA SER B 602 26.64 21.56 12.51
C SER B 602 25.43 22.45 12.23
N THR B 603 25.63 23.44 11.38
CA THR B 603 24.57 24.40 11.09
C THR B 603 23.49 23.81 10.19
N TYR B 604 23.86 22.97 9.22
CA TYR B 604 22.87 22.33 8.36
C TYR B 604 22.79 20.82 8.52
N GLY B 605 23.78 20.18 9.13
CA GLY B 605 23.72 18.75 9.30
C GLY B 605 22.64 18.36 10.31
N TRP B 606 22.23 17.10 10.25
CA TRP B 606 21.24 16.58 11.20
C TRP B 606 21.72 16.75 12.63
N THR B 607 20.81 17.17 13.50
CA THR B 607 21.12 17.18 14.92
C THR B 607 21.15 15.76 15.44
N ALA B 608 21.47 15.64 16.74
CA ALA B 608 21.58 14.31 17.34
C ALA B 608 20.25 13.57 17.27
N ASN B 609 19.15 14.26 17.60
CA ASN B 609 17.85 13.62 17.57
C ASN B 609 17.48 13.19 16.16
N MET B 610 17.74 14.03 15.17
CA MET B 610 17.46 13.66 13.78
C MET B 610 18.31 12.47 13.36
N GLU B 611 19.58 12.46 13.76
CA GLU B 611 20.45 11.32 13.47
C GLU B 611 19.86 10.04 14.03
N ARG B 612 19.47 10.05 15.29
CA ARG B 612 18.91 8.85 15.90
C ARG B 612 17.63 8.43 15.21
N ILE B 613 16.78 9.41 14.86
CA ILE B 613 15.50 9.11 14.23
C ILE B 613 15.71 8.43 12.89
N MET B 614 16.62 8.97 12.07
CA MET B 614 16.90 8.35 10.78
C MET B 614 17.55 6.98 10.93
N LYS B 615 18.49 6.83 11.85
CA LYS B 615 19.10 5.51 12.05
C LYS B 615 18.12 4.50 12.61
N ALA B 616 16.99 4.95 13.15
CA ALA B 616 15.96 4.04 13.60
C ALA B 616 14.90 3.74 12.54
N GLN B 617 14.95 4.40 11.39
CA GLN B 617 13.96 4.15 10.34
C GLN B 617 14.14 2.77 9.74
N ALA B 618 13.05 2.01 9.65
CA ALA B 618 13.14 0.63 9.16
C ALA B 618 13.56 0.57 7.70
N LEU B 619 13.01 1.48 6.88
CA LEU B 619 13.22 1.45 5.43
C LEU B 619 13.98 2.73 5.05
N ARG B 620 15.30 2.65 5.12
CA ARG B 620 16.15 3.79 4.83
C ARG B 620 17.34 3.33 3.99
N ASP B 621 17.87 4.25 3.18
CA ASP B 621 19.04 3.95 2.37
C ASP B 621 20.30 4.20 3.18
N ASN B 622 21.09 3.15 3.39
CA ASN B 622 22.30 3.24 4.21
C ASN B 622 23.49 3.59 3.31
N SER B 623 23.29 4.64 2.50
CA SER B 623 24.37 5.21 1.71
C SER B 623 24.34 6.72 1.81
N THR B 624 23.15 7.27 2.05
CA THR B 624 22.97 8.71 2.17
C THR B 624 23.27 9.24 3.56
N MET B 625 23.16 8.40 4.58
CA MET B 625 23.45 8.84 5.94
C MET B 625 24.93 9.14 6.14
N GLY B 626 25.79 8.41 5.43
CA GLY B 626 27.22 8.51 5.68
C GLY B 626 27.80 9.88 5.43
N TYR B 627 27.36 10.55 4.37
CA TYR B 627 27.84 11.91 4.13
C TYR B 627 27.01 12.94 4.87
N MET B 628 25.79 12.58 5.26
CA MET B 628 24.93 13.48 6.03
C MET B 628 25.12 13.27 7.53
N MET B 629 26.37 13.31 7.97
CA MET B 629 26.72 13.13 9.36
C MET B 629 26.45 14.40 10.15
N ALA B 630 26.49 14.26 11.47
CA ALA B 630 26.44 15.41 12.36
C ALA B 630 27.87 15.82 12.68
N LYS B 631 28.26 17.02 12.23
CA LYS B 631 29.60 17.49 12.51
C LYS B 631 29.72 17.90 13.97
N LYS B 632 30.10 16.95 14.83
CA LYS B 632 30.12 17.17 16.27
C LYS B 632 31.17 18.20 16.63
N HIS B 633 30.78 19.21 17.40
CA HIS B 633 31.66 20.29 17.84
C HIS B 633 31.57 20.36 19.36
N LEU B 634 32.64 19.96 20.04
CA LEU B 634 32.66 19.99 21.49
C LEU B 634 32.65 21.43 22.00
N GLU B 635 31.81 21.71 22.97
CA GLU B 635 31.72 23.02 23.60
C GLU B 635 32.03 22.90 25.08
N ILE B 636 32.82 23.84 25.58
CA ILE B 636 33.34 23.81 26.95
C ILE B 636 32.72 24.95 27.75
N ASN B 637 32.37 24.65 29.00
CA ASN B 637 32.01 25.68 29.95
C ASN B 637 33.27 26.14 30.66
N PRO B 638 33.83 27.31 30.32
CA PRO B 638 35.10 27.73 30.92
C PRO B 638 35.02 28.06 32.39
N ASP B 639 33.82 28.15 32.97
CA ASP B 639 33.67 28.45 34.38
C ASP B 639 33.71 27.21 35.26
N HIS B 640 33.55 26.03 34.69
CA HIS B 640 33.59 24.80 35.48
C HIS B 640 35.02 24.54 35.95
N PRO B 641 35.23 24.22 37.24
CA PRO B 641 36.60 23.96 37.71
C PRO B 641 37.26 22.76 37.05
N ILE B 642 36.48 21.82 36.51
CA ILE B 642 37.07 20.62 35.92
C ILE B 642 37.95 20.98 34.74
N VAL B 643 37.45 21.83 33.83
CA VAL B 643 38.17 22.11 32.60
C VAL B 643 39.41 22.95 32.85
N GLU B 644 39.54 23.58 34.02
CA GLU B 644 40.77 24.28 34.35
C GLU B 644 41.69 23.45 35.25
N THR B 645 41.17 22.43 35.92
CA THR B 645 42.04 21.57 36.72
C THR B 645 43.03 20.82 35.86
N LEU B 646 42.61 20.29 34.71
CA LEU B 646 43.54 19.66 33.79
C LEU B 646 44.19 20.67 32.86
N ARG B 647 43.76 21.93 32.88
CA ARG B 647 44.41 22.95 32.08
C ARG B 647 45.87 23.10 32.49
N GLN B 648 46.14 23.14 33.80
CA GLN B 648 47.51 23.22 34.27
C GLN B 648 48.26 21.91 34.02
N LYS B 649 47.55 20.78 34.11
CA LYS B 649 48.18 19.49 33.85
C LYS B 649 48.67 19.40 32.41
N ALA B 650 47.86 19.85 31.46
CA ALA B 650 48.30 19.88 30.07
C ALA B 650 49.29 21.00 29.81
N GLU B 651 49.21 22.08 30.59
CA GLU B 651 50.17 23.17 30.45
C GLU B 651 51.57 22.71 30.84
N ALA B 652 51.68 21.88 31.88
CA ALA B 652 52.99 21.37 32.29
C ALA B 652 53.62 20.54 31.18
N ASP B 653 52.85 19.65 30.57
CA ASP B 653 53.31 18.91 29.41
C ASP B 653 52.10 18.44 28.60
N LYS B 654 52.31 18.27 27.29
CA LYS B 654 51.21 17.90 26.41
C LYS B 654 50.84 16.43 26.53
N ASN B 655 51.82 15.58 26.85
CA ASN B 655 51.62 14.13 26.84
C ASN B 655 51.46 13.64 28.28
N ASP B 656 50.22 13.32 28.65
CA ASP B 656 49.92 12.69 29.92
C ASP B 656 48.80 11.68 29.70
N LYS B 657 49.00 10.45 30.18
CA LYS B 657 47.96 9.45 30.08
C LYS B 657 46.72 9.85 30.87
N ALA B 658 46.93 10.45 32.04
CA ALA B 658 45.79 10.84 32.87
C ALA B 658 44.93 11.89 32.18
N VAL B 659 45.54 12.91 31.58
CA VAL B 659 44.75 13.96 30.95
C VAL B 659 43.98 13.40 29.76
N LYS B 660 44.59 12.45 29.03
CA LYS B 660 43.87 11.80 27.93
C LYS B 660 42.70 10.99 28.47
N ASP B 661 42.89 10.31 29.60
CA ASP B 661 41.80 9.51 30.17
C ASP B 661 40.63 10.40 30.58
N LEU B 662 40.90 11.50 31.29
CA LEU B 662 39.81 12.39 31.68
C LEU B 662 39.17 13.07 30.46
N VAL B 663 39.96 13.42 29.45
CA VAL B 663 39.39 14.03 28.25
C VAL B 663 38.46 13.06 27.56
N VAL B 664 38.86 11.80 27.43
CA VAL B 664 38.02 10.79 26.80
C VAL B 664 36.75 10.57 27.61
N LEU B 665 36.89 10.47 28.93
CA LEU B 665 35.71 10.27 29.78
C LEU B 665 34.74 11.44 29.64
N LEU B 666 35.25 12.67 29.67
CA LEU B 666 34.39 13.83 29.54
C LEU B 666 33.72 13.88 28.17
N PHE B 667 34.46 13.53 27.12
CA PHE B 667 33.87 13.50 25.78
C PHE B 667 32.74 12.48 25.71
N GLU B 668 32.95 11.29 26.27
CA GLU B 668 31.91 10.27 26.24
C GLU B 668 30.69 10.70 27.05
N THR B 669 30.90 11.29 28.24
CA THR B 669 29.77 11.73 29.04
C THR B 669 29.01 12.86 28.35
N ALA B 670 29.72 13.78 27.70
CA ALA B 670 29.05 14.84 26.94
C ALA B 670 28.28 14.25 25.76
N LEU B 671 28.84 13.25 25.09
CA LEU B 671 28.13 12.58 24.01
C LEU B 671 26.84 11.96 24.51
N LEU B 672 26.89 11.31 25.69
CA LEU B 672 25.68 10.75 26.25
C LEU B 672 24.69 11.83 26.65
N SER B 673 25.17 12.95 27.16
CA SER B 673 24.29 14.03 27.57
C SER B 673 23.88 14.93 26.42
N SER B 674 24.49 14.79 25.25
CA SER B 674 24.10 15.56 24.07
C SER B 674 23.02 14.87 23.26
N GLY B 675 22.51 13.73 23.73
CA GLY B 675 21.52 12.97 23.01
C GLY B 675 22.08 11.98 22.01
N PHE B 676 23.39 11.97 21.82
CA PHE B 676 24.02 11.02 20.91
C PHE B 676 24.09 9.64 21.54
N SER B 677 24.29 8.63 20.70
CA SER B 677 24.48 7.26 21.15
C SER B 677 25.90 6.82 20.83
N LEU B 678 26.49 6.09 21.78
CA LEU B 678 27.87 5.66 21.62
C LEU B 678 28.00 4.62 20.53
N GLU B 679 29.09 4.72 19.75
CA GLU B 679 29.35 3.73 18.71
C GLU B 679 29.59 2.35 19.33
N ASP B 680 30.34 2.30 20.42
CA ASP B 680 30.59 1.06 21.15
C ASP B 680 30.54 1.36 22.64
N PRO B 681 29.40 1.14 23.30
CA PRO B 681 29.29 1.46 24.73
C PRO B 681 30.14 0.58 25.63
N GLN B 682 30.66 -0.54 25.12
CA GLN B 682 31.43 -1.44 25.96
C GLN B 682 32.74 -0.82 26.40
N THR B 683 33.37 -0.01 25.54
CA THR B 683 34.60 0.67 25.94
C THR B 683 34.33 1.64 27.09
N HIS B 684 33.25 2.41 26.99
CA HIS B 684 32.88 3.33 28.07
C HIS B 684 32.57 2.56 29.35
N SER B 685 31.83 1.46 29.23
CA SER B 685 31.52 0.65 30.40
C SER B 685 32.79 0.10 31.04
N ASN B 686 33.73 -0.35 30.22
CA ASN B 686 34.96 -0.94 30.75
C ASN B 686 35.81 0.11 31.45
N ARG B 687 35.93 1.31 30.87
CA ARG B 687 36.73 2.33 31.53
C ARG B 687 36.06 2.80 32.82
N ILE B 688 34.72 2.91 32.81
CA ILE B 688 34.01 3.21 34.04
C ILE B 688 34.25 2.13 35.08
N TYR B 689 34.28 0.88 34.64
CA TYR B 689 34.47 -0.23 35.56
C TYR B 689 35.86 -0.21 36.18
N ARG B 690 36.88 0.05 35.36
CA ARG B 690 38.24 0.16 35.88
C ARG B 690 38.36 1.33 36.84
N MET B 691 37.70 2.44 36.52
CA MET B 691 37.73 3.60 37.40
C MET B 691 37.05 3.31 38.73
N ILE B 692 35.93 2.58 38.70
CA ILE B 692 35.28 2.16 39.93
C ILE B 692 36.19 1.23 40.72
N LYS B 693 36.89 0.34 40.02
CA LYS B 693 37.85 -0.54 40.68
C LYS B 693 38.91 0.26 41.43
N LEU B 694 39.51 1.24 40.75
CA LEU B 694 40.56 2.03 41.38
C LEU B 694 40.02 2.87 42.53
N GLY B 695 38.80 3.42 42.38
CA GLY B 695 38.22 4.20 43.46
C GLY B 695 37.90 3.36 44.68
N LEU B 696 37.36 2.16 44.47
CA LEU B 696 37.01 1.29 45.58
C LEU B 696 38.24 0.69 46.26
N GLY B 697 39.38 0.64 45.57
CA GLY B 697 40.59 0.11 46.13
C GLY B 697 40.98 -1.28 45.68
N ILE B 698 40.27 -1.85 44.71
CA ILE B 698 40.61 -3.18 44.21
C ILE B 698 41.38 -3.04 42.89
N LEU C 406 36.43 28.36 -4.55
CA LEU C 406 36.46 27.01 -4.02
C LEU C 406 35.24 26.21 -4.48
N LEU C 407 35.27 24.90 -4.20
CA LEU C 407 34.13 24.03 -4.43
C LEU C 407 33.23 23.90 -3.22
N PHE C 408 33.73 24.27 -2.03
CA PHE C 408 32.98 24.17 -0.77
C PHE C 408 32.42 22.77 -0.55
N MET C 409 31.40 22.67 0.29
CA MET C 409 30.84 21.39 0.70
C MET C 409 29.54 21.04 0.01
N GLY C 410 28.77 22.03 -0.44
CA GLY C 410 27.58 21.81 -1.24
C GLY C 410 26.29 21.72 -0.47
N TYR C 411 26.33 21.40 0.84
CA TYR C 411 25.14 21.36 1.69
C TYR C 411 24.10 20.38 1.14
N MET C 412 23.33 20.81 0.15
CA MET C 412 22.31 19.99 -0.50
C MET C 412 21.26 19.50 0.50
N THR C 413 21.61 18.47 1.26
CA THR C 413 20.70 17.81 2.19
C THR C 413 19.40 17.39 1.50
N LYS C 414 18.33 17.24 2.28
CA LYS C 414 16.99 16.88 1.81
C LYS C 414 17.02 15.82 0.71
N ASP C 415 17.85 14.79 0.89
CA ASP C 415 17.98 13.75 -0.12
C ASP C 415 16.82 12.77 -0.03
N ASN C 416 16.68 12.07 1.09
CA ASN C 416 15.56 11.16 1.29
C ASN C 416 15.10 11.30 2.74
N LEU C 417 14.95 12.53 3.22
CA LEU C 417 14.37 12.73 4.54
C LEU C 417 12.85 12.71 4.47
N ALA C 418 12.31 11.70 3.79
CA ALA C 418 10.87 11.52 3.76
C ALA C 418 10.43 10.68 4.95
N VAL C 419 9.14 10.73 5.24
CA VAL C 419 8.58 9.98 6.39
C VAL C 419 8.17 8.63 5.84
N ILE C 420 9.16 7.73 5.75
CA ILE C 420 8.87 6.35 5.38
C ILE C 420 8.59 5.56 6.64
N THR C 421 7.38 5.70 7.17
CA THR C 421 6.90 5.00 8.36
C THR C 421 5.47 4.53 8.15
N GLN C 422 5.20 3.97 6.97
CA GLN C 422 3.87 3.52 6.59
C GLN C 422 3.63 2.08 7.03
N TRP C 423 4.28 1.66 8.10
CA TRP C 423 4.31 0.26 8.50
C TRP C 423 3.71 0.14 9.90
N CYS C 424 3.62 -1.09 10.40
CA CYS C 424 2.84 -1.36 11.60
C CYS C 424 3.55 -2.41 12.45
N GLU C 425 3.25 -2.40 13.74
CA GLU C 425 3.78 -3.39 14.67
C GLU C 425 2.91 -3.35 15.92
N GLY C 426 2.35 -4.50 16.30
CA GLY C 426 1.56 -4.56 17.51
C GLY C 426 0.90 -5.90 17.78
N SER C 427 0.97 -6.35 19.02
CA SER C 427 0.33 -7.58 19.46
C SER C 427 0.29 -7.58 20.98
N SER C 428 -0.85 -8.01 21.53
CA SER C 428 -1.01 -7.96 22.97
C SER C 428 -0.21 -9.06 23.65
N LEU C 429 -0.58 -10.32 23.42
CA LEU C 429 0.10 -11.48 23.98
C LEU C 429 -0.55 -12.77 23.49
N TYR C 430 -1.64 -13.16 24.14
CA TYR C 430 -2.36 -14.38 23.82
C TYR C 430 -3.78 -14.24 24.39
N LYS C 431 -4.53 -15.33 24.41
CA LYS C 431 -5.85 -15.35 25.02
C LYS C 431 -5.88 -16.35 26.18
N HIS C 432 -4.84 -17.16 26.30
CA HIS C 432 -4.77 -18.17 27.36
C HIS C 432 -4.51 -17.52 28.71
N LEU C 433 -5.44 -16.65 29.12
CA LEU C 433 -5.29 -15.87 30.33
C LEU C 433 -5.91 -16.53 31.56
N HIS C 434 -6.70 -17.58 31.39
CA HIS C 434 -7.26 -18.26 32.55
C HIS C 434 -6.17 -18.94 33.36
N VAL C 435 -5.16 -19.50 32.71
CA VAL C 435 -3.96 -19.95 33.42
C VAL C 435 -3.17 -18.76 33.94
N GLN C 436 -3.02 -17.73 33.13
CA GLN C 436 -2.40 -16.47 33.56
C GLN C 436 -3.23 -15.78 34.64
N GLU C 437 -4.52 -16.11 34.76
CA GLU C 437 -5.39 -15.63 35.82
C GLU C 437 -5.65 -14.13 35.71
N THR C 438 -5.89 -13.67 34.48
CA THR C 438 -6.35 -12.29 34.25
C THR C 438 -7.88 -12.27 34.16
N LYS C 439 -8.51 -12.45 35.32
CA LYS C 439 -9.96 -12.41 35.38
C LYS C 439 -10.47 -11.02 35.02
N PHE C 440 -11.47 -10.98 34.14
CA PHE C 440 -12.05 -9.72 33.69
C PHE C 440 -13.53 -9.68 34.07
N GLN C 441 -14.22 -8.63 33.66
CA GLN C 441 -15.60 -8.38 34.03
C GLN C 441 -16.53 -8.72 32.87
N MET C 442 -17.81 -8.42 33.06
CA MET C 442 -18.83 -8.77 32.09
C MET C 442 -18.59 -8.10 30.74
N PHE C 443 -18.19 -6.83 30.73
CA PHE C 443 -18.05 -6.09 29.48
C PHE C 443 -17.05 -6.75 28.55
N GLN C 444 -15.85 -7.04 29.07
CA GLN C 444 -14.80 -7.60 28.23
C GLN C 444 -15.18 -8.97 27.69
N LEU C 445 -15.76 -9.83 28.53
CA LEU C 445 -16.08 -11.18 28.08
C LEU C 445 -17.22 -11.16 27.07
N ILE C 446 -18.20 -10.28 27.26
CA ILE C 446 -19.28 -10.16 26.28
C ILE C 446 -18.73 -9.65 24.95
N ASP C 447 -17.86 -8.64 25.00
CA ASP C 447 -17.28 -8.11 23.77
C ASP C 447 -16.46 -9.17 23.04
N ILE C 448 -15.66 -9.93 23.78
CA ILE C 448 -14.83 -10.96 23.17
C ILE C 448 -15.71 -12.05 22.56
N ALA C 449 -16.76 -12.46 23.27
CA ALA C 449 -17.67 -13.46 22.73
C ALA C 449 -18.34 -12.97 21.46
N ARG C 450 -18.79 -11.72 21.45
CA ARG C 450 -19.43 -11.15 20.26
C ARG C 450 -18.46 -11.13 19.08
N GLN C 451 -17.23 -10.69 19.31
CA GLN C 451 -16.29 -10.54 18.22
C GLN C 451 -15.84 -11.90 17.68
N THR C 452 -15.60 -12.86 18.58
CA THR C 452 -15.27 -14.20 18.13
C THR C 452 -16.45 -14.84 17.41
N ALA C 453 -17.68 -14.54 17.84
CA ALA C 453 -18.85 -15.05 17.16
C ALA C 453 -18.91 -14.55 15.72
N GLN C 454 -18.77 -13.25 15.52
CA GLN C 454 -18.82 -12.73 14.15
C GLN C 454 -17.66 -13.27 13.33
N GLY C 455 -16.47 -13.38 13.95
CA GLY C 455 -15.33 -13.91 13.23
C GLY C 455 -15.54 -15.33 12.75
N MET C 456 -16.08 -16.19 13.62
CA MET C 456 -16.26 -17.58 13.24
C MET C 456 -17.43 -17.75 12.28
N ASP C 457 -18.46 -16.90 12.41
CA ASP C 457 -19.53 -16.89 11.42
C ASP C 457 -18.97 -16.52 10.05
N TYR C 458 -17.93 -15.68 10.01
CA TYR C 458 -17.34 -15.34 8.72
C TYR C 458 -16.85 -16.59 7.99
N LEU C 459 -16.11 -17.46 8.67
CA LEU C 459 -15.65 -18.68 8.01
C LEU C 459 -16.80 -19.65 7.77
N HIS C 460 -17.79 -19.67 8.67
CA HIS C 460 -18.95 -20.52 8.44
C HIS C 460 -19.66 -20.13 7.14
N ALA C 461 -19.73 -18.84 6.85
CA ALA C 461 -20.30 -18.38 5.59
C ALA C 461 -19.44 -18.83 4.41
N LYS C 462 -18.12 -18.72 4.55
CA LYS C 462 -17.19 -19.12 3.49
C LYS C 462 -17.04 -20.64 3.39
N ASN C 463 -17.88 -21.39 4.10
CA ASN C 463 -17.87 -22.85 4.11
C ASN C 463 -16.53 -23.40 4.61
N ILE C 464 -15.79 -22.61 5.38
CA ILE C 464 -14.54 -23.05 5.97
C ILE C 464 -14.82 -23.58 7.36
N ILE C 465 -14.48 -24.84 7.60
CA ILE C 465 -14.73 -25.50 8.88
C ILE C 465 -13.43 -25.49 9.69
N HIS C 466 -13.53 -25.10 10.96
CA HIS C 466 -12.37 -25.11 11.83
C HIS C 466 -12.27 -26.40 12.63
N ARG C 467 -13.36 -26.77 13.30
CA ARG C 467 -13.41 -27.94 14.18
C ARG C 467 -12.48 -27.77 15.36
N ASP C 468 -11.16 -27.84 15.13
CA ASP C 468 -10.20 -27.71 16.23
C ASP C 468 -9.93 -26.23 16.48
N MET C 469 -10.78 -25.59 17.29
CA MET C 469 -10.57 -24.23 17.70
C MET C 469 -10.79 -24.18 19.21
N LYS C 470 -9.90 -23.53 19.93
CA LYS C 470 -9.89 -23.60 21.38
C LYS C 470 -9.18 -22.35 21.91
N SER C 471 -8.84 -22.37 23.20
CA SER C 471 -8.10 -21.26 23.80
C SER C 471 -6.74 -21.08 23.16
N ASN C 472 -6.11 -22.18 22.71
CA ASN C 472 -4.79 -22.11 22.10
C ASN C 472 -4.83 -21.67 20.64
N ASN C 473 -5.99 -21.74 19.99
CA ASN C 473 -6.13 -21.26 18.62
C ASN C 473 -6.87 -19.93 18.55
N ILE C 474 -7.05 -19.26 19.69
CA ILE C 474 -7.69 -17.95 19.75
C ILE C 474 -6.65 -16.94 20.23
N PHE C 475 -6.55 -15.82 19.52
CA PHE C 475 -5.51 -14.82 19.76
C PHE C 475 -6.17 -13.50 20.08
N LEU C 476 -5.77 -12.90 21.20
CA LEU C 476 -6.19 -11.54 21.53
C LEU C 476 -5.15 -10.53 21.03
N HIS C 477 -5.59 -9.28 20.90
CA HIS C 477 -4.71 -8.23 20.41
C HIS C 477 -4.97 -6.93 21.16
N GLU C 478 -3.95 -6.07 21.18
CA GLU C 478 -4.00 -4.84 21.96
C GLU C 478 -5.05 -3.86 21.45
N GLY C 479 -5.56 -4.06 20.23
CA GLY C 479 -6.60 -3.21 19.72
C GLY C 479 -7.97 -3.59 20.26
N LEU C 480 -7.97 -4.37 21.35
CA LEU C 480 -9.20 -4.92 21.93
C LEU C 480 -9.96 -5.78 20.92
N THR C 481 -9.20 -6.48 20.07
CA THR C 481 -9.77 -7.39 19.08
C THR C 481 -9.24 -8.79 19.32
N VAL C 482 -10.05 -9.78 18.96
CA VAL C 482 -9.69 -11.19 19.09
C VAL C 482 -9.50 -11.75 17.69
N LYS C 483 -8.29 -12.21 17.40
CA LYS C 483 -7.98 -12.87 16.12
C LYS C 483 -8.15 -14.36 16.32
N ILE C 484 -9.34 -14.87 16.00
CA ILE C 484 -9.63 -16.28 16.23
C ILE C 484 -8.88 -17.14 15.22
N GLY C 485 -8.13 -16.48 14.33
CA GLY C 485 -7.30 -17.19 13.38
C GLY C 485 -6.41 -18.22 14.04
N ASP C 486 -6.67 -19.50 13.76
CA ASP C 486 -5.96 -20.58 14.42
C ASP C 486 -4.47 -20.48 14.17
N PHE C 487 -3.69 -20.61 15.25
CA PHE C 487 -2.23 -20.54 15.14
C PHE C 487 -1.70 -21.68 14.27
N GLY C 488 -2.30 -22.86 14.39
CA GLY C 488 -1.91 -23.99 13.57
C GLY C 488 -1.33 -25.13 14.37
N LEU C 489 -0.50 -24.82 15.36
CA LEU C 489 0.12 -25.82 16.21
C LEU C 489 -0.34 -25.72 17.66
N ALA C 490 -0.20 -24.54 18.25
CA ALA C 490 -0.63 -24.31 19.63
C ALA C 490 -1.00 -22.85 19.86
N SER C 508 -5.59 -30.14 20.42
CA SER C 508 -5.20 -30.90 21.61
C SER C 508 -6.34 -31.79 22.07
N VAL C 509 -6.16 -32.42 23.23
CA VAL C 509 -7.16 -33.31 23.80
C VAL C 509 -8.20 -32.49 24.55
N LEU C 510 -9.33 -33.15 24.89
CA LEU C 510 -10.37 -32.58 25.74
C LEU C 510 -11.13 -31.46 25.04
N TRP C 511 -10.69 -31.07 23.85
CA TRP C 511 -11.27 -29.94 23.12
C TRP C 511 -12.05 -30.41 21.91
N MET C 512 -12.36 -31.70 21.85
CA MET C 512 -13.04 -32.32 20.73
C MET C 512 -14.50 -32.57 21.05
N ALA C 513 -15.18 -33.30 20.18
CA ALA C 513 -16.56 -33.71 20.35
C ALA C 513 -16.66 -35.22 20.22
N PRO C 514 -17.66 -35.84 20.86
CA PRO C 514 -17.80 -37.30 20.75
C PRO C 514 -17.93 -37.81 19.32
N GLU C 515 -18.52 -37.01 18.42
CA GLU C 515 -18.56 -37.42 17.02
C GLU C 515 -17.15 -37.57 16.45
N VAL C 516 -16.24 -36.68 16.86
CA VAL C 516 -14.84 -36.79 16.43
C VAL C 516 -14.19 -38.00 17.08
N ILE C 517 -14.52 -38.28 18.34
CA ILE C 517 -13.87 -39.37 19.07
C ILE C 517 -14.27 -40.71 18.49
N ARG C 518 -15.56 -40.93 18.25
CA ARG C 518 -16.03 -42.21 17.73
C ARG C 518 -15.54 -42.45 16.31
N MET C 519 -15.36 -41.38 15.52
CA MET C 519 -14.90 -41.48 14.14
C MET C 519 -15.78 -42.43 13.33
N GLN C 520 -17.10 -42.22 13.44
CA GLN C 520 -18.05 -43.08 12.74
C GLN C 520 -17.87 -42.97 11.22
N ASP C 521 -17.64 -41.76 10.73
CA ASP C 521 -17.41 -41.53 9.31
C ASP C 521 -15.99 -41.07 9.01
N ASN C 522 -15.12 -41.06 10.00
CA ASN C 522 -13.74 -40.60 9.89
C ASN C 522 -13.63 -39.14 9.48
N ASN C 523 -14.75 -38.41 9.42
CA ASN C 523 -14.73 -36.99 9.17
C ASN C 523 -15.90 -36.36 9.93
N PRO C 524 -15.69 -36.06 11.21
CA PRO C 524 -16.63 -35.30 11.97
C PRO C 524 -16.77 -33.84 11.56
N PHE C 525 -15.98 -33.40 10.59
CA PHE C 525 -15.83 -31.98 10.29
C PHE C 525 -17.14 -31.41 9.77
N SER C 526 -17.94 -30.84 10.67
CA SER C 526 -19.24 -30.30 10.32
C SER C 526 -19.48 -29.02 11.13
N PHE C 527 -20.44 -28.22 10.65
CA PHE C 527 -20.70 -26.93 11.29
C PHE C 527 -21.17 -27.11 12.73
N GLN C 528 -22.01 -28.12 12.98
CA GLN C 528 -22.50 -28.36 14.33
C GLN C 528 -21.35 -28.66 15.28
N SER C 529 -20.33 -29.38 14.82
CA SER C 529 -19.16 -29.62 15.64
C SER C 529 -18.44 -28.32 15.97
N ASP C 530 -18.33 -27.41 15.00
CA ASP C 530 -17.71 -26.12 15.26
C ASP C 530 -18.50 -25.31 16.27
N VAL C 531 -19.83 -25.35 16.19
CA VAL C 531 -20.65 -24.63 17.16
C VAL C 531 -20.51 -25.27 18.54
N TYR C 532 -20.39 -26.60 18.60
CA TYR C 532 -20.14 -27.27 19.86
C TYR C 532 -18.81 -26.82 20.47
N SER C 533 -17.77 -26.72 19.65
CA SER C 533 -16.48 -26.24 20.13
C SER C 533 -16.59 -24.79 20.61
N TYR C 534 -17.33 -23.96 19.86
CA TYR C 534 -17.55 -22.58 20.27
C TYR C 534 -18.22 -22.53 21.64
N GLY C 535 -19.25 -23.35 21.83
CA GLY C 535 -19.96 -23.37 23.10
C GLY C 535 -19.08 -23.80 24.25
N ILE C 536 -18.26 -24.84 24.04
CA ILE C 536 -17.41 -25.29 25.14
C ILE C 536 -16.30 -24.29 25.45
N VAL C 537 -15.75 -23.59 24.45
CA VAL C 537 -14.78 -22.55 24.78
C VAL C 537 -15.47 -21.38 25.49
N LEU C 538 -16.70 -21.04 25.11
CA LEU C 538 -17.46 -20.06 25.86
C LEU C 538 -17.64 -20.48 27.31
N TYR C 539 -17.95 -21.76 27.54
CA TYR C 539 -18.08 -22.27 28.89
C TYR C 539 -16.76 -22.13 29.64
N GLU C 540 -15.65 -22.46 28.97
CA GLU C 540 -14.34 -22.36 29.62
C GLU C 540 -14.04 -20.93 30.01
N LEU C 541 -14.33 -19.96 29.14
CA LEU C 541 -13.98 -18.58 29.43
C LEU C 541 -14.92 -17.98 30.47
N MET C 542 -16.20 -18.35 30.45
CA MET C 542 -17.15 -17.78 31.41
C MET C 542 -17.07 -18.47 32.76
N THR C 543 -16.44 -19.65 32.84
CA THR C 543 -16.07 -20.24 34.11
C THR C 543 -14.66 -19.88 34.56
N GLY C 544 -13.80 -19.45 33.63
CA GLY C 544 -12.42 -19.18 33.97
C GLY C 544 -11.61 -20.40 34.33
N GLU C 545 -12.08 -21.58 33.93
CA GLU C 545 -11.42 -22.84 34.26
C GLU C 545 -11.61 -23.82 33.11
N LEU C 546 -10.67 -24.75 32.99
CA LEU C 546 -10.72 -25.74 31.92
C LEU C 546 -11.85 -26.73 32.17
N PRO C 547 -12.74 -26.96 31.20
CA PRO C 547 -13.75 -28.00 31.32
C PRO C 547 -13.20 -29.28 31.92
N TYR C 548 -14.02 -29.92 32.76
CA TYR C 548 -13.71 -31.23 33.34
C TYR C 548 -12.37 -31.20 34.07
N SER C 549 -12.19 -30.17 34.91
CA SER C 549 -10.95 -30.04 35.66
C SER C 549 -10.83 -31.11 36.73
N HIS C 550 -11.96 -31.61 37.24
CA HIS C 550 -11.92 -32.63 38.28
C HIS C 550 -11.29 -33.92 37.78
N ILE C 551 -11.38 -34.20 36.49
CA ILE C 551 -10.83 -35.42 35.90
C ILE C 551 -9.67 -35.02 35.01
N ASN C 552 -8.50 -35.59 35.27
CA ASN C 552 -7.27 -35.20 34.59
C ASN C 552 -6.51 -36.38 33.99
N ASN C 553 -7.12 -37.55 33.88
CA ASN C 553 -6.48 -38.72 33.31
C ASN C 553 -7.09 -39.02 31.94
N ARG C 554 -6.22 -39.09 30.93
CA ARG C 554 -6.68 -39.29 29.56
C ARG C 554 -7.41 -40.62 29.40
N ASP C 555 -7.01 -41.64 30.15
CA ASP C 555 -7.58 -42.97 29.98
C ASP C 555 -9.07 -42.99 30.28
N GLN C 556 -9.51 -42.23 31.28
CA GLN C 556 -10.93 -42.15 31.58
C GLN C 556 -11.60 -41.02 30.81
N ILE C 557 -10.87 -39.95 30.52
CA ILE C 557 -11.43 -38.85 29.75
C ILE C 557 -11.88 -39.33 28.38
N ILE C 558 -11.08 -40.19 27.74
CA ILE C 558 -11.47 -40.73 26.45
C ILE C 558 -12.73 -41.58 26.57
N PHE C 559 -12.88 -42.30 27.69
CA PHE C 559 -14.06 -43.14 27.89
C PHE C 559 -15.34 -42.32 27.90
N MET C 560 -15.35 -41.24 28.68
CA MET C 560 -16.56 -40.43 28.82
C MET C 560 -16.97 -39.86 27.46
N VAL C 561 -16.03 -39.21 26.77
CA VAL C 561 -16.36 -38.61 25.48
C VAL C 561 -16.72 -39.68 24.44
N GLY C 562 -16.14 -40.89 24.54
CA GLY C 562 -16.57 -41.98 23.69
C GLY C 562 -18.00 -42.40 23.93
N ARG C 563 -18.46 -42.36 25.18
CA ARG C 563 -19.87 -42.59 25.45
C ARG C 563 -20.73 -41.41 25.08
N GLY C 564 -20.26 -40.18 25.32
CA GLY C 564 -20.96 -38.99 24.89
C GLY C 564 -22.35 -38.84 25.47
N TYR C 565 -22.48 -39.01 26.79
CA TYR C 565 -23.78 -38.95 27.44
C TYR C 565 -23.89 -37.74 28.36
N ALA C 566 -22.92 -37.58 29.26
CA ALA C 566 -22.95 -36.53 30.25
C ALA C 566 -22.50 -35.20 29.66
N SER C 567 -22.87 -34.12 30.33
CA SER C 567 -22.52 -32.77 29.94
C SER C 567 -21.95 -32.02 31.14
N PRO C 568 -21.08 -31.04 30.92
CA PRO C 568 -20.52 -30.29 32.05
C PRO C 568 -21.60 -29.51 32.79
N ASP C 569 -21.43 -29.41 34.10
CA ASP C 569 -22.33 -28.64 34.94
C ASP C 569 -22.06 -27.15 34.75
N LEU C 570 -23.00 -26.32 35.24
CA LEU C 570 -22.91 -24.87 35.12
C LEU C 570 -23.07 -24.27 36.52
N SER C 571 -22.35 -24.83 37.48
CA SER C 571 -22.34 -24.31 38.84
C SER C 571 -21.16 -23.38 39.11
N LYS C 572 -20.20 -23.29 38.19
CA LYS C 572 -19.05 -22.42 38.33
C LYS C 572 -19.15 -21.16 37.47
N LEU C 573 -20.36 -20.65 37.27
CA LEU C 573 -20.55 -19.46 36.46
C LEU C 573 -19.98 -18.23 37.17
N TYR C 574 -19.47 -17.31 36.37
CA TYR C 574 -18.99 -16.05 36.91
C TYR C 574 -20.18 -15.18 37.28
N LYS C 575 -20.17 -14.65 38.50
CA LYS C 575 -21.34 -13.96 39.02
C LYS C 575 -21.50 -12.58 38.41
N ASN C 576 -22.70 -12.01 38.60
CA ASN C 576 -23.02 -10.66 38.14
C ASN C 576 -22.83 -10.49 36.64
N CYS C 577 -23.58 -11.26 35.85
CA CYS C 577 -23.61 -11.11 34.41
C CYS C 577 -24.99 -11.52 33.92
N PRO C 578 -25.40 -11.06 32.73
CA PRO C 578 -26.72 -11.45 32.21
C PRO C 578 -26.86 -12.96 32.13
N LYS C 579 -28.02 -13.48 32.53
CA LYS C 579 -28.23 -14.91 32.54
C LYS C 579 -28.51 -15.49 31.15
N ALA C 580 -28.65 -14.65 30.13
CA ALA C 580 -28.99 -15.17 28.81
C ALA C 580 -27.90 -16.08 28.26
N MET C 581 -26.63 -15.69 28.42
CA MET C 581 -25.56 -16.55 27.94
C MET C 581 -25.50 -17.87 28.69
N LYS C 582 -26.10 -17.97 29.88
CA LYS C 582 -26.20 -19.27 30.53
C LYS C 582 -27.06 -20.23 29.71
N ARG C 583 -28.24 -19.78 29.25
CA ARG C 583 -28.99 -20.59 28.31
C ARG C 583 -28.26 -20.78 26.99
N LEU C 584 -27.54 -19.76 26.52
CA LEU C 584 -26.81 -19.91 25.26
C LEU C 584 -25.78 -21.03 25.34
N VAL C 585 -24.99 -21.06 26.43
CA VAL C 585 -24.00 -22.12 26.58
C VAL C 585 -24.67 -23.45 26.89
N ALA C 586 -25.79 -23.44 27.62
CA ALA C 586 -26.47 -24.69 27.96
C ALA C 586 -27.03 -25.37 26.71
N ASP C 587 -27.63 -24.59 25.81
CA ASP C 587 -28.15 -25.16 24.58
C ASP C 587 -27.11 -25.23 23.48
N CYS C 588 -25.90 -24.70 23.73
CA CYS C 588 -24.80 -24.92 22.80
C CYS C 588 -24.09 -26.24 23.08
N VAL C 589 -24.22 -26.78 24.29
CA VAL C 589 -23.44 -27.95 24.69
C VAL C 589 -24.26 -29.23 24.62
N LYS C 590 -25.54 -29.13 24.31
CA LYS C 590 -26.31 -30.35 24.16
C LYS C 590 -25.89 -31.07 22.89
N LYS C 591 -25.93 -32.41 22.94
CA LYS C 591 -25.32 -33.20 21.89
C LYS C 591 -26.22 -33.37 20.67
N VAL C 592 -27.49 -33.02 20.76
CA VAL C 592 -28.37 -33.10 19.60
C VAL C 592 -27.97 -32.01 18.61
N LYS C 593 -27.32 -32.41 17.51
CA LYS C 593 -26.83 -31.45 16.53
C LYS C 593 -27.96 -30.81 15.75
N GLU C 594 -29.11 -31.47 15.64
CA GLU C 594 -30.23 -30.94 14.87
C GLU C 594 -30.87 -29.72 15.51
N GLU C 595 -30.86 -29.64 16.84
CA GLU C 595 -31.40 -28.48 17.54
C GLU C 595 -30.30 -27.58 18.11
N ARG C 596 -29.05 -27.82 17.76
CA ARG C 596 -27.98 -26.92 18.17
C ARG C 596 -28.18 -25.56 17.51
N PRO C 597 -27.98 -24.46 18.23
CA PRO C 597 -28.18 -23.14 17.61
C PRO C 597 -27.13 -22.81 16.56
N LEU C 598 -27.55 -22.03 15.57
CA LEU C 598 -26.68 -21.66 14.45
C LEU C 598 -26.39 -20.17 14.53
N PHE C 599 -25.44 -19.73 13.71
CA PHE C 599 -24.96 -18.36 13.85
C PHE C 599 -25.99 -17.29 13.52
N PRO C 600 -26.88 -17.45 12.55
CA PRO C 600 -27.90 -16.40 12.30
C PRO C 600 -28.67 -15.99 13.55
N GLN C 601 -28.99 -16.92 14.45
CA GLN C 601 -29.55 -16.55 15.73
C GLN C 601 -28.47 -16.27 16.78
N ILE C 602 -27.22 -16.67 16.54
CA ILE C 602 -26.16 -16.38 17.49
C ILE C 602 -25.84 -14.88 17.49
N LEU C 603 -25.91 -14.23 16.33
CA LEU C 603 -25.74 -12.78 16.31
C LEU C 603 -26.84 -12.09 17.11
N SER C 604 -28.08 -12.56 16.99
CA SER C 604 -29.15 -12.02 17.81
C SER C 604 -28.89 -12.26 19.29
N SER C 605 -28.37 -13.44 19.61
CA SER C 605 -28.05 -13.76 21.01
C SER C 605 -27.03 -12.80 21.57
N ILE C 606 -25.91 -12.58 20.88
CA ILE C 606 -24.91 -11.65 21.37
C ILE C 606 -25.42 -10.22 21.33
N GLU C 607 -26.31 -9.88 20.40
CA GLU C 607 -26.88 -8.54 20.37
C GLU C 607 -27.70 -8.27 21.62
N LEU C 608 -28.58 -9.21 21.99
CA LEU C 608 -29.32 -9.04 23.24
C LEU C 608 -28.42 -9.15 24.46
N LEU C 609 -27.30 -9.89 24.35
CA LEU C 609 -26.32 -9.88 25.42
C LEU C 609 -25.76 -8.47 25.65
N GLN C 610 -25.36 -7.79 24.58
CA GLN C 610 -24.77 -6.47 24.73
C GLN C 610 -25.82 -5.42 25.05
N HIS C 611 -27.09 -5.66 24.72
CA HIS C 611 -28.14 -4.81 25.27
C HIS C 611 -28.36 -5.07 26.75
N SER C 612 -28.10 -6.30 27.20
CA SER C 612 -28.25 -6.65 28.60
C SER C 612 -27.00 -6.37 29.42
N LEU C 613 -25.96 -5.82 28.79
CA LEU C 613 -24.74 -5.50 29.54
C LEU C 613 -24.97 -4.53 30.69
N PRO C 614 -25.66 -3.39 30.51
CA PRO C 614 -25.88 -2.51 31.66
C PRO C 614 -26.74 -3.12 32.75
N LYS C 615 -27.53 -4.15 32.44
CA LYS C 615 -28.36 -4.80 33.44
C LYS C 615 -27.75 -6.12 33.89
N VAL D 2 -16.12 -9.72 -26.37
CA VAL D 2 -17.56 -9.66 -26.55
C VAL D 2 -18.26 -10.49 -25.48
N ASP D 3 -17.58 -11.54 -24.99
CA ASP D 3 -18.12 -12.41 -23.96
C ASP D 3 -17.05 -12.69 -22.92
N TYR D 4 -17.42 -12.53 -21.65
CA TYR D 4 -16.52 -12.71 -20.52
C TYR D 4 -17.10 -13.69 -19.51
N SER D 5 -17.81 -14.71 -20.00
CA SER D 5 -18.50 -15.64 -19.12
C SER D 5 -17.61 -16.75 -18.60
N VAL D 6 -16.35 -16.80 -19.04
CA VAL D 6 -15.41 -17.79 -18.52
C VAL D 6 -14.53 -17.22 -17.42
N TRP D 7 -14.53 -15.91 -17.23
CA TRP D 7 -13.70 -15.27 -16.22
C TRP D 7 -14.53 -14.66 -15.12
N ASP D 8 -15.65 -15.30 -14.77
CA ASP D 8 -16.52 -14.78 -13.72
C ASP D 8 -16.50 -15.59 -12.44
N HIS D 9 -15.61 -16.58 -12.33
CA HIS D 9 -15.51 -17.39 -11.11
C HIS D 9 -14.04 -17.78 -10.93
N ILE D 10 -13.33 -17.04 -10.08
CA ILE D 10 -11.93 -17.30 -9.78
C ILE D 10 -11.77 -17.29 -8.27
N GLU D 11 -11.05 -18.28 -7.74
CA GLU D 11 -10.82 -18.39 -6.30
C GLU D 11 -9.32 -18.30 -6.05
N VAL D 12 -8.84 -17.11 -5.72
CA VAL D 12 -7.46 -16.94 -5.28
C VAL D 12 -7.42 -17.17 -3.77
N SEP D 13 -6.43 -17.96 -3.33
CA SEP D 13 -6.36 -18.34 -1.93
CB SEP D 13 -5.52 -19.61 -1.76
OG SEP D 13 -4.26 -19.46 -2.39
C SEP D 13 -5.81 -17.23 -1.05
O SEP D 13 -6.36 -16.92 0.01
P SEP D 13 -4.20 -20.46 -3.65
O1P SEP D 13 -4.71 -19.69 -4.97
O2P SEP D 13 -2.68 -20.96 -3.87
O3P SEP D 13 -5.15 -21.72 -3.37
N ASP D 14 -4.71 -16.61 -1.48
CA ASP D 14 -4.08 -15.55 -0.72
C ASP D 14 -4.65 -14.18 -1.10
N ASP D 15 -5.97 -14.08 -1.18
CA ASP D 15 -6.65 -12.83 -1.55
C ASP D 15 -6.38 -11.79 -0.47
N GLU D 16 -5.53 -10.81 -0.79
CA GLU D 16 -5.20 -9.79 0.20
C GLU D 16 -6.39 -8.88 0.49
N ASP D 17 -7.20 -8.57 -0.53
CA ASP D 17 -8.25 -7.57 -0.36
C ASP D 17 -9.44 -8.14 0.41
N GLU D 18 -9.71 -9.44 0.29
CA GLU D 18 -10.84 -10.05 0.96
C GLU D 18 -10.36 -10.74 2.22
N THR D 19 -10.85 -10.28 3.37
CA THR D 19 -10.46 -10.81 4.68
C THR D 19 -11.39 -10.19 5.72
N HIS D 20 -11.11 -10.49 6.99
CA HIS D 20 -11.84 -9.92 8.11
C HIS D 20 -10.88 -9.25 9.08
N PRO D 21 -11.26 -8.11 9.66
CA PRO D 21 -10.38 -7.46 10.64
C PRO D 21 -10.07 -8.32 11.85
N ASN D 22 -10.99 -9.21 12.24
CA ASN D 22 -10.82 -10.04 13.43
C ASN D 22 -10.33 -11.45 13.11
N ILE D 23 -9.93 -11.70 11.87
CA ILE D 23 -9.43 -13.00 11.45
C ILE D 23 -7.99 -12.85 11.04
N ASP D 24 -7.12 -13.72 11.57
CA ASP D 24 -5.70 -13.63 11.24
C ASP D 24 -5.49 -13.88 9.76
N THR D 25 -5.09 -12.84 9.03
CA THR D 25 -4.91 -12.95 7.59
C THR D 25 -3.87 -14.00 7.24
N ALA D 26 -2.82 -14.11 8.04
CA ALA D 26 -1.76 -15.08 7.76
C ALA D 26 -2.30 -16.51 7.82
N SER D 27 -3.14 -16.80 8.81
CA SER D 27 -3.68 -18.14 8.96
C SER D 27 -4.93 -18.36 8.13
N LEU D 28 -5.66 -17.30 7.79
CA LEU D 28 -6.79 -17.44 6.89
C LEU D 28 -6.35 -17.86 5.50
N PHE D 29 -5.15 -17.46 5.08
CA PHE D 29 -4.62 -17.84 3.78
C PHE D 29 -4.27 -19.32 3.70
N ARG D 30 -4.29 -20.04 4.82
CA ARG D 30 -4.00 -21.46 4.83
C ARG D 30 -5.26 -22.31 4.69
N TRP D 31 -6.30 -22.04 5.49
CA TRP D 31 -7.53 -22.82 5.35
C TRP D 31 -8.19 -22.60 4.00
N ARG D 32 -7.92 -21.48 3.33
CA ARG D 32 -8.40 -21.32 1.97
C ARG D 32 -7.58 -22.18 1.00
N HIS D 33 -6.26 -22.20 1.18
CA HIS D 33 -5.40 -22.98 0.30
C HIS D 33 -5.67 -24.47 0.47
N GLN D 34 -5.68 -24.95 1.72
CA GLN D 34 -5.91 -26.37 1.95
C GLN D 34 -7.30 -26.80 1.51
N ALA D 35 -8.30 -25.91 1.66
CA ALA D 35 -9.62 -26.22 1.14
C ALA D 35 -9.60 -26.38 -0.37
N ARG D 36 -8.89 -25.49 -1.07
CA ARG D 36 -8.78 -25.61 -2.51
C ARG D 36 -8.12 -26.93 -2.90
N VAL D 37 -7.03 -27.28 -2.20
CA VAL D 37 -6.30 -28.50 -2.56
C VAL D 37 -7.16 -29.73 -2.29
N GLU D 38 -7.88 -29.75 -1.17
CA GLU D 38 -8.69 -30.92 -0.85
C GLU D 38 -9.88 -31.03 -1.80
N ARG D 39 -10.48 -29.90 -2.20
CA ARG D 39 -11.54 -29.95 -3.19
C ARG D 39 -11.01 -30.49 -4.52
N MET D 40 -9.82 -30.04 -4.92
CA MET D 40 -9.23 -30.56 -6.16
C MET D 40 -8.95 -32.06 -6.05
N GLU D 41 -8.50 -32.51 -4.87
CA GLU D 41 -8.22 -33.93 -4.69
C GLU D 41 -9.49 -34.76 -4.75
N GLN D 42 -10.58 -34.29 -4.12
CA GLN D 42 -11.85 -35.00 -4.22
C GLN D 42 -12.34 -35.03 -5.66
N PHE D 43 -12.17 -33.91 -6.38
CA PHE D 43 -12.58 -33.85 -7.78
C PHE D 43 -11.79 -34.86 -8.61
N GLN D 44 -10.48 -34.95 -8.37
CA GLN D 44 -9.64 -35.90 -9.10
C GLN D 44 -10.02 -37.33 -8.77
N LYS D 45 -10.31 -37.61 -7.49
CA LYS D 45 -10.74 -38.95 -7.10
C LYS D 45 -12.04 -39.32 -7.81
N GLU D 46 -12.98 -38.38 -7.88
CA GLU D 46 -14.23 -38.65 -8.58
C GLU D 46 -13.97 -38.92 -10.06
N LYS D 47 -13.09 -38.13 -10.66
CA LYS D 47 -12.70 -38.36 -12.05
C LYS D 47 -12.19 -39.77 -12.26
N GLU D 48 -11.23 -40.19 -11.43
CA GLU D 48 -10.58 -41.48 -11.63
C GLU D 48 -11.55 -42.64 -11.38
N GLU D 49 -12.33 -42.57 -10.30
CA GLU D 49 -13.30 -43.64 -10.05
C GLU D 49 -14.37 -43.70 -11.15
N LEU D 50 -14.80 -42.53 -11.64
CA LEU D 50 -15.74 -42.50 -12.75
C LEU D 50 -15.16 -43.17 -13.99
N ASP D 51 -13.88 -42.92 -14.25
CA ASP D 51 -13.24 -43.49 -15.43
C ASP D 51 -13.11 -45.02 -15.32
N ARG D 52 -12.66 -45.53 -14.16
CA ARG D 52 -12.63 -46.99 -14.04
C ARG D 52 -14.03 -47.58 -14.13
N GLY D 53 -15.03 -46.91 -13.55
CA GLY D 53 -16.39 -47.41 -13.70
C GLY D 53 -16.83 -47.44 -15.14
N CYS D 54 -16.46 -46.42 -15.92
CA CYS D 54 -16.80 -46.40 -17.33
C CYS D 54 -16.19 -47.59 -18.06
N ARG D 55 -14.89 -47.85 -17.85
CA ARG D 55 -14.29 -48.97 -18.57
C ARG D 55 -14.85 -50.30 -18.09
N GLU D 56 -15.12 -50.45 -16.79
CA GLU D 56 -15.58 -51.74 -16.31
C GLU D 56 -17.00 -52.04 -16.79
N CYS D 57 -17.88 -51.04 -16.84
CA CYS D 57 -19.20 -51.29 -17.42
C CYS D 57 -19.11 -51.50 -18.92
N LYS D 58 -18.17 -50.84 -19.60
CA LYS D 58 -17.98 -51.11 -21.03
C LYS D 58 -17.57 -52.55 -21.27
N ARG D 59 -16.63 -53.06 -20.47
CA ARG D 59 -16.22 -54.46 -20.64
C ARG D 59 -17.32 -55.41 -20.21
N LYS D 60 -18.13 -55.00 -19.22
CA LYS D 60 -19.32 -55.79 -18.84
C LYS D 60 -20.26 -55.96 -20.02
N VAL D 61 -20.63 -54.85 -20.67
CA VAL D 61 -21.57 -54.95 -21.77
C VAL D 61 -20.93 -55.65 -22.96
N ALA D 62 -19.62 -55.48 -23.15
CA ALA D 62 -18.94 -56.19 -24.23
C ALA D 62 -19.03 -57.70 -24.05
N GLU D 63 -18.66 -58.20 -22.87
CA GLU D 63 -18.74 -59.65 -22.66
C GLU D 63 -20.19 -60.10 -22.66
N CYS D 64 -21.12 -59.22 -22.27
CA CYS D 64 -22.52 -59.59 -22.26
C CYS D 64 -23.05 -59.80 -23.67
N GLN D 65 -22.73 -58.89 -24.60
CA GLN D 65 -23.10 -59.13 -26.00
C GLN D 65 -22.40 -60.35 -26.57
N ARG D 66 -21.14 -60.57 -26.19
CA ARG D 66 -20.43 -61.76 -26.67
C ARG D 66 -21.13 -63.03 -26.21
N LYS D 67 -21.53 -63.08 -24.94
CA LYS D 67 -22.23 -64.25 -24.41
C LYS D 67 -23.62 -64.38 -25.02
N LEU D 68 -24.29 -63.26 -25.29
CA LEU D 68 -25.58 -63.30 -25.98
C LEU D 68 -25.44 -63.95 -27.35
N LYS D 69 -24.42 -63.54 -28.11
CA LYS D 69 -24.18 -64.12 -29.43
C LYS D 69 -23.83 -65.60 -29.31
N GLU D 70 -23.01 -65.96 -28.32
CA GLU D 70 -22.65 -67.37 -28.14
C GLU D 70 -23.87 -68.22 -27.80
N LEU D 71 -24.74 -67.73 -26.93
CA LEU D 71 -25.95 -68.46 -26.58
C LEU D 71 -26.90 -68.57 -27.76
N GLU D 72 -27.00 -67.50 -28.57
CA GLU D 72 -27.84 -67.54 -29.75
C GLU D 72 -27.33 -68.56 -30.76
N VAL D 73 -26.01 -68.64 -30.92
CA VAL D 73 -25.42 -69.58 -31.87
C VAL D 73 -25.69 -71.02 -31.45
N ALA D 74 -25.51 -71.32 -30.16
CA ALA D 74 -25.67 -72.68 -29.67
C ALA D 74 -27.14 -73.00 -29.44
N GLU D 75 -27.60 -74.12 -29.99
CA GLU D 75 -28.98 -74.54 -29.81
C GLU D 75 -29.20 -75.10 -28.40
N GLY D 76 -30.42 -74.95 -27.91
CA GLY D 76 -30.80 -75.43 -26.60
C GLY D 76 -30.66 -74.43 -25.47
N GLY D 77 -30.02 -73.29 -25.73
CA GLY D 77 -29.85 -72.27 -24.72
C GLY D 77 -30.86 -71.15 -24.83
N LYS D 78 -32.03 -71.45 -25.39
CA LYS D 78 -33.04 -70.42 -25.61
C LYS D 78 -33.52 -69.82 -24.29
N ALA D 79 -33.75 -70.65 -23.27
CA ALA D 79 -34.13 -70.12 -21.96
C ALA D 79 -33.01 -69.29 -21.36
N GLU D 80 -31.77 -69.77 -21.48
CA GLU D 80 -30.63 -68.99 -21.02
C GLU D 80 -30.50 -67.70 -21.82
N LEU D 81 -30.81 -67.74 -23.11
CA LEU D 81 -30.80 -66.52 -23.93
C LEU D 81 -31.86 -65.54 -23.44
N GLU D 82 -33.05 -66.02 -23.09
CA GLU D 82 -34.09 -65.13 -22.58
C GLU D 82 -33.70 -64.52 -21.25
N ARG D 83 -33.08 -65.31 -20.36
CA ARG D 83 -32.59 -64.76 -19.09
C ARG D 83 -31.50 -63.71 -19.34
N LEU D 84 -30.58 -64.01 -20.26
CA LEU D 84 -29.53 -63.06 -20.60
C LEU D 84 -30.08 -61.81 -21.26
N GLN D 85 -31.27 -61.88 -21.87
CA GLN D 85 -31.92 -60.66 -22.36
C GLN D 85 -32.15 -59.68 -21.23
N ALA D 86 -32.78 -60.14 -20.14
CA ALA D 86 -33.04 -59.26 -19.00
C ALA D 86 -31.74 -58.83 -18.33
N GLU D 87 -30.79 -59.76 -18.20
CA GLU D 87 -29.50 -59.38 -17.62
C GLU D 87 -28.81 -58.32 -18.46
N ALA D 88 -28.85 -58.47 -19.79
CA ALA D 88 -28.29 -57.48 -20.70
C ALA D 88 -28.98 -56.13 -20.55
N GLN D 89 -30.31 -56.14 -20.46
CA GLN D 89 -31.03 -54.87 -20.31
C GLN D 89 -30.63 -54.17 -19.02
N GLN D 90 -30.47 -54.94 -17.93
CA GLN D 90 -30.00 -54.34 -16.69
C GLN D 90 -28.59 -53.77 -16.85
N LEU D 91 -27.73 -54.47 -17.61
CA LEU D 91 -26.38 -53.94 -17.85
C LEU D 91 -26.40 -52.66 -18.66
N ARG D 92 -27.27 -52.57 -19.69
CA ARG D 92 -27.42 -51.31 -20.40
C ARG D 92 -27.94 -50.20 -19.49
N LYS D 93 -28.86 -50.52 -18.58
CA LYS D 93 -29.33 -49.52 -17.64
C LYS D 93 -28.19 -49.00 -16.76
N GLU D 94 -27.35 -49.92 -16.26
CA GLU D 94 -26.19 -49.50 -15.48
C GLU D 94 -25.24 -48.63 -16.29
N GLU D 95 -24.98 -49.02 -17.54
CA GLU D 95 -24.05 -48.26 -18.38
C GLU D 95 -24.59 -46.86 -18.66
N ARG D 96 -25.87 -46.76 -19.02
CA ARG D 96 -26.45 -45.44 -19.30
C ARG D 96 -26.57 -44.59 -18.05
N SER D 97 -26.73 -45.21 -16.87
CA SER D 97 -26.67 -44.46 -15.63
C SER D 97 -25.26 -43.94 -15.36
N TRP D 98 -24.24 -44.74 -15.69
CA TRP D 98 -22.87 -44.28 -15.45
C TRP D 98 -22.50 -43.14 -16.40
N GLU D 99 -23.00 -43.20 -17.64
CA GLU D 99 -22.84 -42.04 -18.52
C GLU D 99 -23.57 -40.82 -18.00
N GLN D 100 -24.71 -41.01 -17.35
CA GLN D 100 -25.39 -39.88 -16.72
C GLN D 100 -24.54 -39.29 -15.60
N LYS D 101 -23.93 -40.15 -14.79
CA LYS D 101 -22.99 -39.68 -13.78
C LYS D 101 -21.85 -38.90 -14.44
N LEU D 102 -21.38 -39.38 -15.59
CA LEU D 102 -20.31 -38.69 -16.31
C LEU D 102 -20.74 -37.29 -16.76
N GLU D 103 -21.93 -37.13 -17.32
CA GLU D 103 -22.26 -35.80 -17.80
C GLU D 103 -22.58 -34.88 -16.63
N GLU D 104 -23.12 -35.41 -15.53
CA GLU D 104 -23.29 -34.60 -14.33
C GLU D 104 -21.93 -34.14 -13.79
N MET D 105 -20.93 -35.02 -13.85
CA MET D 105 -19.57 -34.64 -13.47
C MET D 105 -19.04 -33.54 -14.38
N ARG D 106 -19.28 -33.65 -15.68
CA ARG D 106 -18.90 -32.58 -16.61
C ARG D 106 -19.57 -31.26 -16.26
N LYS D 107 -20.85 -31.29 -15.93
CA LYS D 107 -21.55 -30.08 -15.53
C LYS D 107 -20.96 -29.50 -14.25
N LYS D 108 -20.63 -30.37 -13.29
CA LYS D 108 -19.98 -29.92 -12.06
C LYS D 108 -18.65 -29.24 -12.36
N GLU D 109 -17.87 -29.81 -13.27
CA GLU D 109 -16.60 -29.20 -13.65
C GLU D 109 -16.83 -27.84 -14.31
N LYS D 110 -17.87 -27.73 -15.13
CA LYS D 110 -18.23 -26.43 -15.69
C LYS D 110 -18.57 -25.44 -14.59
N SER D 111 -19.29 -25.90 -13.56
CA SER D 111 -19.63 -25.04 -12.43
C SER D 111 -18.46 -24.86 -11.46
N MET D 112 -17.36 -25.57 -11.66
CA MET D 112 -16.23 -25.47 -10.73
C MET D 112 -15.53 -24.13 -10.92
N PRO D 113 -15.39 -23.31 -9.88
CA PRO D 113 -14.66 -22.06 -10.02
C PRO D 113 -13.19 -22.28 -10.29
N TRP D 114 -12.58 -21.31 -10.96
CA TRP D 114 -11.19 -21.41 -11.33
C TRP D 114 -10.28 -21.29 -10.11
N ASN D 115 -9.01 -21.59 -10.31
CA ASN D 115 -7.98 -21.41 -9.31
C ASN D 115 -6.65 -21.20 -10.03
N VAL D 116 -5.59 -20.97 -9.26
CA VAL D 116 -4.30 -20.74 -9.87
C VAL D 116 -3.78 -21.99 -10.58
N ASP D 117 -4.07 -23.16 -10.02
CA ASP D 117 -3.56 -24.40 -10.59
C ASP D 117 -4.28 -24.81 -11.86
N THR D 118 -5.55 -24.45 -12.01
CA THR D 118 -6.34 -24.85 -13.17
C THR D 118 -6.49 -23.78 -14.23
N LEU D 119 -6.30 -22.51 -13.88
CA LEU D 119 -6.38 -21.45 -14.88
C LEU D 119 -5.31 -21.62 -15.95
N SER D 120 -4.09 -21.94 -15.52
CA SER D 120 -2.98 -22.08 -16.45
C SER D 120 -2.04 -23.17 -15.95
N LYS D 121 -1.30 -23.74 -16.89
CA LYS D 121 -0.22 -24.67 -16.59
C LYS D 121 1.09 -24.07 -17.07
N ASP D 122 2.17 -24.40 -16.37
CA ASP D 122 3.46 -23.81 -16.70
C ASP D 122 3.84 -24.13 -18.13
N GLY D 123 4.43 -23.14 -18.79
CA GLY D 123 4.97 -23.34 -20.12
C GLY D 123 6.44 -23.65 -20.02
N PHE D 124 7.28 -22.66 -20.31
CA PHE D 124 8.73 -22.82 -20.19
C PHE D 124 9.32 -21.62 -19.48
N SER D 125 10.28 -21.88 -18.60
CA SER D 125 10.99 -20.84 -17.87
C SER D 125 12.49 -21.03 -18.05
N LYS D 126 13.19 -19.93 -18.27
CA LYS D 126 14.65 -19.97 -18.35
C LYS D 126 15.22 -18.76 -17.65
N SER D 127 16.07 -19.00 -16.66
CA SER D 127 16.65 -17.96 -15.84
C SER D 127 18.07 -17.66 -16.31
N MET D 128 18.32 -16.40 -16.65
CA MET D 128 19.62 -15.95 -17.11
C MET D 128 20.19 -14.95 -16.11
N VAL D 129 21.45 -15.15 -15.74
CA VAL D 129 22.15 -14.28 -14.79
C VAL D 129 23.18 -13.49 -15.58
N ASN D 130 23.06 -12.16 -15.55
CA ASN D 130 23.94 -11.31 -16.33
C ASN D 130 25.29 -11.20 -15.63
N THR D 131 26.30 -11.85 -16.20
CA THR D 131 27.68 -11.79 -15.71
C THR D 131 28.48 -10.98 -16.72
N LYS D 132 28.60 -9.69 -16.46
CA LYS D 132 29.26 -8.75 -17.36
C LYS D 132 30.24 -7.89 -16.58
N PRO D 133 31.37 -7.53 -17.18
CA PRO D 133 32.38 -6.75 -16.45
C PRO D 133 31.82 -5.42 -15.97
N GLU D 134 32.31 -4.98 -14.82
CA GLU D 134 31.82 -3.80 -14.12
C GLU D 134 32.92 -2.75 -14.02
N LYS D 135 32.65 -1.72 -13.20
CA LYS D 135 33.53 -0.61 -12.84
C LYS D 135 33.87 0.27 -14.03
N THR D 136 34.25 1.52 -13.75
CA THR D 136 34.58 2.50 -14.77
C THR D 136 35.97 3.07 -14.52
N GLU D 137 36.44 3.87 -15.47
CA GLU D 137 37.77 4.47 -15.40
C GLU D 137 37.68 5.97 -15.66
N GLU D 138 38.56 6.72 -15.02
CA GLU D 138 38.65 8.17 -15.20
C GLU D 138 40.06 8.52 -15.64
N ASP D 139 40.17 9.17 -16.81
CA ASP D 139 41.46 9.60 -17.32
C ASP D 139 41.22 10.70 -18.36
N SER D 140 42.28 11.43 -18.68
CA SER D 140 42.19 12.53 -19.63
C SER D 140 42.49 12.11 -21.07
N GLU D 141 42.68 10.81 -21.31
CA GLU D 141 43.03 10.32 -22.63
C GLU D 141 42.18 9.12 -23.02
N GLU D 142 42.58 8.42 -24.08
CA GLU D 142 41.91 7.20 -24.53
C GLU D 142 40.45 7.45 -24.89
N VAL D 143 39.56 6.59 -24.40
CA VAL D 143 38.15 6.70 -24.75
C VAL D 143 37.55 7.99 -24.20
N ARG D 144 38.00 8.43 -23.02
CA ARG D 144 37.40 9.58 -22.37
C ARG D 144 37.56 10.84 -23.21
N GLU D 145 38.78 11.11 -23.69
CA GLU D 145 39.01 12.28 -24.53
C GLU D 145 38.25 12.16 -25.84
N GLN D 146 38.26 10.97 -26.43
CA GLN D 146 37.48 10.73 -27.65
C GLN D 146 35.99 10.91 -27.38
N LYS D 147 35.53 10.45 -26.21
CA LYS D 147 34.14 10.69 -25.82
C LYS D 147 33.83 12.17 -25.72
N HIS D 148 34.74 12.95 -25.11
CA HIS D 148 34.57 14.40 -25.06
C HIS D 148 34.39 14.97 -26.46
N LYS D 149 35.30 14.63 -27.36
CA LYS D 149 35.26 15.19 -28.70
C LYS D 149 34.00 14.79 -29.44
N THR D 150 33.61 13.52 -29.36
CA THR D 150 32.43 13.05 -30.06
C THR D 150 31.17 13.71 -29.54
N PHE D 151 31.03 13.82 -28.21
CA PHE D 151 29.83 14.41 -27.66
C PHE D 151 29.77 15.90 -27.92
N VAL D 152 30.91 16.59 -27.87
CA VAL D 152 30.87 18.03 -28.15
C VAL D 152 30.57 18.28 -29.62
N GLU D 153 31.09 17.43 -30.51
CA GLU D 153 30.82 17.62 -31.93
C GLU D 153 29.37 17.31 -32.27
N LYS D 154 28.81 16.24 -31.69
CA LYS D 154 27.47 15.81 -32.07
C LYS D 154 26.37 16.66 -31.45
N TYR D 155 26.55 17.14 -30.23
CA TYR D 155 25.49 17.83 -29.49
C TYR D 155 25.95 19.20 -29.04
N GLU D 156 26.56 19.96 -29.95
CA GLU D 156 26.93 21.34 -29.63
C GLU D 156 25.70 22.19 -29.38
N LYS D 157 24.65 22.01 -30.18
CA LYS D 157 23.47 22.87 -30.07
C LYS D 157 22.80 22.74 -28.72
N GLN D 158 22.68 21.52 -28.21
CA GLN D 158 21.98 21.31 -26.94
C GLN D 158 22.74 21.94 -25.77
N ILE D 159 24.05 21.71 -25.71
CA ILE D 159 24.84 22.29 -24.63
C ILE D 159 24.87 23.81 -24.74
N LYS D 160 24.91 24.35 -25.97
CA LYS D 160 24.87 25.79 -26.13
C LYS D 160 23.54 26.36 -25.65
N HIS D 161 22.43 25.69 -25.98
CA HIS D 161 21.13 26.18 -25.56
C HIS D 161 20.98 26.12 -24.05
N PHE D 162 21.55 25.10 -23.41
CA PHE D 162 21.65 25.12 -21.95
C PHE D 162 22.52 26.27 -21.46
N GLY D 163 23.59 26.59 -22.18
CA GLY D 163 24.41 27.73 -21.81
C GLY D 163 23.62 29.02 -21.83
N MET D 164 22.66 29.13 -22.75
CA MET D 164 21.82 30.31 -22.86
C MET D 164 20.52 30.20 -22.07
N LEU D 165 20.45 29.31 -21.09
CA LEU D 165 19.24 29.13 -20.30
C LEU D 165 19.35 29.91 -18.98
N ARG D 166 18.20 30.19 -18.37
CA ARG D 166 18.17 30.86 -17.08
C ARG D 166 17.20 30.20 -16.11
N ARG D 167 16.16 29.56 -16.64
CA ARG D 167 15.08 29.04 -15.80
C ARG D 167 15.39 27.63 -15.31
N TRP D 168 15.05 27.38 -14.04
CA TRP D 168 15.33 26.08 -13.44
C TRP D 168 14.37 25.02 -13.95
N ASP D 169 13.06 25.28 -13.86
CA ASP D 169 12.07 24.26 -14.23
C ASP D 169 12.17 23.90 -15.70
N ASP D 170 12.37 24.90 -16.57
CA ASP D 170 12.55 24.63 -17.99
C ASP D 170 13.80 23.80 -18.23
N SER D 171 14.88 24.10 -17.50
CA SER D 171 16.09 23.30 -17.60
C SER D 171 15.83 21.85 -17.21
N GLN D 172 15.11 21.65 -16.10
CA GLN D 172 14.79 20.30 -15.66
C GLN D 172 14.02 19.54 -16.72
N LYS D 173 12.96 20.16 -17.25
CA LYS D 173 12.13 19.48 -18.25
C LYS D 173 12.94 19.18 -19.50
N TYR D 174 13.69 20.18 -19.99
CA TYR D 174 14.38 20.03 -21.26
C TYR D 174 15.47 18.96 -21.16
N LEU D 175 16.21 18.94 -20.05
CA LEU D 175 17.15 17.83 -19.84
C LEU D 175 16.43 16.50 -19.66
N SER D 176 15.27 16.50 -19.02
CA SER D 176 14.53 15.25 -18.86
C SER D 176 14.16 14.66 -20.21
N ASP D 177 13.94 15.52 -21.20
CA ASP D 177 13.73 15.03 -22.56
C ASP D 177 15.00 14.42 -23.15
N ASN D 178 16.17 14.94 -22.78
CA ASN D 178 17.45 14.55 -23.40
C ASN D 178 18.50 14.31 -22.31
N VAL D 179 18.16 13.44 -21.36
CA VAL D 179 19.02 13.14 -20.22
C VAL D 179 20.41 12.68 -20.62
N HIS D 180 20.64 12.39 -21.90
CA HIS D 180 21.97 11.98 -22.35
C HIS D 180 23.02 13.06 -22.12
N LEU D 181 22.60 14.32 -21.96
CA LEU D 181 23.55 15.40 -21.74
C LEU D 181 24.19 15.36 -20.35
N VAL D 182 23.64 14.56 -19.44
CA VAL D 182 24.12 14.54 -18.06
C VAL D 182 25.34 13.64 -17.97
N CYS D 183 26.52 14.24 -17.84
CA CYS D 183 27.77 13.50 -17.74
C CYS D 183 28.87 14.46 -17.31
N GLU D 184 29.97 13.88 -16.83
CA GLU D 184 31.12 14.68 -16.40
C GLU D 184 31.75 15.43 -17.56
N GLU D 185 31.78 14.82 -18.74
CA GLU D 185 32.36 15.47 -19.91
C GLU D 185 31.60 16.75 -20.25
N THR D 186 30.29 16.73 -20.10
CA THR D 186 29.49 17.93 -20.34
C THR D 186 29.90 19.05 -19.39
N ALA D 187 30.06 18.74 -18.11
CA ALA D 187 30.46 19.77 -17.15
C ALA D 187 31.86 20.31 -17.49
N ASN D 188 32.78 19.41 -17.86
CA ASN D 188 34.12 19.84 -18.22
C ASN D 188 34.10 20.80 -19.41
N TYR D 189 33.34 20.45 -20.46
CA TYR D 189 33.30 21.33 -21.62
C TYR D 189 32.56 22.63 -21.32
N LEU D 190 31.53 22.59 -20.48
CA LEU D 190 30.88 23.82 -20.06
C LEU D 190 31.86 24.75 -19.37
N VAL D 191 32.67 24.21 -18.45
CA VAL D 191 33.66 25.04 -17.76
C VAL D 191 34.68 25.61 -18.75
N ILE D 192 35.19 24.75 -19.64
CA ILE D 192 36.23 25.19 -20.56
C ILE D 192 35.70 26.26 -21.51
N TRP D 193 34.50 26.07 -22.03
CA TRP D 193 33.98 27.04 -22.99
C TRP D 193 33.46 28.30 -22.32
N CYS D 194 33.08 28.25 -21.04
CA CYS D 194 32.86 29.48 -20.30
C CYS D 194 34.17 30.25 -20.11
N ILE D 195 35.26 29.52 -19.85
CA ILE D 195 36.59 30.13 -19.81
C ILE D 195 36.86 30.83 -21.14
N ASP D 196 36.57 30.14 -22.24
CA ASP D 196 36.78 30.72 -23.57
C ASP D 196 35.91 31.95 -23.79
N LEU D 197 34.66 31.92 -23.31
CA LEU D 197 33.76 33.06 -23.47
C LEU D 197 34.29 34.28 -22.73
N GLU D 198 34.75 34.11 -21.49
CA GLU D 198 35.35 35.25 -20.80
C GLU D 198 36.67 35.66 -21.42
N VAL D 199 37.38 34.74 -22.08
CA VAL D 199 38.52 35.15 -22.89
C VAL D 199 38.07 36.10 -23.99
N GLU D 200 36.89 35.84 -24.56
CA GLU D 200 36.28 36.75 -25.51
C GLU D 200 35.70 38.01 -24.86
N GLU D 201 35.67 38.05 -23.51
CA GLU D 201 35.26 39.23 -22.75
C GLU D 201 33.79 39.59 -22.99
N LYS D 202 32.91 38.61 -22.76
CA LYS D 202 31.47 38.81 -22.81
C LYS D 202 30.93 38.58 -21.40
N CYS D 203 30.92 39.66 -20.60
CA CYS D 203 30.65 39.51 -19.18
C CYS D 203 29.23 39.02 -18.91
N ALA D 204 28.23 39.65 -19.54
CA ALA D 204 26.86 39.22 -19.33
C ALA D 204 26.63 37.81 -19.86
N LEU D 205 27.15 37.52 -21.06
CA LEU D 205 27.08 36.17 -21.58
C LEU D 205 27.84 35.19 -20.70
N MET D 206 28.98 35.63 -20.16
CA MET D 206 29.74 34.76 -19.25
C MET D 206 28.91 34.42 -18.03
N GLU D 207 28.21 35.38 -17.45
CA GLU D 207 27.42 35.12 -16.25
C GLU D 207 26.23 34.23 -16.56
N GLN D 208 25.56 34.47 -17.70
CA GLN D 208 24.44 33.62 -18.10
C GLN D 208 24.90 32.18 -18.28
N VAL D 209 26.06 31.98 -18.91
CA VAL D 209 26.61 30.64 -19.07
C VAL D 209 27.08 30.08 -17.73
N ALA D 210 27.57 30.97 -16.85
CA ALA D 210 28.21 30.52 -15.62
C ALA D 210 27.19 29.98 -14.63
N HIS D 211 26.03 30.62 -14.53
CA HIS D 211 24.98 30.07 -13.66
C HIS D 211 24.61 28.66 -14.10
N GLN D 212 24.40 28.48 -15.40
CA GLN D 212 24.04 27.17 -15.93
C GLN D 212 25.14 26.15 -15.68
N THR D 213 26.40 26.56 -15.91
CA THR D 213 27.54 25.65 -15.68
C THR D 213 27.65 25.28 -14.21
N ILE D 214 27.42 26.23 -13.31
CA ILE D 214 27.43 25.97 -11.88
C ILE D 214 26.31 25.00 -11.51
N VAL D 215 25.23 24.98 -12.29
CA VAL D 215 24.08 24.15 -11.95
C VAL D 215 24.48 22.68 -11.80
N MET D 216 25.19 22.11 -12.78
CA MET D 216 25.46 20.68 -12.70
C MET D 216 26.63 20.33 -11.79
N GLN D 217 27.41 21.31 -11.33
CA GLN D 217 28.52 20.98 -10.44
C GLN D 217 28.02 20.37 -9.13
N PHE D 218 27.02 21.01 -8.51
CA PHE D 218 26.42 20.42 -7.31
C PHE D 218 25.67 19.13 -7.64
N ILE D 219 25.10 19.02 -8.85
CA ILE D 219 24.44 17.77 -9.23
C ILE D 219 25.45 16.63 -9.24
N LEU D 220 26.62 16.87 -9.82
CA LEU D 220 27.68 15.86 -9.84
C LEU D 220 28.18 15.56 -8.43
N GLU D 221 28.34 16.60 -7.60
CA GLU D 221 28.77 16.38 -6.23
C GLU D 221 27.78 15.51 -5.46
N LEU D 222 26.50 15.80 -5.61
CA LEU D 222 25.48 15.03 -4.89
C LEU D 222 25.35 13.62 -5.46
N ALA D 223 25.57 13.45 -6.76
CA ALA D 223 25.59 12.11 -7.34
C ALA D 223 26.74 11.29 -6.78
N LYS D 224 27.92 11.92 -6.64
CA LYS D 224 29.02 11.24 -5.99
C LYS D 224 28.69 10.90 -4.54
N SER D 225 27.99 11.81 -3.85
CA SER D 225 27.60 11.57 -2.47
C SER D 225 26.67 10.36 -2.36
N LEU D 226 25.70 10.26 -3.27
CA LEU D 226 24.71 9.18 -3.25
C LEU D 226 25.21 7.91 -3.92
N LYS D 227 26.35 7.97 -4.62
CA LYS D 227 26.92 6.84 -5.36
C LYS D 227 25.97 6.35 -6.46
N VAL D 228 25.24 7.28 -7.07
CA VAL D 228 24.35 6.99 -8.18
C VAL D 228 24.67 7.96 -9.30
N ASP D 229 24.63 7.48 -10.54
CA ASP D 229 25.03 8.30 -11.68
C ASP D 229 24.18 9.57 -11.73
N PRO D 230 24.76 10.70 -12.14
CA PRO D 230 24.00 11.97 -12.12
C PRO D 230 22.78 11.95 -13.02
N ARG D 231 22.75 11.08 -14.03
CA ARG D 231 21.59 10.94 -14.90
C ARG D 231 20.35 10.44 -14.17
N ALA D 232 20.50 9.89 -12.97
CA ALA D 232 19.38 9.35 -12.22
C ALA D 232 18.99 10.19 -11.01
N CYS D 233 19.71 11.28 -10.72
CA CYS D 233 19.43 12.08 -9.54
C CYS D 233 19.37 13.57 -9.87
N PHE D 234 19.52 13.94 -11.14
CA PHE D 234 19.53 15.36 -11.50
C PHE D 234 18.13 15.97 -11.43
N ARG D 235 17.08 15.19 -11.68
CA ARG D 235 15.74 15.76 -11.75
C ARG D 235 15.33 16.39 -10.43
N GLN D 236 15.66 15.75 -9.32
CA GLN D 236 15.24 16.22 -8.01
C GLN D 236 16.00 17.45 -7.56
N PHE D 237 17.14 17.75 -8.20
CA PHE D 237 17.99 18.84 -7.74
C PHE D 237 17.26 20.17 -7.79
N PHE D 238 16.46 20.40 -8.83
CA PHE D 238 15.74 21.67 -8.93
C PHE D 238 14.57 21.70 -7.96
N THR D 239 14.01 20.54 -7.61
CA THR D 239 13.07 20.50 -6.49
C THR D 239 13.74 20.92 -5.19
N LYS D 240 14.98 20.47 -4.95
CA LYS D 240 15.69 20.91 -3.77
C LYS D 240 16.01 22.40 -3.81
N ILE D 241 16.42 22.92 -4.96
CA ILE D 241 16.74 24.35 -5.04
C ILE D 241 15.49 25.22 -4.91
N LYS D 242 14.32 24.71 -5.34
CA LYS D 242 13.08 25.42 -5.07
C LYS D 242 12.78 25.46 -3.58
N THR D 243 12.98 24.33 -2.87
CA THR D 243 12.79 24.25 -1.44
C THR D 243 14.10 24.45 -0.68
N ALA D 244 15.04 25.18 -1.27
CA ALA D 244 16.34 25.38 -0.66
C ALA D 244 16.25 26.35 0.51
N ASP D 245 16.98 26.05 1.56
CA ASP D 245 17.08 26.95 2.70
C ASP D 245 17.86 28.20 2.32
N ARG D 246 17.88 29.17 3.23
CA ARG D 246 18.63 30.40 2.99
C ARG D 246 20.12 30.10 2.81
N GLN D 247 20.66 29.22 3.66
CA GLN D 247 22.08 28.93 3.59
C GLN D 247 22.46 28.26 2.27
N TYR D 248 21.58 27.41 1.74
CA TYR D 248 21.83 26.81 0.43
C TYR D 248 21.82 27.88 -0.66
N MET D 249 20.91 28.85 -0.56
CA MET D 249 20.90 29.96 -1.50
C MET D 249 22.22 30.72 -1.47
N GLU D 250 22.69 31.07 -0.27
CA GLU D 250 23.95 31.80 -0.17
C GLU D 250 25.13 30.95 -0.63
N GLY D 251 25.09 29.64 -0.39
CA GLY D 251 26.17 28.78 -0.88
C GLY D 251 26.21 28.70 -2.38
N PHE D 252 25.04 28.57 -3.02
CA PHE D 252 24.98 28.60 -4.48
C PHE D 252 25.51 29.93 -5.00
N ASN D 253 25.09 31.03 -4.38
CA ASN D 253 25.54 32.35 -4.83
C ASN D 253 27.05 32.51 -4.66
N ASP D 254 27.60 32.06 -3.54
CA ASP D 254 29.03 32.23 -3.30
C ASP D 254 29.88 31.32 -4.18
N GLU D 255 29.42 30.09 -4.45
CA GLU D 255 30.13 29.26 -5.41
C GLU D 255 30.06 29.87 -6.80
N LEU D 256 28.91 30.43 -7.17
CA LEU D 256 28.80 31.10 -8.46
C LEU D 256 29.78 32.27 -8.55
N GLU D 257 29.87 33.08 -7.50
CA GLU D 257 30.79 34.21 -7.50
C GLU D 257 32.24 33.75 -7.54
N ALA D 258 32.59 32.71 -6.77
CA ALA D 258 33.95 32.21 -6.76
C ALA D 258 34.34 31.66 -8.12
N PHE D 259 33.43 30.93 -8.77
CA PHE D 259 33.72 30.41 -10.11
C PHE D 259 33.81 31.54 -11.11
N LYS D 260 32.99 32.58 -10.95
CA LYS D 260 33.08 33.74 -11.83
C LYS D 260 34.45 34.42 -11.71
N GLU D 261 34.91 34.59 -10.47
CA GLU D 261 36.21 35.22 -10.25
C GLU D 261 37.34 34.34 -10.80
N ARG D 262 37.25 33.03 -10.58
CA ARG D 262 38.27 32.13 -11.13
C ARG D 262 38.29 32.17 -12.65
N VAL D 263 37.10 32.20 -13.27
CA VAL D 263 37.01 32.27 -14.73
C VAL D 263 37.61 33.56 -15.24
N ARG D 264 37.29 34.68 -14.57
CA ARG D 264 37.85 35.96 -14.97
C ARG D 264 39.36 35.97 -14.84
N GLY D 265 39.89 35.43 -13.74
CA GLY D 265 41.34 35.38 -13.57
C GLY D 265 42.02 34.53 -14.61
N ARG D 266 41.46 33.35 -14.88
CA ARG D 266 42.05 32.46 -15.88
C ARG D 266 42.01 33.08 -17.27
N ALA D 267 40.91 33.76 -17.60
CA ALA D 267 40.83 34.45 -18.89
C ALA D 267 41.83 35.59 -18.97
N LYS D 268 42.05 36.31 -17.88
CA LYS D 268 43.05 37.37 -17.87
C LYS D 268 44.45 36.79 -18.07
N LEU D 269 44.76 35.67 -17.42
CA LEU D 269 46.05 35.03 -17.65
C LEU D 269 46.20 34.56 -19.08
N ARG D 270 45.14 34.00 -19.66
CA ARG D 270 45.20 33.56 -21.05
C ARG D 270 45.42 34.74 -21.99
N ILE D 271 44.74 35.87 -21.74
CA ILE D 271 44.89 37.04 -22.58
C ILE D 271 46.31 37.59 -22.46
N GLU D 272 46.84 37.66 -21.24
CA GLU D 272 48.20 38.15 -21.03
C GLU D 272 49.22 37.25 -21.71
N LYS D 273 49.03 35.93 -21.62
CA LYS D 273 49.94 35.00 -22.28
C LYS D 273 49.92 35.18 -23.79
N ALA D 274 48.74 35.35 -24.37
CA ALA D 274 48.62 35.54 -25.81
C ALA D 274 49.09 36.92 -26.23
PG ATP E . -12.05 -1.41 -30.34
O1G ATP E . -13.42 -0.83 -30.30
O2G ATP E . -11.02 -0.59 -29.56
O3G ATP E . -12.00 -2.86 -29.87
PB ATP E . -11.87 -2.04 -33.26
O1B ATP E . -12.38 -3.42 -33.18
O2B ATP E . -10.67 -1.83 -34.16
O3B ATP E . -11.49 -1.45 -31.82
PA ATP E . -13.05 0.49 -34.20
O1A ATP E . -14.05 1.25 -33.43
O2A ATP E . -11.63 1.03 -34.13
O3A ATP E . -12.99 -1.02 -33.74
O5' ATP E . -13.47 0.37 -35.72
C5' ATP E . -14.31 -0.71 -36.18
C4' ATP E . -13.74 -1.27 -37.45
O4' ATP E . -13.27 -0.20 -38.29
C3' ATP E . -12.52 -2.16 -37.27
O3' ATP E . -12.90 -3.49 -36.97
C2' ATP E . -11.83 -2.07 -38.64
O2' ATP E . -12.30 -3.09 -39.53
C1' ATP E . -12.26 -0.69 -39.16
N9 ATP E . -11.18 0.28 -39.22
C8 ATP E . -11.05 1.43 -38.48
N7 ATP E . -9.98 2.12 -38.74
C5 ATP E . -9.35 1.38 -39.73
C6 ATP E . -8.15 1.57 -40.45
N6 ATP E . -7.33 2.61 -40.26
N1 ATP E . -7.80 0.64 -41.36
C2 ATP E . -8.61 -0.41 -41.54
N3 ATP E . -9.76 -0.69 -40.93
C4 ATP E . -10.07 0.24 -40.03
PG ATP F . -27.97 5.41 -16.09
O1G ATP F . -27.03 4.48 -16.79
O2G ATP F . -28.46 4.87 -14.76
O3G ATP F . -27.42 6.81 -15.91
PB ATP F . -30.85 5.80 -16.76
O1B ATP F . -31.30 7.14 -17.20
O2B ATP F . -31.17 5.44 -15.30
O3B ATP F . -29.29 5.60 -16.96
PA ATP F . -32.11 3.24 -17.43
O1A ATP F . -32.08 2.85 -16.01
O2A ATP F . -31.45 2.25 -18.39
O3A ATP F . -31.44 4.63 -17.66
O5' ATP F . -33.59 3.51 -17.92
C5' ATP F . -34.04 4.85 -18.17
C4' ATP F . -35.52 4.81 -18.49
O4' ATP F . -36.10 3.60 -17.96
C3' ATP F . -36.34 5.96 -17.91
O3' ATP F . -37.42 6.28 -18.77
C2' ATP F . -36.84 5.36 -16.59
O2' ATP F . -38.04 5.99 -16.15
C1' ATP F . -37.12 3.93 -17.03
N9 ATP F . -37.09 2.96 -15.95
C8 ATP F . -36.22 1.92 -15.80
N7 ATP F . -36.43 1.20 -14.71
C5 ATP F . -37.51 1.82 -14.11
C6 ATP F . -38.23 1.55 -12.94
N6 ATP F . -37.95 0.54 -12.11
N1 ATP F . -39.26 2.36 -12.63
C2 ATP F . -39.55 3.37 -13.45
N3 ATP F . -38.95 3.73 -14.59
C4 ATP F . -37.93 2.91 -14.86
#